data_3DL8
#
_entry.id   3DL8
#
_cell.length_a   146.359
_cell.length_b   167.974
_cell.length_c   187.722
_cell.angle_alpha   90.00
_cell.angle_beta   90.00
_cell.angle_gamma   90.00
#
_symmetry.space_group_name_H-M   'P 21 21 21'
#
loop_
_entity.id
_entity.type
_entity.pdbx_description
1 polymer 'Protein translocase subunit secA'
2 polymer 'Preprotein translocase subunit secY'
3 polymer SecE
4 polymer 'Protein-export membrane protein secG'
#
loop_
_entity_poly.entity_id
_entity_poly.type
_entity_poly.pdbx_seq_one_letter_code
_entity_poly.pdbx_strand_id
1 'polypeptide(L)'
;MLGILNKMFDPTKRTLNRYEKIANDIDAIRGDYENLSDDALKHKTIEFKERLEKGATTDDLLVEAFAVVREASRRVTGMF
PFKVQLMGGVALHDGNIAEMKTGEGKTLTSTLPVYLNALTGKGVHVVTVNEYLASRDAEQMGKIFEFLGLTVGLNLNSMS
KDEKREAYAADITYSTNNELGFDYLRDNMVLYKEQMVQRPLHFAVIDEVDSILIDEARTPLIISGQAAKSTKLYVQANAF
VRTLKAEKDYTYDIKTKAVQLTEEGMTKAEKAFGIDNLFDVKHVALNHHINQALKAHVAMQKDVDYVVEDGQVVIVDSFT
GRLMKGRRYSEGLHQAIEAKEGLEIQNESMTLATITFQNYFRMYEKLAGMTGTAKTEEEEFRNIYNMQVVTIPTNRPVVR
DDRPDLIYRTMEGKFKAVAEDVAQRYMTGQPVLVGTVAVETSELISKLLKNKGIPHQVLNAKNHEREAQIIEEAGQKGAV
TIATNMAGRGTDIKLGEGVKELGGLAVVGTERHESRRIDNQLRGRSGRQGDPGITQFYLSMEDELMRRFGAERTMAMLDR
FGMDDSTPIQSKMVSRAVESSQKRVEGNNFDSRKQLLQYDDVLRQQREVIYKQRFEVIDSENLREIVENMIKSSLERAIA
AYTPREELPEEWKLDGLVDLINTTYLDEGALEKSDIFGKEPDEMLELIMDRIITKYNEKEEQFGKEQMREFEKVIVLRAV
DSKWMDHIDAMDQLRQGIHLRAYAQTNPLREYQMEGFAMFEHMIESIEDEVAKFVMKAE
;
A,B
2 'polypeptide(L)'
;MSEYLKALFELKELRQKFIFTLLMFVIYRLGSHIPIPGINPEALRDFLKAFEGSVFALYDIFSGGNLGRLTVFALGVMPY
ISASIMMQLLTVAIPSLQRLAKEEGDYGRYKINEYTKYLTLFVATVQSLGIAFWIRGQVSPKGIPVVENPGISFILITVL
TLVAGTMFLVWIADRITEKGIGNGASLIIFAGIVANFPNAVIQFYEKVKTGDIGPLTLLLIIALIIAIIVGIVYVQEAER
RIPIQYPGRQVGRQLYAGRKTYLPIKINPAGVIPIIFAQALLLIPSTLLNFVQNPFIKVIADMFQPGAIFYNFLYVTFIV
FFTYFYTAVLINPVELAENLHKAGAFIPGVRPGQDTVKYLERIINRLIFFGALFLSVIALIPILISVWFNIPFYFGGTTA
LIVVGVALDTFRQIETYLIQKKYKSYVRR
;
G,H
3 'polypeptide(L)' MEKLKEFLKGVRDELKRVVWPSRELVVKATISVIIFSLAIGVYLWILDLTFTKIISFILSLRGSL C,D
4 'polypeptide(L)'
;MYYALLTLFVIIAVVLIISTLLQKGRGDVGAAFGGGMGQSIFGVGGVETILTKATYWLGALFLVLALLLSVIPKEKGSVV
EKSVQTEQSEGKGTTQESGKGHHHHHH
;
E,F
#
# COMPACT_ATOMS: atom_id res chain seq x y z
N ASN A 6 6.96 53.13 -8.25
CA ASN A 6 8.34 52.93 -8.74
C ASN A 6 8.43 51.65 -9.49
N LYS A 7 7.78 51.59 -10.66
CA LYS A 7 7.84 50.41 -11.47
C LYS A 7 8.56 50.77 -12.72
N MET A 8 9.72 50.14 -12.97
CA MET A 8 10.44 50.50 -14.15
C MET A 8 11.72 49.72 -14.14
N PHE A 9 12.73 50.28 -14.81
CA PHE A 9 14.05 49.75 -14.87
C PHE A 9 14.52 49.84 -13.45
N ASP A 10 13.98 50.84 -12.74
CA ASP A 10 14.37 51.08 -11.38
C ASP A 10 14.18 49.80 -10.62
N PRO A 11 13.12 49.06 -10.83
CA PRO A 11 13.01 47.80 -10.15
C PRO A 11 13.97 46.74 -10.63
N THR A 12 14.22 46.63 -11.95
CA THR A 12 15.11 45.60 -12.41
C THR A 12 16.49 45.89 -11.93
N LYS A 13 16.91 47.17 -12.05
CA LYS A 13 18.23 47.62 -11.68
C LYS A 13 18.39 47.50 -10.21
N ARG A 14 17.31 47.79 -9.46
CA ARG A 14 17.35 47.78 -8.03
C ARG A 14 17.75 46.42 -7.65
N THR A 15 17.25 45.45 -8.44
CA THR A 15 17.50 44.06 -8.29
C THR A 15 18.98 43.82 -8.43
N LEU A 16 19.63 44.51 -9.38
CA LEU A 16 21.01 44.26 -9.69
C LEU A 16 21.86 44.40 -8.47
N ASN A 17 21.76 45.55 -7.77
CA ASN A 17 22.60 45.77 -6.63
C ASN A 17 22.24 44.80 -5.56
N ARG A 18 20.95 44.45 -5.46
CA ARG A 18 20.50 43.57 -4.40
C ARG A 18 21.30 42.31 -4.48
N TYR A 19 21.42 41.75 -5.70
CA TYR A 19 22.20 40.55 -5.89
C TYR A 19 23.66 40.84 -5.84
N GLU A 20 24.08 41.99 -6.39
CA GLU A 20 25.49 42.29 -6.46
C GLU A 20 25.99 42.27 -5.05
N LYS A 21 25.17 42.75 -4.11
CA LYS A 21 25.52 42.74 -2.72
C LYS A 21 25.58 41.32 -2.22
N ILE A 22 24.51 40.54 -2.47
CA ILE A 22 24.43 39.21 -1.92
C ILE A 22 25.56 38.38 -2.43
N ALA A 23 25.89 38.56 -3.73
CA ALA A 23 26.93 37.83 -4.38
C ALA A 23 28.26 38.12 -3.75
N ASN A 24 28.55 39.40 -3.43
CA ASN A 24 29.85 39.69 -2.90
C ASN A 24 30.05 38.92 -1.64
N ASP A 25 29.01 38.88 -0.78
CA ASP A 25 29.11 38.23 0.50
C ASP A 25 29.42 36.79 0.28
N ILE A 26 28.61 36.12 -0.56
CA ILE A 26 28.75 34.72 -0.82
C ILE A 26 30.08 34.48 -1.46
N ASP A 27 30.51 35.40 -2.33
CA ASP A 27 31.72 35.18 -3.05
C ASP A 27 32.85 35.01 -2.08
N ALA A 28 32.83 35.77 -0.96
CA ALA A 28 33.87 35.67 0.01
C ALA A 28 33.88 34.28 0.56
N ILE A 29 32.68 33.68 0.74
CA ILE A 29 32.55 32.38 1.33
C ILE A 29 33.30 31.37 0.52
N ARG A 30 33.15 31.45 -0.81
CA ARG A 30 33.76 30.55 -1.76
C ARG A 30 35.25 30.64 -1.62
N GLY A 31 35.78 31.87 -1.37
CA GLY A 31 37.20 32.08 -1.35
C GLY A 31 37.91 31.33 -0.26
N ASP A 32 37.43 31.40 1.00
CA ASP A 32 38.12 30.79 2.12
C ASP A 32 38.06 29.30 2.03
N TYR A 33 36.95 28.80 1.47
CA TYR A 33 36.53 27.43 1.38
C TYR A 33 37.45 26.57 0.54
N GLU A 34 38.20 27.19 -0.39
CA GLU A 34 38.97 26.42 -1.34
C GLU A 34 39.90 25.47 -0.67
N ASN A 35 40.20 25.65 0.63
CA ASN A 35 41.06 24.65 1.19
C ASN A 35 40.30 23.37 1.17
N LEU A 36 40.69 22.51 0.21
CA LEU A 36 40.05 21.29 -0.21
C LEU A 36 39.31 20.67 0.92
N SER A 37 38.07 21.14 1.10
CA SER A 37 37.26 20.63 2.17
C SER A 37 36.59 19.42 1.61
N ASP A 38 37.17 18.27 1.95
CA ASP A 38 36.67 17.01 1.49
C ASP A 38 35.67 16.55 2.49
N ASP A 39 36.14 15.72 3.44
CA ASP A 39 35.29 15.15 4.44
C ASP A 39 34.68 16.28 5.20
N ALA A 40 35.41 17.40 5.37
CA ALA A 40 34.86 18.50 6.11
C ALA A 40 33.61 18.92 5.41
N LEU A 41 33.62 18.88 4.06
CA LEU A 41 32.48 19.27 3.30
C LEU A 41 31.38 18.29 3.58
N LYS A 42 31.73 16.99 3.68
CA LYS A 42 30.72 16.01 3.93
C LYS A 42 30.05 16.35 5.23
N HIS A 43 30.84 16.78 6.24
CA HIS A 43 30.25 17.15 7.49
C HIS A 43 29.33 18.29 7.21
N LYS A 44 29.70 19.16 6.27
CA LYS A 44 28.86 20.28 5.96
C LYS A 44 27.55 19.78 5.46
N THR A 45 27.53 18.67 4.70
CA THR A 45 26.28 18.21 4.18
C THR A 45 25.41 17.78 5.32
N ILE A 46 26.01 17.10 6.33
CA ILE A 46 25.27 16.68 7.48
C ILE A 46 24.89 17.86 8.31
N GLU A 47 25.78 18.87 8.42
CA GLU A 47 25.47 19.99 9.27
C GLU A 47 24.30 20.76 8.73
N PHE A 48 24.32 21.09 7.42
CA PHE A 48 23.27 21.85 6.83
C PHE A 48 22.01 21.05 6.84
N LYS A 49 22.10 19.74 6.57
CA LYS A 49 20.92 18.94 6.47
C LYS A 49 20.16 19.05 7.75
N GLU A 50 20.88 19.03 8.88
CA GLU A 50 20.32 19.15 10.19
C GLU A 50 19.86 20.57 10.40
N ARG A 51 20.49 21.53 9.70
CA ARG A 51 20.24 22.93 9.95
C ARG A 51 18.82 23.36 9.70
N LEU A 52 18.31 23.27 8.46
CA LEU A 52 16.97 23.75 8.19
C LEU A 52 15.89 22.86 8.74
N GLU A 53 15.73 21.69 8.10
CA GLU A 53 14.72 20.74 8.46
C GLU A 53 13.37 21.40 8.36
N LYS A 54 13.27 22.57 7.68
CA LYS A 54 11.98 23.21 7.60
C LYS A 54 12.03 24.42 6.71
N GLY A 55 10.82 24.82 6.27
CA GLY A 55 10.41 25.86 5.37
C GLY A 55 10.79 27.22 5.86
N ALA A 56 11.44 27.29 7.02
CA ALA A 56 11.78 28.50 7.72
C ALA A 56 12.44 29.48 6.79
N THR A 57 12.98 29.00 5.65
CA THR A 57 13.65 29.79 4.66
C THR A 57 14.88 30.39 5.25
N THR A 58 15.71 29.51 5.86
CA THR A 58 16.94 29.98 6.42
C THR A 58 17.76 30.58 5.34
N ASP A 59 17.78 31.92 5.33
CA ASP A 59 18.48 32.69 4.35
C ASP A 59 19.96 32.55 4.50
N ASP A 60 20.47 32.62 5.76
CA ASP A 60 21.89 32.66 6.02
C ASP A 60 22.50 31.46 5.40
N LEU A 61 21.80 30.32 5.48
CA LEU A 61 22.34 29.10 4.97
C LEU A 61 22.55 29.23 3.51
N LEU A 62 21.64 29.91 2.79
CA LEU A 62 21.72 30.00 1.36
C LEU A 62 23.07 30.52 0.99
N VAL A 63 23.63 31.46 1.76
CA VAL A 63 24.92 31.98 1.39
C VAL A 63 26.01 30.93 1.53
N GLU A 64 26.09 30.24 2.69
CA GLU A 64 27.13 29.26 2.91
C GLU A 64 26.90 28.02 2.10
N ALA A 65 25.63 27.61 2.00
CA ALA A 65 25.19 26.44 1.30
C ALA A 65 25.40 26.57 -0.17
N PHE A 66 25.00 27.71 -0.78
CA PHE A 66 25.18 27.82 -2.19
C PHE A 66 26.65 27.74 -2.48
N ALA A 67 27.47 28.37 -1.62
CA ALA A 67 28.88 28.37 -1.87
C ALA A 67 29.32 26.94 -1.92
N VAL A 68 28.84 26.10 -0.99
CA VAL A 68 29.23 24.72 -0.99
C VAL A 68 28.77 24.11 -2.27
N VAL A 69 27.59 24.53 -2.78
CA VAL A 69 27.08 23.93 -3.97
C VAL A 69 28.05 24.12 -5.10
N ARG A 70 28.36 25.39 -5.43
CA ARG A 70 29.16 25.67 -6.60
C ARG A 70 30.47 24.94 -6.48
N GLU A 71 31.10 24.98 -5.30
CA GLU A 71 32.35 24.28 -5.10
C GLU A 71 32.12 22.81 -5.23
N ALA A 72 30.97 22.31 -4.73
CA ALA A 72 30.71 20.90 -4.75
C ALA A 72 30.78 20.47 -6.18
N SER A 73 30.31 21.35 -7.08
CA SER A 73 30.33 21.04 -8.47
C SER A 73 31.76 20.96 -8.93
N ARG A 74 32.61 21.89 -8.46
CA ARG A 74 33.98 21.96 -8.91
C ARG A 74 34.61 20.62 -8.63
N ARG A 75 34.29 20.02 -7.47
CA ARG A 75 34.80 18.72 -7.12
C ARG A 75 34.17 17.64 -7.95
N VAL A 76 32.85 17.75 -8.14
CA VAL A 76 32.06 16.79 -8.86
C VAL A 76 32.57 16.61 -10.25
N THR A 77 32.61 17.71 -11.02
CA THR A 77 33.05 17.70 -12.39
C THR A 77 33.47 19.09 -12.74
N GLY A 78 32.52 19.93 -13.21
CA GLY A 78 32.85 21.27 -13.59
C GLY A 78 31.60 22.10 -13.57
N MET A 79 31.46 23.02 -14.55
CA MET A 79 30.29 23.84 -14.68
C MET A 79 29.91 24.45 -13.37
N PHE A 80 30.71 25.42 -12.89
CA PHE A 80 30.43 26.14 -11.67
C PHE A 80 30.98 27.57 -11.66
N PRO A 81 31.74 28.08 -12.63
CA PRO A 81 32.18 29.47 -12.58
C PRO A 81 31.31 30.64 -13.06
N PHE A 82 29.97 30.57 -13.22
CA PHE A 82 29.27 31.75 -13.72
C PHE A 82 28.34 32.37 -12.69
N LYS A 83 27.89 33.63 -12.95
CA LYS A 83 27.02 34.45 -12.12
C LYS A 83 25.50 34.40 -12.26
N VAL A 84 24.96 34.51 -13.49
CA VAL A 84 23.54 34.72 -13.76
C VAL A 84 22.76 33.57 -13.24
N GLN A 85 23.48 32.45 -13.13
CA GLN A 85 23.15 31.19 -12.53
C GLN A 85 23.20 31.26 -11.04
N LEU A 86 24.29 31.82 -10.48
CA LEU A 86 24.41 31.90 -9.05
C LEU A 86 23.29 32.75 -8.59
N MET A 87 23.25 33.95 -9.19
CA MET A 87 22.24 34.92 -8.95
C MET A 87 21.00 34.20 -9.38
N GLY A 88 21.15 33.29 -10.36
CA GLY A 88 19.99 32.62 -10.85
C GLY A 88 19.31 31.91 -9.72
N GLY A 89 20.04 31.07 -8.97
CA GLY A 89 19.43 30.32 -7.91
C GLY A 89 18.84 31.30 -6.94
N VAL A 90 19.50 32.44 -6.71
CA VAL A 90 18.94 33.31 -5.72
C VAL A 90 17.58 33.80 -6.10
N ALA A 91 17.44 34.47 -7.27
CA ALA A 91 16.15 34.97 -7.67
C ALA A 91 15.25 33.78 -7.76
N LEU A 92 15.83 32.62 -8.13
CA LEU A 92 15.06 31.42 -8.26
C LEU A 92 14.40 31.12 -6.96
N HIS A 93 15.14 31.23 -5.84
CA HIS A 93 14.59 30.94 -4.56
C HIS A 93 13.43 31.87 -4.38
N ASP A 94 13.55 33.07 -4.98
CA ASP A 94 12.55 34.11 -4.96
C ASP A 94 11.35 33.82 -5.82
N GLY A 95 11.51 33.10 -6.95
CA GLY A 95 10.36 32.85 -7.80
C GLY A 95 10.19 33.89 -8.90
N ASN A 96 11.03 33.80 -9.95
CA ASN A 96 11.02 34.69 -11.09
C ASN A 96 11.60 33.94 -12.26
N ILE A 97 12.62 34.55 -12.93
CA ILE A 97 13.32 33.90 -14.01
C ILE A 97 14.65 34.58 -14.30
N ALA A 98 15.79 33.93 -13.97
CA ALA A 98 17.07 34.49 -14.30
C ALA A 98 17.48 33.87 -15.61
N GLU A 99 18.60 34.34 -16.19
CA GLU A 99 19.18 33.70 -17.34
C GLU A 99 18.80 34.32 -18.66
N MET A 100 18.98 33.53 -19.75
CA MET A 100 18.71 33.92 -21.10
C MET A 100 19.25 32.84 -22.03
N LYS A 101 20.27 32.08 -21.55
CA LYS A 101 20.88 30.92 -22.21
C LYS A 101 22.35 31.10 -22.41
N THR A 102 23.00 30.09 -23.03
CA THR A 102 24.41 30.06 -23.31
C THR A 102 25.25 30.27 -22.08
N GLY A 103 25.95 29.21 -21.64
CA GLY A 103 26.79 29.33 -20.49
C GLY A 103 25.86 29.45 -19.34
N GLU A 104 25.68 30.70 -18.87
CA GLU A 104 24.85 31.07 -17.75
C GLU A 104 24.86 29.98 -16.72
N GLY A 105 23.93 29.01 -16.80
CA GLY A 105 24.04 27.99 -15.81
C GLY A 105 23.10 26.89 -16.13
N LYS A 106 21.81 26.98 -15.76
CA LYS A 106 20.76 26.02 -16.06
C LYS A 106 21.05 24.66 -15.47
N THR A 107 22.17 24.05 -15.86
CA THR A 107 22.60 22.81 -15.32
C THR A 107 22.88 23.04 -13.86
N LEU A 108 23.92 23.83 -13.58
CA LEU A 108 24.35 24.12 -12.25
C LEU A 108 23.37 25.03 -11.59
N THR A 109 22.75 25.95 -12.36
CA THR A 109 21.91 26.94 -11.77
C THR A 109 20.85 26.28 -10.94
N SER A 110 20.05 25.40 -11.57
CA SER A 110 18.94 24.76 -10.91
C SER A 110 19.44 24.06 -9.69
N THR A 111 20.58 23.36 -9.81
CA THR A 111 21.10 22.55 -8.75
C THR A 111 21.21 23.36 -7.49
N LEU A 112 21.62 24.64 -7.60
CA LEU A 112 21.83 25.44 -6.41
C LEU A 112 20.57 25.56 -5.57
N PRO A 113 19.50 26.17 -6.02
CA PRO A 113 18.33 26.34 -5.20
C PRO A 113 17.69 25.02 -4.92
N VAL A 114 17.91 24.02 -5.80
CA VAL A 114 17.30 22.72 -5.62
C VAL A 114 17.83 22.13 -4.35
N TYR A 115 19.12 22.34 -4.08
CA TYR A 115 19.74 21.79 -2.91
C TYR A 115 19.18 22.38 -1.65
N LEU A 116 19.12 23.73 -1.55
CA LEU A 116 18.66 24.32 -0.32
C LEU A 116 17.24 23.95 -0.01
N ASN A 117 16.32 24.13 -0.97
CA ASN A 117 14.93 23.93 -0.70
C ASN A 117 14.65 22.51 -0.32
N ALA A 118 15.26 21.55 -1.06
CA ALA A 118 14.97 20.14 -0.90
C ALA A 118 15.22 19.74 0.52
N LEU A 119 16.20 20.38 1.17
CA LEU A 119 16.66 20.01 2.48
C LEU A 119 15.48 19.94 3.42
N THR A 120 14.37 20.61 3.09
CA THR A 120 13.22 20.59 3.95
C THR A 120 12.82 19.16 4.16
N GLY A 121 13.02 18.31 3.14
CA GLY A 121 12.71 16.92 3.31
C GLY A 121 11.37 16.68 2.70
N LYS A 122 10.81 17.72 2.07
CA LYS A 122 9.56 17.64 1.37
C LYS A 122 9.74 17.01 0.02
N GLY A 123 10.81 17.38 -0.69
CA GLY A 123 11.06 16.95 -2.04
C GLY A 123 10.67 18.12 -2.90
N VAL A 124 11.43 18.41 -3.99
CA VAL A 124 11.15 19.60 -4.76
C VAL A 124 10.81 19.25 -6.17
N HIS A 125 10.05 20.14 -6.84
CA HIS A 125 9.64 19.84 -8.18
C HIS A 125 10.48 20.62 -9.14
N VAL A 126 10.87 19.96 -10.26
CA VAL A 126 11.61 20.63 -11.29
C VAL A 126 10.89 20.44 -12.59
N VAL A 127 10.21 21.49 -13.06
CA VAL A 127 9.45 21.46 -14.27
C VAL A 127 10.41 21.45 -15.42
N THR A 128 10.29 20.42 -16.29
CA THR A 128 11.16 20.31 -17.43
C THR A 128 10.24 19.97 -18.57
N VAL A 129 10.55 20.44 -19.80
CA VAL A 129 9.60 20.20 -20.86
C VAL A 129 9.41 18.74 -21.20
N ASN A 130 10.46 17.99 -21.63
CA ASN A 130 10.16 16.65 -22.09
C ASN A 130 11.00 15.63 -21.39
N GLU A 131 10.51 14.37 -21.43
CA GLU A 131 11.02 13.23 -20.71
C GLU A 131 12.49 13.08 -21.00
N TYR A 132 12.89 13.25 -22.27
CA TYR A 132 14.27 13.08 -22.63
C TYR A 132 15.08 14.01 -21.77
N LEU A 133 14.54 15.21 -21.52
CA LEU A 133 15.11 16.22 -20.65
C LEU A 133 15.09 15.80 -19.22
N ALA A 134 14.05 15.06 -18.78
CA ALA A 134 13.94 14.70 -17.40
C ALA A 134 15.18 13.95 -17.09
N SER A 135 15.61 13.10 -18.03
CA SER A 135 16.83 12.38 -17.86
C SER A 135 17.99 13.33 -17.92
N ARG A 136 17.90 14.39 -18.75
CA ARG A 136 19.00 15.28 -18.96
C ARG A 136 19.54 15.85 -17.68
N ASP A 137 18.82 16.79 -17.06
CA ASP A 137 19.30 17.46 -15.89
C ASP A 137 19.48 16.43 -14.82
N ALA A 138 18.65 15.37 -14.86
CA ALA A 138 18.67 14.41 -13.79
C ALA A 138 20.06 13.86 -13.61
N GLU A 139 20.73 13.41 -14.69
CA GLU A 139 22.07 12.89 -14.60
C GLU A 139 23.14 13.95 -14.62
N GLN A 140 22.95 15.05 -15.39
CA GLN A 140 24.06 15.94 -15.62
C GLN A 140 24.60 16.48 -14.33
N MET A 141 23.70 16.92 -13.45
CA MET A 141 23.97 17.45 -12.13
C MET A 141 24.24 16.38 -11.11
N GLY A 142 23.91 15.11 -11.41
CA GLY A 142 23.85 14.07 -10.42
C GLY A 142 25.04 13.97 -9.52
N LYS A 143 26.29 14.23 -9.96
CA LYS A 143 27.38 13.94 -9.07
C LYS A 143 27.34 14.69 -7.76
N ILE A 144 27.04 16.00 -7.78
CA ILE A 144 27.00 16.80 -6.58
C ILE A 144 26.05 16.17 -5.60
N PHE A 145 24.99 15.52 -6.11
CA PHE A 145 23.99 14.91 -5.28
C PHE A 145 24.55 13.82 -4.43
N GLU A 146 25.24 12.82 -5.01
CA GLU A 146 25.73 11.76 -4.18
C GLU A 146 26.72 12.40 -3.26
N PHE A 147 27.38 13.47 -3.72
CA PHE A 147 28.34 14.13 -2.90
C PHE A 147 27.62 14.62 -1.67
N LEU A 148 26.57 15.42 -1.89
CA LEU A 148 25.70 16.00 -0.90
C LEU A 148 24.84 14.92 -0.29
N GLY A 149 25.04 13.66 -0.73
CA GLY A 149 24.35 12.56 -0.11
C GLY A 149 22.86 12.73 -0.20
N LEU A 150 22.28 12.52 -1.40
CA LEU A 150 20.86 12.70 -1.54
C LEU A 150 20.30 11.62 -2.43
N THR A 151 18.96 11.58 -2.57
CA THR A 151 18.31 10.62 -3.43
C THR A 151 17.61 11.38 -4.53
N VAL A 152 18.16 11.33 -5.77
CA VAL A 152 17.53 12.04 -6.84
C VAL A 152 16.26 11.30 -7.18
N GLY A 153 15.40 11.87 -8.04
CA GLY A 153 14.21 11.12 -8.36
C GLY A 153 13.52 11.73 -9.53
N LEU A 154 13.46 11.02 -10.68
CA LEU A 154 12.81 11.58 -11.84
C LEU A 154 11.72 10.65 -12.31
N ASN A 155 10.64 11.23 -12.89
CA ASN A 155 9.50 10.49 -13.35
C ASN A 155 9.49 10.50 -14.85
N LEU A 156 8.79 9.52 -15.48
CA LEU A 156 8.80 9.40 -16.92
C LEU A 156 7.51 8.73 -17.33
N ASN A 157 7.13 8.83 -18.62
CA ASN A 157 5.82 8.47 -19.12
C ASN A 157 5.37 7.15 -18.59
N SER A 158 6.10 6.06 -18.83
CA SER A 158 5.62 4.83 -18.26
C SER A 158 6.08 4.67 -16.85
N MET A 159 7.37 4.95 -16.61
CA MET A 159 7.91 4.63 -15.33
C MET A 159 9.07 5.51 -15.03
N SER A 160 9.58 5.36 -13.80
CA SER A 160 10.86 5.80 -13.33
C SER A 160 11.25 4.42 -12.93
N LYS A 161 12.52 3.92 -13.04
CA LYS A 161 12.78 2.50 -12.90
C LYS A 161 12.21 1.96 -11.61
N ASP A 162 12.36 2.71 -10.51
CA ASP A 162 11.80 2.29 -9.27
C ASP A 162 10.33 2.56 -9.32
N GLU A 163 9.70 2.89 -8.17
CA GLU A 163 8.29 3.10 -8.17
C GLU A 163 7.99 4.52 -7.84
N LYS A 164 6.72 4.92 -8.04
CA LYS A 164 6.24 6.26 -7.86
C LYS A 164 6.46 6.70 -6.45
N ARG A 165 6.18 5.82 -5.46
CA ARG A 165 6.23 6.23 -4.08
C ARG A 165 7.59 6.73 -3.71
N GLU A 166 8.60 5.86 -3.86
CA GLU A 166 9.92 6.18 -3.41
C GLU A 166 10.37 7.35 -4.21
N ALA A 167 9.92 7.42 -5.47
CA ALA A 167 10.44 8.44 -6.31
C ALA A 167 10.15 9.80 -5.77
N TYR A 168 8.88 10.13 -5.50
CA TYR A 168 8.59 11.47 -5.04
C TYR A 168 9.15 11.75 -3.68
N ALA A 169 8.91 10.84 -2.73
CA ALA A 169 9.28 11.01 -1.35
C ALA A 169 10.75 11.24 -1.30
N ALA A 170 11.48 10.77 -2.31
CA ALA A 170 12.92 10.92 -2.38
C ALA A 170 13.26 12.38 -2.35
N ASP A 171 14.57 12.71 -2.44
CA ASP A 171 14.92 14.10 -2.34
C ASP A 171 14.41 14.95 -3.48
N ILE A 172 15.09 14.88 -4.65
CA ILE A 172 14.78 15.79 -5.72
C ILE A 172 13.86 15.11 -6.68
N THR A 173 12.82 15.85 -7.16
CA THR A 173 11.84 15.27 -8.04
C THR A 173 11.95 15.90 -9.40
N TYR A 174 12.64 15.22 -10.35
CA TYR A 174 12.78 15.65 -11.71
C TYR A 174 11.72 15.08 -12.59
N SER A 175 11.16 15.90 -13.50
CA SER A 175 10.18 15.33 -14.37
C SER A 175 9.58 16.35 -15.29
N THR A 176 8.71 15.84 -16.17
CA THR A 176 8.01 16.62 -17.14
C THR A 176 6.65 16.93 -16.58
N ASN A 177 6.19 18.16 -16.84
CA ASN A 177 4.98 18.68 -16.29
C ASN A 177 3.83 17.81 -16.65
N ASN A 178 3.77 17.38 -17.93
CA ASN A 178 2.66 16.63 -18.43
C ASN A 178 2.50 15.46 -17.53
N GLU A 179 3.63 14.83 -17.16
CA GLU A 179 3.62 13.70 -16.27
C GLU A 179 3.19 14.10 -14.89
N LEU A 180 3.80 15.17 -14.34
CA LEU A 180 3.59 15.59 -12.99
C LEU A 180 2.12 15.80 -12.84
N GLY A 181 1.46 16.34 -13.88
CA GLY A 181 0.04 16.52 -13.77
C GLY A 181 -0.63 15.19 -13.64
N PHE A 182 -0.28 14.24 -14.52
CA PHE A 182 -0.91 12.95 -14.54
C PHE A 182 -0.66 12.25 -13.25
N ASP A 183 0.50 12.43 -12.63
CA ASP A 183 0.76 11.74 -11.42
C ASP A 183 -0.22 12.24 -10.40
N TYR A 184 -0.33 13.58 -10.34
CA TYR A 184 -1.10 14.25 -9.34
C TYR A 184 -2.49 13.71 -9.39
N LEU A 185 -3.04 13.63 -10.61
CA LEU A 185 -4.36 13.14 -10.89
C LEU A 185 -4.46 11.68 -10.59
N ARG A 186 -3.35 10.93 -10.72
CA ARG A 186 -3.33 9.49 -10.55
C ARG A 186 -3.94 9.20 -9.21
N ASP A 187 -3.87 10.19 -8.32
CA ASP A 187 -4.30 10.32 -6.97
C ASP A 187 -5.81 10.32 -6.85
N ASN A 188 -6.59 9.75 -7.81
CA ASN A 188 -8.02 9.85 -7.65
C ASN A 188 -8.73 8.54 -7.39
N MET A 189 -8.78 7.63 -8.38
CA MET A 189 -9.51 6.39 -8.31
C MET A 189 -8.90 5.52 -7.26
N VAL A 190 -7.64 5.82 -6.87
CA VAL A 190 -6.87 5.00 -5.98
C VAL A 190 -7.69 4.57 -4.79
N LEU A 191 -8.03 3.27 -4.76
CA LEU A 191 -8.82 2.68 -3.71
C LEU A 191 -8.06 2.67 -2.44
N TYR A 192 -6.72 2.77 -2.51
CA TYR A 192 -5.91 2.73 -1.33
C TYR A 192 -5.28 4.08 -1.19
N LYS A 193 -4.41 4.25 -0.16
CA LYS A 193 -3.76 5.52 0.04
C LYS A 193 -2.30 5.24 0.29
N GLU A 194 -1.95 3.95 0.37
CA GLU A 194 -0.59 3.58 0.60
C GLU A 194 0.16 4.15 -0.55
N GLN A 195 -0.53 4.28 -1.70
CA GLN A 195 0.06 4.83 -2.88
C GLN A 195 0.57 6.21 -2.59
N MET A 196 1.90 6.30 -2.60
CA MET A 196 2.69 7.45 -2.30
C MET A 196 2.51 8.46 -3.38
N VAL A 197 1.73 8.08 -4.42
CA VAL A 197 1.43 8.88 -5.59
C VAL A 197 1.48 10.34 -5.27
N GLN A 198 2.70 10.91 -5.45
CA GLN A 198 3.05 12.27 -5.15
C GLN A 198 2.88 12.63 -3.72
N ARG A 199 4.00 12.98 -3.06
CA ARG A 199 3.91 13.55 -1.74
C ARG A 199 3.67 14.98 -2.05
N PRO A 200 2.92 15.68 -1.24
CA PRO A 200 2.36 16.99 -1.56
C PRO A 200 3.15 17.90 -2.48
N LEU A 201 2.44 18.64 -3.36
CA LEU A 201 3.16 19.36 -4.37
C LEU A 201 3.10 20.85 -4.30
N HIS A 202 4.13 21.50 -3.70
CA HIS A 202 4.27 22.94 -3.72
C HIS A 202 5.26 23.60 -4.68
N PHE A 203 6.57 23.29 -4.52
CA PHE A 203 7.61 24.14 -5.07
C PHE A 203 8.11 23.62 -6.38
N ALA A 204 8.50 24.55 -7.30
CA ALA A 204 9.03 24.08 -8.55
C ALA A 204 9.74 25.17 -9.30
N VAL A 205 10.84 24.78 -9.98
CA VAL A 205 11.62 25.67 -10.79
C VAL A 205 11.40 25.19 -12.20
N ILE A 206 11.18 26.12 -13.15
CA ILE A 206 10.85 25.67 -14.47
C ILE A 206 11.95 25.91 -15.46
N ASP A 207 12.45 24.78 -16.02
CA ASP A 207 13.49 24.80 -17.00
C ASP A 207 12.83 25.07 -18.31
N GLU A 208 13.14 26.25 -18.89
CA GLU A 208 12.54 26.72 -20.11
C GLU A 208 11.07 27.01 -19.89
N VAL A 209 10.82 27.95 -18.96
CA VAL A 209 9.60 28.48 -18.45
C VAL A 209 8.81 29.02 -19.58
N ASP A 210 9.49 29.45 -20.65
CA ASP A 210 8.84 30.11 -21.74
C ASP A 210 7.73 29.21 -22.20
N SER A 211 7.87 27.90 -21.93
CA SER A 211 6.88 26.88 -22.13
C SER A 211 5.89 26.67 -21.00
N ILE A 212 6.27 26.89 -19.72
CA ILE A 212 5.47 26.49 -18.59
C ILE A 212 4.14 27.15 -18.74
N LEU A 213 4.12 28.32 -19.41
CA LEU A 213 2.95 29.07 -19.77
C LEU A 213 2.20 28.53 -20.97
N ILE A 214 2.94 28.18 -22.03
CA ILE A 214 2.43 27.84 -23.34
C ILE A 214 1.47 26.71 -23.25
N ASP A 215 1.59 25.85 -22.20
CA ASP A 215 0.76 24.69 -22.03
C ASP A 215 -0.67 25.10 -21.80
N GLU A 216 -1.37 25.56 -22.86
CA GLU A 216 -2.70 26.06 -22.70
C GLU A 216 -3.63 24.97 -22.27
N ALA A 217 -3.94 24.03 -23.19
CA ALA A 217 -4.95 23.03 -22.97
C ALA A 217 -4.63 22.31 -21.70
N ARG A 218 -5.69 21.99 -20.93
CA ARG A 218 -5.59 21.41 -19.62
C ARG A 218 -4.91 20.08 -19.67
N THR A 219 -4.59 19.54 -18.47
CA THR A 219 -3.97 18.24 -18.35
C THR A 219 -5.00 17.25 -17.91
N PRO A 220 -5.62 16.55 -18.84
CA PRO A 220 -6.55 15.52 -18.43
C PRO A 220 -6.02 14.11 -18.50
N LEU A 221 -6.28 13.29 -17.48
CA LEU A 221 -5.89 11.91 -17.53
C LEU A 221 -7.18 11.17 -17.78
N ILE A 222 -7.26 10.42 -18.90
CA ILE A 222 -8.47 9.68 -19.18
C ILE A 222 -8.10 8.29 -19.63
N ILE A 223 -8.41 7.25 -18.81
CA ILE A 223 -8.19 5.89 -19.24
C ILE A 223 -9.39 5.06 -19.62
N SER A 224 -10.34 4.95 -18.67
CA SER A 224 -11.36 3.93 -18.70
C SER A 224 -12.47 4.27 -19.64
N GLY A 225 -12.57 3.50 -20.76
CA GLY A 225 -13.62 3.79 -21.67
C GLY A 225 -14.35 2.52 -21.97
N GLN A 226 -15.50 2.32 -21.31
CA GLN A 226 -16.24 1.13 -21.58
C GLN A 226 -17.22 1.46 -22.65
N ALA A 227 -16.88 1.13 -23.91
CA ALA A 227 -17.74 1.51 -24.99
C ALA A 227 -18.72 0.42 -25.22
N ALA A 228 -20.01 0.75 -25.04
CA ALA A 228 -21.09 -0.15 -25.34
C ALA A 228 -21.17 -0.33 -26.82
N LYS A 229 -20.99 0.81 -27.52
CA LYS A 229 -21.11 1.07 -28.94
C LYS A 229 -19.98 0.50 -29.75
N SER A 230 -18.91 0.00 -29.12
CA SER A 230 -17.69 -0.33 -29.81
C SER A 230 -17.90 -1.15 -31.06
N THR A 231 -18.73 -2.21 -31.01
CA THR A 231 -18.91 -3.02 -32.19
C THR A 231 -19.51 -2.18 -33.28
N LYS A 232 -20.48 -1.30 -32.93
CA LYS A 232 -21.12 -0.49 -33.91
C LYS A 232 -20.12 0.43 -34.51
N LEU A 233 -19.26 1.02 -33.67
CA LEU A 233 -18.35 2.03 -34.13
C LEU A 233 -17.48 1.42 -35.18
N TYR A 234 -17.07 0.14 -34.98
CA TYR A 234 -16.16 -0.44 -35.91
C TYR A 234 -16.76 -0.46 -37.29
N VAL A 235 -17.92 -1.12 -37.44
CA VAL A 235 -18.52 -1.23 -38.74
C VAL A 235 -18.97 0.11 -39.20
N GLN A 236 -19.61 0.86 -38.28
CA GLN A 236 -20.22 2.11 -38.62
C GLN A 236 -19.19 3.09 -39.09
N ALA A 237 -18.08 3.24 -38.35
CA ALA A 237 -17.08 4.21 -38.70
C ALA A 237 -16.52 3.87 -40.05
N ASN A 238 -16.41 2.57 -40.36
CA ASN A 238 -15.84 2.15 -41.60
C ASN A 238 -16.63 2.81 -42.69
N ALA A 239 -17.97 2.70 -42.62
CA ALA A 239 -18.79 3.29 -43.64
C ALA A 239 -18.62 4.78 -43.58
N PHE A 240 -18.56 5.35 -42.35
CA PHE A 240 -18.57 6.77 -42.26
C PHE A 240 -17.43 7.40 -43.00
N VAL A 241 -16.17 7.06 -42.66
CA VAL A 241 -15.06 7.75 -43.23
C VAL A 241 -15.10 7.62 -44.72
N ARG A 242 -15.46 6.44 -45.24
CA ARG A 242 -15.48 6.30 -46.66
C ARG A 242 -16.46 7.28 -47.23
N THR A 243 -17.57 7.57 -46.50
CA THR A 243 -18.54 8.45 -47.11
C THR A 243 -17.92 9.78 -47.41
N LEU A 244 -17.23 10.40 -46.44
CA LEU A 244 -16.69 11.70 -46.65
C LEU A 244 -15.72 11.62 -47.79
N LYS A 245 -15.01 10.48 -47.92
CA LYS A 245 -14.05 10.35 -48.97
C LYS A 245 -14.76 10.59 -50.27
N ALA A 246 -16.05 10.21 -50.31
CA ALA A 246 -16.82 10.35 -51.51
C ALA A 246 -16.85 11.79 -51.91
N GLU A 247 -16.81 12.72 -50.92
CA GLU A 247 -16.95 14.11 -51.23
C GLU A 247 -15.63 14.75 -51.55
N LYS A 248 -15.72 15.90 -52.24
CA LYS A 248 -14.61 16.67 -52.77
C LYS A 248 -14.09 17.66 -51.78
N ASP A 249 -13.19 18.53 -52.28
CA ASP A 249 -12.41 19.51 -51.59
C ASP A 249 -13.24 20.58 -50.94
N TYR A 250 -14.31 21.05 -51.60
CA TYR A 250 -14.98 22.21 -51.07
C TYR A 250 -15.88 21.81 -49.96
N THR A 251 -15.26 21.58 -48.78
CA THR A 251 -15.71 21.40 -47.43
C THR A 251 -15.49 22.61 -46.57
N TYR A 252 -14.62 23.54 -47.03
CA TYR A 252 -14.17 24.70 -46.29
C TYR A 252 -13.75 24.39 -44.87
N ASP A 253 -12.43 24.14 -44.67
CA ASP A 253 -11.92 23.90 -43.34
C ASP A 253 -10.68 24.74 -43.13
N ILE A 254 -10.78 25.82 -42.29
CA ILE A 254 -9.62 26.65 -42.05
C ILE A 254 -9.79 27.40 -40.74
N LYS A 255 -8.65 27.92 -40.20
CA LYS A 255 -8.56 28.88 -39.12
C LYS A 255 -9.03 28.30 -37.83
N THR A 256 -9.69 27.14 -37.88
CA THR A 256 -10.22 26.56 -36.68
C THR A 256 -10.52 25.13 -37.04
N LYS A 257 -10.69 24.30 -36.00
CA LYS A 257 -10.95 22.90 -36.09
C LYS A 257 -12.35 22.62 -36.56
N ALA A 258 -13.22 23.66 -36.65
CA ALA A 258 -14.59 23.43 -37.04
C ALA A 258 -14.73 23.27 -38.53
N VAL A 259 -15.73 22.46 -38.98
CA VAL A 259 -15.95 22.23 -40.39
C VAL A 259 -17.39 21.90 -40.68
N GLN A 260 -17.88 22.35 -41.86
CA GLN A 260 -19.21 22.07 -42.36
C GLN A 260 -19.19 22.37 -43.84
N LEU A 261 -20.20 21.91 -44.61
CA LEU A 261 -20.09 22.20 -46.02
C LEU A 261 -21.43 22.63 -46.57
N THR A 262 -21.40 23.44 -47.65
CA THR A 262 -22.51 24.06 -48.30
C THR A 262 -23.25 23.10 -49.19
N GLU A 263 -23.53 23.54 -50.45
CA GLU A 263 -24.41 22.84 -51.35
C GLU A 263 -24.01 21.41 -51.55
N GLU A 264 -22.75 21.14 -51.93
CA GLU A 264 -22.39 19.78 -52.16
C GLU A 264 -22.50 19.08 -50.85
N GLY A 265 -22.27 19.82 -49.75
CA GLY A 265 -22.34 19.17 -48.48
C GLY A 265 -23.72 18.67 -48.20
N MET A 266 -24.75 19.55 -48.32
CA MET A 266 -26.09 19.14 -48.02
C MET A 266 -26.41 18.08 -48.98
N THR A 267 -25.99 18.27 -50.25
CA THR A 267 -26.36 17.31 -51.24
C THR A 267 -25.79 16.00 -50.88
N LYS A 268 -24.54 15.96 -50.40
CA LYS A 268 -23.90 14.72 -50.06
C LYS A 268 -24.67 14.07 -48.96
N ALA A 269 -25.13 14.87 -47.98
CA ALA A 269 -25.82 14.31 -46.87
C ALA A 269 -26.99 13.55 -47.38
N GLU A 270 -27.74 14.11 -48.34
CA GLU A 270 -28.82 13.35 -48.89
C GLU A 270 -28.28 12.27 -49.77
N LYS A 271 -27.13 12.52 -50.42
CA LYS A 271 -26.61 11.59 -51.39
C LYS A 271 -26.38 10.27 -50.75
N ALA A 272 -25.93 10.25 -49.48
CA ALA A 272 -25.70 8.97 -48.87
C ALA A 272 -26.73 8.82 -47.82
N PHE A 273 -27.00 7.54 -47.41
CA PHE A 273 -28.05 7.07 -46.55
C PHE A 273 -28.56 8.21 -45.71
N GLY A 274 -29.86 8.54 -45.87
CA GLY A 274 -30.34 9.76 -45.27
C GLY A 274 -30.90 10.67 -46.31
N ILE A 275 -31.91 10.17 -47.04
CA ILE A 275 -32.66 10.82 -48.08
C ILE A 275 -33.32 12.03 -47.48
N ASP A 276 -33.54 12.00 -46.15
CA ASP A 276 -34.21 13.06 -45.44
C ASP A 276 -33.47 14.35 -45.60
N ASN A 277 -34.12 15.33 -46.28
CA ASN A 277 -33.56 16.63 -46.49
C ASN A 277 -33.40 17.30 -45.17
N LEU A 278 -34.49 17.38 -44.37
CA LEU A 278 -34.36 18.05 -43.12
C LEU A 278 -33.80 17.06 -42.14
N PHE A 279 -32.46 16.96 -42.16
CA PHE A 279 -31.67 16.06 -41.37
C PHE A 279 -31.64 16.48 -39.93
N ASP A 280 -31.64 17.81 -39.69
CA ASP A 280 -31.37 18.35 -38.39
C ASP A 280 -32.32 17.84 -37.35
N VAL A 281 -33.62 17.68 -37.66
CA VAL A 281 -34.49 17.38 -36.56
C VAL A 281 -34.18 16.06 -35.90
N LYS A 282 -33.67 16.17 -34.66
CA LYS A 282 -33.44 15.06 -33.79
C LYS A 282 -32.68 13.99 -34.51
N HIS A 283 -31.88 14.36 -35.52
CA HIS A 283 -31.17 13.29 -36.17
C HIS A 283 -29.81 13.78 -36.55
N VAL A 284 -29.25 14.70 -35.75
CA VAL A 284 -27.95 15.26 -35.99
C VAL A 284 -26.92 14.19 -35.81
N ALA A 285 -27.27 13.15 -35.03
CA ALA A 285 -26.33 12.14 -34.66
C ALA A 285 -25.70 11.56 -35.88
N LEU A 286 -26.49 11.31 -36.94
CA LEU A 286 -25.93 10.75 -38.13
C LEU A 286 -24.97 11.74 -38.69
N ASN A 287 -25.37 13.02 -38.73
CA ASN A 287 -24.53 14.05 -39.26
C ASN A 287 -23.26 14.02 -38.46
N HIS A 288 -23.37 13.68 -37.18
CA HIS A 288 -22.23 13.68 -36.32
C HIS A 288 -21.22 12.74 -36.92
N HIS A 289 -21.65 11.57 -37.40
CA HIS A 289 -20.68 10.64 -37.92
C HIS A 289 -19.96 11.22 -39.10
N ILE A 290 -20.68 11.91 -40.01
CA ILE A 290 -20.05 12.40 -41.20
C ILE A 290 -19.03 13.43 -40.84
N ASN A 291 -19.41 14.38 -39.97
CA ASN A 291 -18.51 15.42 -39.62
C ASN A 291 -17.32 14.80 -38.98
N GLN A 292 -17.52 13.72 -38.19
CA GLN A 292 -16.41 13.10 -37.49
C GLN A 292 -15.34 12.76 -38.49
N ALA A 293 -15.63 11.87 -39.45
CA ALA A 293 -14.61 11.45 -40.37
C ALA A 293 -14.09 12.63 -41.10
N LEU A 294 -15.00 13.53 -41.54
CA LEU A 294 -14.65 14.64 -42.37
C LEU A 294 -13.57 15.39 -41.65
N LYS A 295 -13.79 15.69 -40.37
CA LYS A 295 -12.80 16.38 -39.60
C LYS A 295 -11.58 15.51 -39.53
N ALA A 296 -11.71 14.19 -39.26
CA ALA A 296 -10.53 13.40 -39.04
C ALA A 296 -9.65 13.38 -40.26
N HIS A 297 -10.20 12.99 -41.42
CA HIS A 297 -9.42 12.85 -42.61
C HIS A 297 -8.74 14.15 -42.92
N VAL A 298 -9.42 15.28 -42.66
CA VAL A 298 -8.87 16.59 -42.95
C VAL A 298 -8.01 17.27 -41.91
N ALA A 299 -8.56 17.45 -40.69
CA ALA A 299 -8.04 18.32 -39.66
C ALA A 299 -6.67 17.93 -39.22
N MET A 300 -6.44 16.63 -38.97
CA MET A 300 -5.13 16.26 -38.56
C MET A 300 -4.69 15.20 -39.50
N GLN A 301 -3.64 15.49 -40.29
CA GLN A 301 -3.22 14.54 -41.27
C GLN A 301 -2.86 13.31 -40.51
N LYS A 302 -3.13 12.15 -41.10
CA LYS A 302 -2.91 10.90 -40.44
C LYS A 302 -1.47 10.87 -40.06
N ASP A 303 -0.64 11.59 -40.85
CA ASP A 303 0.78 11.69 -40.70
C ASP A 303 1.24 12.54 -39.53
N VAL A 304 0.32 13.29 -38.89
CA VAL A 304 0.59 13.99 -37.64
C VAL A 304 0.47 13.02 -36.50
N ASP A 305 -0.55 12.17 -36.62
CA ASP A 305 -1.12 11.06 -35.89
C ASP A 305 -0.48 9.76 -36.27
N TYR A 306 0.74 9.80 -36.84
CA TYR A 306 1.49 8.70 -37.41
C TYR A 306 1.36 7.39 -36.66
N VAL A 307 1.72 6.29 -37.34
CA VAL A 307 1.75 4.98 -36.75
C VAL A 307 3.15 4.48 -36.85
N VAL A 308 3.72 4.01 -35.72
CA VAL A 308 5.09 3.56 -35.76
C VAL A 308 5.13 2.32 -36.58
N GLU A 309 6.33 1.96 -37.07
CA GLU A 309 6.49 0.85 -37.98
C GLU A 309 5.80 -0.36 -37.45
N ASP A 310 4.68 -0.72 -38.11
CA ASP A 310 3.87 -1.87 -37.83
C ASP A 310 3.37 -1.83 -36.42
N GLY A 311 3.61 -0.72 -35.71
CA GLY A 311 3.10 -0.65 -34.38
C GLY A 311 1.63 -0.67 -34.55
N GLN A 312 1.19 -0.05 -35.65
CA GLN A 312 -0.20 0.01 -35.99
C GLN A 312 -0.89 0.80 -34.94
N VAL A 313 -0.12 1.49 -34.07
CA VAL A 313 -0.74 2.23 -33.01
C VAL A 313 -0.76 3.66 -33.43
N VAL A 314 -1.96 4.22 -33.65
CA VAL A 314 -2.02 5.59 -34.07
C VAL A 314 -1.67 6.43 -32.87
N ILE A 315 -0.49 7.05 -32.94
CA ILE A 315 0.03 7.81 -31.83
C ILE A 315 0.08 9.25 -32.22
N VAL A 316 -0.31 10.14 -31.28
CA VAL A 316 -0.30 11.55 -31.56
C VAL A 316 0.93 12.15 -30.94
N ASP A 317 1.77 12.73 -31.81
CA ASP A 317 2.98 13.46 -31.59
C ASP A 317 2.73 14.93 -31.43
N SER A 318 1.49 15.39 -31.67
CA SER A 318 1.19 16.79 -31.75
C SER A 318 1.53 17.54 -30.49
N PHE A 319 1.20 18.85 -30.49
CA PHE A 319 1.39 19.72 -29.37
C PHE A 319 2.78 19.69 -28.80
N THR A 320 3.78 20.05 -29.61
CA THR A 320 5.14 20.22 -29.15
C THR A 320 5.62 18.99 -28.45
N GLY A 321 5.02 17.83 -28.72
CA GLY A 321 5.42 16.65 -28.02
C GLY A 321 6.54 16.00 -28.76
N ARG A 322 6.63 14.66 -28.60
CA ARG A 322 7.54 13.82 -29.32
C ARG A 322 7.07 12.42 -29.07
N LEU A 323 6.00 12.00 -29.77
CA LEU A 323 5.42 10.68 -29.65
C LEU A 323 4.97 10.29 -28.26
N MET A 324 3.65 10.46 -27.98
CA MET A 324 3.02 10.01 -26.76
C MET A 324 2.23 8.78 -27.06
N LYS A 325 2.57 7.66 -26.38
CA LYS A 325 1.98 6.38 -26.60
C LYS A 325 0.53 6.43 -26.22
N GLY A 326 -0.29 5.65 -26.96
CA GLY A 326 -1.72 5.48 -26.91
C GLY A 326 -2.42 6.48 -26.05
N ARG A 327 -3.28 7.30 -26.69
CA ARG A 327 -4.09 8.25 -25.99
C ARG A 327 -4.74 9.13 -27.01
N ARG A 328 -5.71 9.98 -26.58
CA ARG A 328 -6.32 10.85 -27.53
C ARG A 328 -6.98 11.98 -26.77
N TYR A 329 -7.03 13.16 -27.39
CA TYR A 329 -7.61 14.38 -26.90
C TYR A 329 -9.10 14.30 -26.89
N SER A 330 -9.72 13.50 -27.78
CA SER A 330 -11.16 13.57 -27.84
C SER A 330 -11.79 12.20 -27.99
N GLU A 331 -13.12 12.18 -27.81
CA GLU A 331 -13.99 11.04 -27.91
C GLU A 331 -14.32 10.65 -29.33
N GLY A 332 -14.43 11.62 -30.26
CA GLY A 332 -14.75 11.41 -31.65
C GLY A 332 -13.61 11.12 -32.61
N LEU A 333 -12.47 11.79 -32.38
CA LEU A 333 -11.34 11.83 -33.28
C LEU A 333 -10.55 10.55 -33.35
N HIS A 334 -10.14 9.99 -32.19
CA HIS A 334 -9.23 8.89 -32.15
C HIS A 334 -9.80 7.79 -32.97
N GLN A 335 -11.08 7.48 -32.75
CA GLN A 335 -11.76 6.45 -33.47
C GLN A 335 -11.93 6.87 -34.89
N ALA A 336 -12.08 8.18 -35.16
CA ALA A 336 -12.35 8.63 -36.48
C ALA A 336 -11.22 8.29 -37.41
N ILE A 337 -9.97 8.63 -37.01
CA ILE A 337 -8.80 8.40 -37.80
C ILE A 337 -8.58 6.92 -37.92
N GLU A 338 -8.89 6.16 -36.84
CA GLU A 338 -8.73 4.73 -36.91
C GLU A 338 -9.51 4.25 -38.09
N ALA A 339 -10.69 4.82 -38.31
CA ALA A 339 -11.54 4.42 -39.41
C ALA A 339 -10.78 4.66 -40.67
N LYS A 340 -9.94 5.70 -40.67
CA LYS A 340 -9.15 6.04 -41.80
C LYS A 340 -8.07 5.01 -42.05
N GLU A 341 -7.31 4.63 -40.99
CA GLU A 341 -6.15 3.77 -41.15
C GLU A 341 -6.40 2.29 -41.32
N GLY A 342 -6.91 1.57 -40.29
CA GLY A 342 -7.02 0.14 -40.40
C GLY A 342 -7.28 -0.51 -39.06
N LEU A 343 -6.33 -0.57 -38.11
CA LEU A 343 -6.73 -1.22 -36.88
C LEU A 343 -7.60 -0.23 -36.14
N GLU A 344 -8.83 -0.63 -35.73
CA GLU A 344 -9.67 0.32 -35.05
C GLU A 344 -9.78 -0.03 -33.60
N ILE A 345 -9.79 1.02 -32.75
CA ILE A 345 -9.80 0.87 -31.32
C ILE A 345 -11.22 0.99 -30.82
N GLN A 346 -11.43 0.45 -29.61
CA GLN A 346 -12.64 0.45 -28.81
C GLN A 346 -12.82 1.66 -27.92
N ASN A 347 -11.72 2.31 -27.49
CA ASN A 347 -11.79 3.23 -26.39
C ASN A 347 -12.22 4.65 -26.71
N GLU A 348 -12.80 5.30 -25.68
CA GLU A 348 -13.13 6.70 -25.68
C GLU A 348 -13.51 7.02 -24.26
N SER A 349 -12.62 7.70 -23.51
CA SER A 349 -12.89 7.89 -22.11
C SER A 349 -12.38 9.20 -21.62
N MET A 350 -12.91 9.61 -20.44
CA MET A 350 -12.59 10.82 -19.74
C MET A 350 -12.28 10.38 -18.34
N THR A 351 -12.07 11.35 -17.40
CA THR A 351 -11.80 11.07 -16.01
C THR A 351 -11.63 12.36 -15.27
N LEU A 352 -10.49 13.07 -15.51
CA LEU A 352 -10.23 14.28 -14.78
C LEU A 352 -9.38 15.23 -15.58
N ALA A 353 -9.49 16.57 -15.30
CA ALA A 353 -8.72 17.56 -16.02
C ALA A 353 -8.28 18.67 -15.08
N THR A 354 -7.18 19.39 -15.41
CA THR A 354 -6.75 20.49 -14.57
C THR A 354 -5.89 21.43 -15.36
N ILE A 355 -5.83 22.71 -14.93
CA ILE A 355 -4.93 23.64 -15.56
C ILE A 355 -3.57 23.28 -15.12
N THR A 356 -2.68 23.08 -16.10
CA THR A 356 -1.36 22.63 -15.80
C THR A 356 -0.74 23.60 -14.85
N PHE A 357 -0.81 24.91 -15.15
CA PHE A 357 -0.21 25.87 -14.26
C PHE A 357 -1.00 26.40 -13.10
N GLN A 358 -1.88 27.38 -13.32
CA GLN A 358 -2.45 28.13 -12.21
C GLN A 358 -3.20 27.20 -11.33
N ASN A 359 -4.02 26.33 -11.92
CA ASN A 359 -4.72 25.42 -11.08
C ASN A 359 -3.73 24.58 -10.36
N TYR A 360 -2.73 24.01 -11.08
CA TYR A 360 -1.81 23.13 -10.41
C TYR A 360 -0.81 23.81 -9.51
N PHE A 361 0.11 24.61 -10.06
CA PHE A 361 1.19 25.24 -9.36
C PHE A 361 0.63 26.20 -8.37
N ARG A 362 -0.29 27.06 -8.81
CA ARG A 362 -0.85 28.07 -7.94
C ARG A 362 -1.63 27.37 -6.89
N MET A 363 -2.06 26.12 -7.17
CA MET A 363 -2.76 25.37 -6.18
C MET A 363 -1.81 25.34 -5.02
N TYR A 364 -0.49 25.11 -5.25
CA TYR A 364 0.35 25.23 -4.10
C TYR A 364 1.74 25.71 -4.47
N GLU A 365 2.22 26.77 -3.78
CA GLU A 365 3.59 27.25 -3.80
C GLU A 365 3.99 28.07 -5.00
N LYS A 366 5.32 28.11 -5.31
CA LYS A 366 5.86 29.05 -6.25
C LYS A 366 6.65 28.44 -7.39
N LEU A 367 7.10 29.33 -8.32
CA LEU A 367 7.86 28.95 -9.49
C LEU A 367 8.91 29.98 -9.82
N ALA A 368 10.01 29.50 -10.45
CA ALA A 368 11.05 30.37 -10.94
C ALA A 368 11.58 29.74 -12.20
N GLY A 369 11.35 30.38 -13.36
CA GLY A 369 11.77 29.80 -14.59
C GLY A 369 13.15 30.27 -15.00
N MET A 370 13.67 29.68 -16.10
CA MET A 370 14.98 29.99 -16.59
C MET A 370 14.92 30.23 -18.07
N THR A 371 15.61 31.30 -18.55
CA THR A 371 15.82 31.60 -19.95
C THR A 371 15.07 32.84 -20.36
N GLY A 372 13.95 32.64 -21.09
CA GLY A 372 13.18 33.69 -21.72
C GLY A 372 12.96 34.86 -20.80
N THR A 373 13.47 36.01 -21.28
CA THR A 373 13.45 37.37 -20.76
C THR A 373 12.37 38.26 -21.34
N ALA A 374 11.52 37.77 -22.26
CA ALA A 374 10.62 38.61 -23.03
C ALA A 374 9.74 39.47 -22.18
N LYS A 375 9.10 40.44 -22.87
CA LYS A 375 8.11 41.34 -22.34
C LYS A 375 6.78 40.66 -22.22
N THR A 376 6.50 39.68 -23.10
CA THR A 376 5.21 39.04 -23.19
C THR A 376 4.84 38.23 -21.99
N GLU A 377 5.82 37.60 -21.33
CA GLU A 377 5.64 36.75 -20.19
C GLU A 377 5.36 37.43 -18.88
N GLU A 378 5.78 38.68 -18.65
CA GLU A 378 5.61 39.24 -17.34
C GLU A 378 4.16 39.40 -16.99
N GLU A 379 3.31 39.79 -17.95
CA GLU A 379 1.93 39.96 -17.65
C GLU A 379 1.41 38.63 -17.20
N GLU A 380 1.83 37.55 -17.86
CA GLU A 380 1.39 36.23 -17.53
C GLU A 380 1.91 35.89 -16.18
N PHE A 381 3.16 36.27 -15.90
CA PHE A 381 3.79 35.97 -14.66
C PHE A 381 3.06 36.67 -13.59
N ARG A 382 2.32 37.76 -13.89
CA ARG A 382 1.45 38.34 -12.89
C ARG A 382 0.14 37.61 -12.71
N ASN A 383 -0.59 37.43 -13.81
CA ASN A 383 -1.97 37.02 -13.71
C ASN A 383 -2.09 35.71 -13.02
N ILE A 384 -1.36 34.70 -13.53
CA ILE A 384 -1.42 33.41 -12.90
C ILE A 384 -0.49 33.18 -11.76
N TYR A 385 0.82 33.21 -12.06
CA TYR A 385 1.87 32.81 -11.14
C TYR A 385 2.17 33.81 -10.07
N ASN A 386 2.38 35.08 -10.44
CA ASN A 386 2.91 36.14 -9.60
C ASN A 386 4.42 36.08 -9.47
N MET A 387 5.16 36.01 -10.60
CA MET A 387 6.61 36.01 -10.60
C MET A 387 7.08 37.18 -11.42
N GLN A 388 8.41 37.46 -11.40
CA GLN A 388 9.01 38.56 -12.13
C GLN A 388 10.12 38.06 -13.00
N VAL A 389 10.91 39.00 -13.56
CA VAL A 389 11.98 38.59 -14.43
C VAL A 389 13.29 39.22 -14.04
N VAL A 390 14.35 38.39 -13.93
CA VAL A 390 15.67 38.86 -13.60
C VAL A 390 16.54 38.62 -14.80
N THR A 391 16.62 39.63 -15.71
CA THR A 391 17.36 39.49 -16.93
C THR A 391 18.82 39.66 -16.67
N ILE A 392 19.64 38.64 -16.98
CA ILE A 392 21.06 38.82 -16.78
C ILE A 392 21.90 38.10 -17.79
N PRO A 393 22.72 38.86 -18.46
CA PRO A 393 23.67 38.28 -19.40
C PRO A 393 24.88 37.73 -18.69
N THR A 394 25.36 36.54 -19.09
CA THR A 394 26.54 35.98 -18.48
C THR A 394 27.71 36.61 -19.18
N ASN A 395 28.87 35.94 -19.21
CA ASN A 395 30.01 36.53 -19.86
C ASN A 395 29.73 36.65 -21.33
N ARG A 396 30.10 37.81 -21.91
CA ARG A 396 29.94 38.10 -23.31
C ARG A 396 28.57 37.74 -23.81
N PRO A 397 27.70 38.70 -23.74
CA PRO A 397 26.34 38.53 -24.17
C PRO A 397 26.14 38.43 -25.65
N VAL A 398 25.14 37.61 -26.07
CA VAL A 398 24.68 37.43 -27.43
C VAL A 398 25.86 37.43 -28.36
N VAL A 399 26.85 36.59 -28.08
CA VAL A 399 28.06 36.51 -28.84
C VAL A 399 27.74 36.11 -30.26
N ARG A 400 26.60 35.46 -30.48
CA ARG A 400 26.24 34.96 -31.79
C ARG A 400 25.57 36.01 -32.64
N ASP A 401 25.66 35.84 -33.98
CA ASP A 401 25.03 36.74 -34.91
C ASP A 401 23.75 36.15 -35.41
N ASP A 402 22.75 37.01 -35.74
CA ASP A 402 21.57 36.45 -36.33
C ASP A 402 21.04 37.32 -37.42
N ARG A 403 20.77 36.69 -38.58
CA ARG A 403 20.33 37.36 -39.76
C ARG A 403 18.85 37.31 -39.85
N PRO A 404 18.41 38.22 -40.67
CA PRO A 404 17.02 38.47 -40.88
C PRO A 404 16.24 37.35 -41.47
N ASP A 405 14.92 37.56 -41.55
CA ASP A 405 14.04 36.56 -42.08
C ASP A 405 13.94 36.83 -43.55
N LEU A 406 14.87 36.23 -44.33
CA LEU A 406 14.87 36.44 -45.74
C LEU A 406 13.61 35.81 -46.25
N ILE A 407 12.91 36.48 -47.19
CA ILE A 407 11.63 35.98 -47.57
C ILE A 407 11.69 35.56 -49.01
N TYR A 408 10.74 34.70 -49.42
CA TYR A 408 10.65 34.18 -50.75
C TYR A 408 9.18 33.98 -51.01
N ARG A 409 8.74 33.95 -52.27
CA ARG A 409 7.32 33.93 -52.54
C ARG A 409 6.87 32.62 -53.10
N THR A 410 5.54 32.53 -53.29
CA THR A 410 4.81 31.48 -53.93
C THR A 410 5.45 30.14 -53.75
N MET A 411 5.10 29.45 -52.65
CA MET A 411 5.50 28.09 -52.43
C MET A 411 6.79 28.00 -51.67
N GLU A 412 6.94 26.82 -51.06
CA GLU A 412 7.97 26.29 -50.21
C GLU A 412 9.23 26.23 -51.00
N GLY A 413 9.17 26.63 -52.29
CA GLY A 413 10.29 26.59 -53.17
C GLY A 413 11.45 27.26 -52.50
N LYS A 414 11.16 28.21 -51.57
CA LYS A 414 12.18 28.90 -50.83
C LYS A 414 13.05 27.89 -50.12
N PHE A 415 12.42 26.88 -49.49
CA PHE A 415 13.13 25.88 -48.76
C PHE A 415 14.08 25.26 -49.74
N LYS A 416 13.69 25.22 -51.01
CA LYS A 416 14.61 24.65 -51.96
C LYS A 416 15.86 25.48 -51.97
N ALA A 417 15.72 26.83 -52.03
CA ALA A 417 16.88 27.67 -52.10
C ALA A 417 17.70 27.47 -50.86
N VAL A 418 17.03 27.28 -49.71
CA VAL A 418 17.73 27.11 -48.47
C VAL A 418 18.56 25.88 -48.58
N ALA A 419 18.11 24.90 -49.38
CA ALA A 419 18.84 23.66 -49.49
C ALA A 419 20.22 23.95 -50.00
N GLU A 420 20.32 24.73 -51.09
CA GLU A 420 21.61 24.98 -51.67
C GLU A 420 22.41 25.68 -50.62
N ASP A 421 21.72 26.45 -49.76
CA ASP A 421 22.37 27.17 -48.72
C ASP A 421 23.06 26.20 -47.80
N VAL A 422 22.36 25.13 -47.39
CA VAL A 422 22.95 24.21 -46.46
C VAL A 422 24.18 23.67 -47.10
N ALA A 423 24.13 23.43 -48.42
CA ALA A 423 25.24 22.84 -49.11
C ALA A 423 26.45 23.71 -49.01
N GLN A 424 26.30 25.02 -49.30
CA GLN A 424 27.44 25.91 -49.35
C GLN A 424 28.08 25.87 -48.02
N ARG A 425 27.26 25.78 -46.96
CA ARG A 425 27.77 25.69 -45.63
C ARG A 425 28.55 24.42 -45.50
N TYR A 426 28.00 23.32 -46.02
CA TYR A 426 28.60 22.03 -45.87
C TYR A 426 29.98 22.11 -46.44
N MET A 427 30.12 22.74 -47.63
CA MET A 427 31.39 22.81 -48.28
C MET A 427 32.35 23.58 -47.40
N THR A 428 31.89 24.68 -46.77
CA THR A 428 32.72 25.49 -45.92
C THR A 428 33.05 24.69 -44.70
N GLY A 429 32.34 23.56 -44.48
CA GLY A 429 32.66 22.76 -43.35
C GLY A 429 31.96 23.33 -42.16
N GLN A 430 30.68 23.73 -42.34
CA GLN A 430 30.00 24.26 -41.19
C GLN A 430 28.91 23.31 -40.75
N PRO A 431 28.95 22.98 -39.48
CA PRO A 431 27.97 22.11 -38.89
C PRO A 431 26.66 22.81 -38.86
N VAL A 432 25.62 22.24 -39.49
CA VAL A 432 24.37 22.93 -39.57
C VAL A 432 23.31 22.12 -38.90
N LEU A 433 22.15 22.77 -38.67
CA LEU A 433 20.99 22.15 -38.11
C LEU A 433 19.79 22.94 -38.53
N VAL A 434 18.62 22.26 -38.59
CA VAL A 434 17.42 22.95 -38.99
C VAL A 434 16.31 22.57 -38.08
N GLY A 435 15.39 23.51 -37.83
CA GLY A 435 14.26 23.24 -36.99
C GLY A 435 13.05 23.37 -37.86
N THR A 436 12.50 22.23 -38.32
CA THR A 436 11.35 22.22 -39.18
C THR A 436 10.09 22.24 -38.37
N VAL A 437 8.95 22.46 -39.05
CA VAL A 437 7.63 22.55 -38.45
C VAL A 437 7.08 21.24 -37.96
N ALA A 438 7.05 20.20 -38.82
CA ALA A 438 6.35 18.99 -38.47
C ALA A 438 7.15 17.81 -38.94
N VAL A 439 6.51 16.61 -38.90
CA VAL A 439 7.08 15.37 -39.37
C VAL A 439 7.14 15.32 -40.87
N GLU A 440 6.03 15.60 -41.57
CA GLU A 440 6.01 15.40 -42.99
C GLU A 440 7.05 16.26 -43.65
N THR A 441 7.03 17.56 -43.33
CA THR A 441 7.92 18.49 -43.97
C THR A 441 9.33 18.10 -43.64
N SER A 442 9.57 17.64 -42.41
CA SER A 442 10.93 17.34 -42.05
C SER A 442 11.43 16.28 -42.97
N GLU A 443 10.64 15.23 -43.18
CA GLU A 443 11.05 14.12 -43.99
C GLU A 443 11.37 14.59 -45.36
N LEU A 444 10.48 15.41 -45.93
CA LEU A 444 10.65 15.86 -47.28
C LEU A 444 11.92 16.61 -47.32
N ILE A 445 12.23 17.33 -46.22
CA ILE A 445 13.43 18.11 -46.20
C ILE A 445 14.60 17.22 -46.40
N SER A 446 14.71 16.12 -45.63
CA SER A 446 15.84 15.26 -45.75
C SER A 446 15.87 14.71 -47.13
N LYS A 447 14.69 14.38 -47.67
CA LYS A 447 14.64 13.76 -48.96
C LYS A 447 15.30 14.68 -49.92
N LEU A 448 15.14 16.00 -49.72
CA LEU A 448 15.79 16.91 -50.61
C LEU A 448 17.28 16.75 -50.51
N LEU A 449 17.82 16.69 -49.27
CA LEU A 449 19.24 16.61 -49.09
C LEU A 449 19.75 15.40 -49.79
N LYS A 450 18.95 14.32 -49.77
CA LYS A 450 19.30 13.08 -50.39
C LYS A 450 19.41 13.27 -51.88
N ASN A 451 18.47 14.04 -52.49
CA ASN A 451 18.49 14.20 -53.92
C ASN A 451 19.81 14.78 -54.27
N LYS A 452 20.24 15.76 -53.46
CA LYS A 452 21.47 16.48 -53.54
C LYS A 452 22.62 15.64 -53.08
N GLY A 453 22.38 14.57 -52.29
CA GLY A 453 23.47 13.76 -51.84
C GLY A 453 24.18 14.44 -50.70
N ILE A 454 23.52 14.56 -49.54
CA ILE A 454 24.18 15.13 -48.40
C ILE A 454 23.88 14.30 -47.19
N PRO A 455 24.87 14.00 -46.40
CA PRO A 455 24.76 13.21 -45.19
C PRO A 455 23.97 13.95 -44.15
N HIS A 456 23.38 13.24 -43.17
CA HIS A 456 22.65 13.93 -42.14
C HIS A 456 21.97 12.93 -41.23
N GLN A 457 21.45 13.43 -40.09
CA GLN A 457 20.78 12.63 -39.09
C GLN A 457 19.42 13.24 -38.91
N VAL A 458 18.35 12.42 -38.85
CA VAL A 458 17.08 13.09 -38.62
C VAL A 458 16.45 12.63 -37.34
N LEU A 459 16.33 13.55 -36.37
CA LEU A 459 15.67 13.27 -35.13
C LEU A 459 14.39 14.06 -35.14
N ASN A 460 13.42 13.61 -35.95
CA ASN A 460 12.14 14.23 -36.02
C ASN A 460 11.22 13.27 -35.36
N ALA A 461 11.58 12.89 -34.11
CA ALA A 461 10.85 11.95 -33.32
C ALA A 461 10.73 10.64 -34.04
N LYS A 462 11.67 10.32 -34.96
CA LYS A 462 11.49 9.05 -35.61
C LYS A 462 11.68 7.96 -34.60
N ASN A 463 12.82 7.99 -33.89
CA ASN A 463 13.11 7.01 -32.88
C ASN A 463 13.75 7.73 -31.74
N HIS A 464 13.42 7.33 -30.51
CA HIS A 464 13.90 7.97 -29.32
C HIS A 464 15.39 7.82 -29.23
N GLU A 465 15.89 6.61 -29.54
CA GLU A 465 17.28 6.32 -29.42
C GLU A 465 18.02 7.32 -30.24
N ARG A 466 17.44 7.73 -31.39
CA ARG A 466 18.12 8.65 -32.24
C ARG A 466 18.36 9.93 -31.51
N GLU A 467 17.39 10.38 -30.69
CA GLU A 467 17.56 11.61 -29.98
C GLU A 467 18.81 11.51 -29.16
N ALA A 468 19.12 10.32 -28.61
CA ALA A 468 20.31 10.18 -27.80
C ALA A 468 21.58 10.34 -28.59
N GLN A 469 21.74 9.58 -29.69
CA GLN A 469 22.98 9.56 -30.41
C GLN A 469 23.22 10.93 -30.90
N ILE A 470 22.17 11.55 -31.43
CA ILE A 470 22.21 12.83 -32.03
C ILE A 470 22.66 13.85 -31.05
N ILE A 471 22.32 13.70 -29.74
CA ILE A 471 22.63 14.78 -28.86
C ILE A 471 24.10 15.10 -28.90
N GLU A 472 24.98 14.11 -28.71
CA GLU A 472 26.38 14.39 -28.81
C GLU A 472 26.75 14.61 -30.25
N GLU A 473 26.01 13.98 -31.18
CA GLU A 473 26.30 13.95 -32.59
C GLU A 473 26.08 15.25 -33.34
N ALA A 474 24.95 15.93 -33.13
CA ALA A 474 24.66 17.08 -33.95
C ALA A 474 25.69 18.12 -33.71
N GLY A 475 26.27 18.66 -34.80
CA GLY A 475 27.27 19.69 -34.65
C GLY A 475 28.62 19.12 -34.35
N GLN A 476 29.11 18.19 -35.19
CA GLN A 476 30.43 17.68 -34.99
C GLN A 476 31.24 17.98 -36.21
N LYS A 477 31.64 19.26 -36.40
CA LYS A 477 32.44 19.68 -37.51
C LYS A 477 31.94 19.18 -38.85
N GLY A 478 31.18 20.03 -39.57
CA GLY A 478 30.75 19.73 -40.90
C GLY A 478 29.48 18.93 -40.85
N ALA A 479 29.12 18.45 -39.66
CA ALA A 479 27.97 17.60 -39.52
C ALA A 479 26.76 18.32 -40.02
N VAL A 480 25.70 17.56 -40.37
CA VAL A 480 24.48 18.16 -40.83
C VAL A 480 23.33 17.48 -40.15
N THR A 481 22.48 18.27 -39.46
CA THR A 481 21.42 17.64 -38.74
C THR A 481 20.14 18.36 -39.01
N ILE A 482 19.01 17.62 -38.97
CA ILE A 482 17.71 18.19 -39.14
C ILE A 482 16.84 17.60 -38.09
N ALA A 483 16.04 18.45 -37.39
CA ALA A 483 15.20 17.91 -36.37
C ALA A 483 14.01 18.80 -36.20
N THR A 484 13.00 18.31 -35.46
CA THR A 484 11.81 19.07 -35.23
C THR A 484 12.04 19.95 -34.04
N ASN A 485 11.23 21.01 -33.89
CA ASN A 485 11.38 21.95 -32.82
C ASN A 485 11.25 21.21 -31.52
N MET A 486 10.59 20.03 -31.54
CA MET A 486 10.38 19.24 -30.36
C MET A 486 11.70 18.88 -29.73
N ALA A 487 12.75 18.67 -30.55
CA ALA A 487 14.14 18.48 -30.22
C ALA A 487 14.93 19.77 -30.16
N GLY A 488 14.38 20.80 -30.82
CA GLY A 488 14.87 22.11 -31.09
C GLY A 488 14.91 23.05 -29.92
N ARG A 489 14.43 22.66 -28.71
CA ARG A 489 14.42 23.64 -27.64
C ARG A 489 15.22 23.19 -26.43
N GLY A 490 16.11 24.10 -25.94
CA GLY A 490 16.84 23.88 -24.72
C GLY A 490 17.66 22.64 -24.75
N THR A 491 18.97 22.78 -25.05
CA THR A 491 19.85 21.66 -24.95
C THR A 491 21.25 22.20 -24.80
N ASP A 492 22.05 21.58 -23.91
CA ASP A 492 23.39 21.96 -23.59
C ASP A 492 24.41 21.53 -24.62
N ILE A 493 23.98 21.37 -25.89
CA ILE A 493 24.83 20.95 -26.99
C ILE A 493 26.22 21.52 -26.88
N LYS A 494 27.22 20.79 -27.44
CA LYS A 494 28.59 21.24 -27.47
C LYS A 494 29.21 20.84 -28.79
N LEU A 495 30.01 21.75 -29.38
CA LEU A 495 30.69 21.49 -30.63
C LEU A 495 31.99 20.83 -30.28
N GLY A 496 32.49 19.97 -31.19
CA GLY A 496 33.68 19.21 -30.97
C GLY A 496 34.82 20.15 -31.07
N GLU A 497 35.95 19.71 -31.67
CA GLU A 497 37.08 20.59 -31.69
C GLU A 497 37.20 21.30 -33.00
N GLY A 498 37.68 22.56 -32.92
CA GLY A 498 38.04 23.36 -34.05
C GLY A 498 36.83 23.72 -34.85
N VAL A 499 35.67 23.12 -34.52
CA VAL A 499 34.49 23.23 -35.33
C VAL A 499 34.14 24.66 -35.58
N LYS A 500 34.16 25.48 -34.54
CA LYS A 500 33.75 26.85 -34.50
C LYS A 500 34.60 27.69 -35.40
N GLU A 501 35.62 27.08 -36.03
CA GLU A 501 36.65 27.76 -36.78
C GLU A 501 36.05 28.83 -37.65
N LEU A 502 34.91 28.59 -38.32
CA LEU A 502 34.31 29.69 -39.01
C LEU A 502 32.86 29.78 -38.65
N GLY A 503 32.43 30.89 -38.03
CA GLY A 503 31.04 31.13 -37.77
C GLY A 503 30.67 30.44 -36.50
N GLY A 504 31.09 29.17 -36.37
CA GLY A 504 30.88 28.37 -35.21
C GLY A 504 29.79 27.36 -35.43
N LEU A 505 28.51 27.79 -35.38
CA LEU A 505 27.39 26.89 -35.49
C LEU A 505 26.45 27.49 -36.51
N ALA A 506 25.61 26.67 -37.17
CA ALA A 506 24.69 27.23 -38.11
C ALA A 506 23.29 26.73 -37.85
N VAL A 507 22.29 27.62 -37.96
CA VAL A 507 20.93 27.19 -37.78
C VAL A 507 20.02 27.82 -38.81
N VAL A 508 19.14 26.99 -39.40
CA VAL A 508 18.21 27.46 -40.38
C VAL A 508 16.84 27.00 -39.98
N GLY A 509 15.86 27.91 -39.97
CA GLY A 509 14.53 27.54 -39.58
C GLY A 509 13.67 27.45 -40.80
N THR A 510 12.71 26.52 -40.75
CA THR A 510 11.76 26.19 -41.78
C THR A 510 10.69 27.24 -41.85
N GLU A 511 10.57 28.10 -40.82
CA GLU A 511 9.57 29.14 -40.81
C GLU A 511 9.50 29.69 -39.42
N ARG A 512 8.48 30.52 -39.15
CA ARG A 512 8.35 31.13 -37.85
C ARG A 512 7.14 30.57 -37.15
N HIS A 513 7.39 30.00 -35.96
CA HIS A 513 6.41 29.31 -35.17
C HIS A 513 5.28 30.21 -34.75
N GLU A 514 4.32 29.63 -34.00
CA GLU A 514 3.13 30.27 -33.55
C GLU A 514 3.44 31.34 -32.54
N SER A 515 4.66 31.37 -31.99
CA SER A 515 4.91 32.40 -31.01
C SER A 515 6.28 33.00 -31.24
N ARG A 516 6.47 34.26 -30.78
CA ARG A 516 7.72 34.94 -31.00
C ARG A 516 8.84 34.26 -30.25
N ARG A 517 8.60 33.88 -28.99
CA ARG A 517 9.64 33.29 -28.20
C ARG A 517 10.10 32.02 -28.85
N ILE A 518 9.15 31.17 -29.25
CA ILE A 518 9.47 29.88 -29.77
C ILE A 518 10.34 30.02 -30.97
N ASP A 519 10.04 30.99 -31.84
CA ASP A 519 10.82 31.15 -33.03
C ASP A 519 12.23 31.40 -32.57
N ASN A 520 12.36 32.25 -31.53
CA ASN A 520 13.66 32.56 -31.00
C ASN A 520 14.26 31.33 -30.40
N GLN A 521 13.44 30.48 -29.77
CA GLN A 521 13.97 29.35 -29.05
C GLN A 521 14.72 28.44 -29.95
N LEU A 522 14.11 28.09 -31.10
CA LEU A 522 14.70 27.16 -32.02
C LEU A 522 16.04 27.74 -32.38
N ARG A 523 16.08 29.08 -32.48
CA ARG A 523 17.29 29.80 -32.80
C ARG A 523 18.31 29.69 -31.69
N GLY A 524 17.86 29.86 -30.44
CA GLY A 524 18.69 29.94 -29.25
C GLY A 524 19.48 28.69 -29.09
N ARG A 525 19.09 27.63 -29.79
CA ARG A 525 19.68 26.33 -29.72
C ARG A 525 21.09 26.33 -30.19
N SER A 526 21.65 27.52 -30.48
CA SER A 526 23.04 27.56 -30.81
C SER A 526 23.76 28.51 -29.87
N GLY A 527 24.44 27.98 -28.82
CA GLY A 527 25.03 28.87 -27.86
C GLY A 527 24.98 28.37 -26.45
N ARG A 528 26.08 27.68 -26.05
CA ARG A 528 26.24 27.19 -24.71
C ARG A 528 27.63 27.56 -24.26
N GLN A 529 27.80 27.75 -22.94
CA GLN A 529 29.03 28.07 -22.28
C GLN A 529 29.47 29.45 -22.70
N GLY A 530 28.79 30.07 -23.69
CA GLY A 530 29.19 31.40 -24.12
C GLY A 530 30.03 31.41 -25.37
N ASP A 531 29.55 30.82 -26.49
CA ASP A 531 30.28 30.84 -27.74
C ASP A 531 29.45 31.46 -28.83
N PRO A 532 30.05 31.64 -30.00
CA PRO A 532 29.43 32.24 -31.17
C PRO A 532 28.52 31.31 -31.92
N GLY A 533 28.00 31.74 -33.10
CA GLY A 533 27.14 30.92 -33.92
C GLY A 533 26.42 31.78 -34.93
N ILE A 534 25.61 31.15 -35.83
CA ILE A 534 24.88 31.93 -36.81
C ILE A 534 23.49 31.38 -37.00
N THR A 535 22.48 32.28 -37.12
CA THR A 535 21.12 31.86 -37.27
C THR A 535 20.52 32.60 -38.44
N GLN A 536 19.55 31.96 -39.14
CA GLN A 536 18.89 32.60 -40.25
C GLN A 536 17.56 31.94 -40.52
N PHE A 537 16.55 32.72 -40.95
CA PHE A 537 15.25 32.14 -41.18
C PHE A 537 14.84 32.36 -42.60
N TYR A 538 14.18 31.33 -43.16
CA TYR A 538 13.68 31.40 -44.50
C TYR A 538 12.20 31.24 -44.39
N LEU A 539 11.44 32.22 -44.92
CA LEU A 539 10.01 32.15 -44.83
C LEU A 539 9.45 32.31 -46.21
N SER A 540 8.22 31.79 -46.43
CA SER A 540 7.60 31.93 -47.71
C SER A 540 6.23 32.51 -47.50
N MET A 541 5.83 33.41 -48.41
CA MET A 541 4.60 34.12 -48.37
C MET A 541 3.51 33.11 -48.35
N GLU A 542 3.81 31.95 -48.92
CA GLU A 542 2.99 30.77 -48.99
C GLU A 542 3.13 29.80 -47.85
N ASP A 543 4.03 29.98 -46.85
CA ASP A 543 4.16 28.86 -45.93
C ASP A 543 2.96 28.47 -45.10
N GLU A 544 2.99 28.59 -43.75
CA GLU A 544 1.81 28.29 -42.97
C GLU A 544 1.28 29.41 -42.15
N LEU A 545 2.22 30.05 -41.41
CA LEU A 545 1.85 30.94 -40.34
C LEU A 545 0.97 32.01 -40.87
N MET A 546 1.35 32.55 -42.02
CA MET A 546 0.66 33.52 -42.82
C MET A 546 -0.34 32.92 -43.77
N ARG A 547 -0.22 31.64 -44.14
CA ARG A 547 -1.11 31.19 -45.16
C ARG A 547 -2.52 31.30 -44.67
N ARG A 548 -2.78 30.78 -43.46
CA ARG A 548 -4.07 30.89 -42.81
C ARG A 548 -4.27 32.18 -42.08
N PHE A 549 -3.19 32.71 -41.44
CA PHE A 549 -3.36 33.82 -40.54
C PHE A 549 -2.76 35.09 -41.08
N GLY A 550 -3.63 36.12 -41.26
CA GLY A 550 -3.17 37.41 -41.69
C GLY A 550 -2.89 37.39 -43.15
N ALA A 551 -3.48 36.43 -43.87
CA ALA A 551 -3.36 36.30 -45.29
C ALA A 551 -4.10 37.41 -45.95
N GLU A 552 -5.24 37.82 -45.37
CA GLU A 552 -6.10 38.74 -46.03
C GLU A 552 -5.35 40.01 -46.32
N ARG A 553 -4.64 40.56 -45.32
CA ARG A 553 -3.92 41.79 -45.48
C ARG A 553 -2.65 41.67 -46.28
N THR A 554 -1.91 40.57 -46.12
CA THR A 554 -0.64 40.44 -46.75
C THR A 554 -0.81 40.55 -48.23
N MET A 555 -1.94 40.07 -48.76
CA MET A 555 -2.12 40.07 -50.18
C MET A 555 -2.07 41.46 -50.75
N ALA A 556 -2.85 42.40 -50.21
CA ALA A 556 -2.91 43.74 -50.74
C ALA A 556 -1.59 44.41 -50.53
N MET A 557 -0.98 44.14 -49.37
CA MET A 557 0.24 44.78 -48.98
C MET A 557 1.28 44.45 -49.99
N LEU A 558 1.31 43.19 -50.45
CA LEU A 558 2.25 42.78 -51.46
C LEU A 558 1.81 43.09 -52.86
N ASP A 559 0.57 42.75 -53.22
CA ASP A 559 0.12 42.87 -54.58
C ASP A 559 0.18 44.30 -54.99
N ARG A 560 -0.28 45.21 -54.11
CA ARG A 560 -0.22 46.60 -54.43
C ARG A 560 1.23 46.98 -54.50
N PHE A 561 2.05 46.40 -53.61
CA PHE A 561 3.45 46.74 -53.55
C PHE A 561 4.21 46.33 -54.79
N GLY A 562 4.17 45.03 -55.18
CA GLY A 562 4.90 44.60 -56.35
C GLY A 562 4.84 43.11 -56.46
N MET A 563 4.44 42.58 -57.64
CA MET A 563 4.54 41.18 -57.94
C MET A 563 5.86 40.73 -58.49
N ASP A 564 6.47 41.53 -59.41
CA ASP A 564 7.57 40.98 -60.15
C ASP A 564 8.87 41.20 -59.45
N ASP A 565 9.73 40.17 -59.50
CA ASP A 565 11.01 40.27 -58.88
C ASP A 565 11.59 38.89 -58.94
N SER A 566 12.68 38.67 -58.18
CA SER A 566 13.32 37.39 -58.11
C SER A 566 12.90 36.76 -56.81
N THR A 567 13.79 35.92 -56.22
CA THR A 567 13.52 35.22 -54.99
C THR A 567 13.74 36.03 -53.71
N PRO A 568 14.84 36.74 -53.54
CA PRO A 568 15.05 37.42 -52.29
C PRO A 568 14.37 38.74 -52.13
N ILE A 569 13.62 38.96 -51.03
CA ILE A 569 13.09 40.27 -50.80
C ILE A 569 12.82 40.44 -49.35
N GLN A 570 12.90 41.71 -48.86
CA GLN A 570 12.55 42.05 -47.52
C GLN A 570 12.78 43.52 -47.37
N SER A 571 12.46 44.30 -48.43
CA SER A 571 12.64 45.72 -48.41
C SER A 571 11.55 46.48 -47.72
N LYS A 572 10.28 46.30 -48.18
CA LYS A 572 9.23 47.15 -47.68
C LYS A 572 8.32 46.39 -46.77
N MET A 573 8.61 46.44 -45.46
CA MET A 573 7.79 45.94 -44.38
C MET A 573 7.53 44.47 -44.46
N VAL A 574 8.34 43.71 -45.22
CA VAL A 574 8.06 42.30 -45.29
C VAL A 574 8.25 41.68 -43.93
N SER A 575 9.48 41.77 -43.39
CA SER A 575 9.75 41.15 -42.12
C SER A 575 8.97 41.89 -41.10
N ARG A 576 8.78 43.20 -41.33
CA ARG A 576 8.08 44.03 -40.39
C ARG A 576 6.66 43.55 -40.23
N ALA A 577 5.95 43.37 -41.37
CA ALA A 577 4.55 43.05 -41.31
C ALA A 577 4.35 41.71 -40.68
N VAL A 578 5.11 40.69 -41.12
CA VAL A 578 4.92 39.35 -40.67
C VAL A 578 5.03 39.35 -39.19
N GLU A 579 5.99 40.11 -38.66
CA GLU A 579 6.23 40.12 -37.25
C GLU A 579 4.97 40.51 -36.55
N SER A 580 4.24 41.50 -37.10
CA SER A 580 3.05 41.92 -36.43
C SER A 580 2.10 40.76 -36.37
N SER A 581 2.06 39.94 -37.44
CA SER A 581 1.11 38.85 -37.43
C SER A 581 1.48 37.84 -36.40
N GLN A 582 2.79 37.63 -36.15
CA GLN A 582 3.23 36.64 -35.22
C GLN A 582 2.62 36.95 -33.89
N LYS A 583 2.72 38.21 -33.45
CA LYS A 583 2.16 38.57 -32.18
C LYS A 583 0.69 38.35 -32.29
N ARG A 584 0.11 38.65 -33.47
CA ARG A 584 -1.31 38.57 -33.64
C ARG A 584 -1.77 37.17 -33.35
N VAL A 585 -1.13 36.16 -33.99
CA VAL A 585 -1.55 34.80 -33.81
C VAL A 585 -1.42 34.46 -32.36
N GLU A 586 -0.28 34.86 -31.76
CA GLU A 586 0.03 34.58 -30.40
C GLU A 586 -1.10 35.10 -29.59
N GLY A 587 -1.67 36.23 -30.02
CA GLY A 587 -2.75 36.86 -29.30
C GLY A 587 -3.93 35.94 -29.22
N ASN A 588 -4.24 35.21 -30.32
CA ASN A 588 -5.40 34.37 -30.30
C ASN A 588 -5.23 33.38 -29.20
N ASN A 589 -4.00 32.87 -29.04
CA ASN A 589 -3.74 31.89 -28.05
C ASN A 589 -4.12 32.49 -26.73
N PHE A 590 -3.71 33.75 -26.49
CA PHE A 590 -3.98 34.39 -25.24
C PHE A 590 -5.46 34.35 -25.01
N ASP A 591 -6.25 34.71 -26.04
CA ASP A 591 -7.65 34.77 -25.77
C ASP A 591 -8.20 33.43 -25.39
N SER A 592 -7.87 32.36 -26.14
CA SER A 592 -8.42 31.08 -25.82
C SER A 592 -7.89 30.69 -24.49
N ARG A 593 -6.70 31.25 -24.13
CA ARG A 593 -6.07 30.90 -22.90
C ARG A 593 -7.05 31.22 -21.84
N LYS A 594 -7.62 32.43 -21.92
CA LYS A 594 -8.43 32.90 -20.85
C LYS A 594 -9.63 32.07 -20.63
N GLN A 595 -10.34 31.68 -21.71
CA GLN A 595 -11.62 31.05 -21.53
C GLN A 595 -11.50 29.84 -20.66
N LEU A 596 -10.70 28.85 -21.06
CA LEU A 596 -10.63 27.63 -20.29
C LEU A 596 -10.00 27.93 -18.97
N LEU A 597 -9.07 28.89 -18.93
CA LEU A 597 -8.39 29.16 -17.69
C LEU A 597 -9.38 29.63 -16.68
N GLN A 598 -10.18 30.64 -17.04
CA GLN A 598 -11.08 31.22 -16.10
C GLN A 598 -12.07 30.18 -15.66
N TYR A 599 -12.68 29.43 -16.61
CA TYR A 599 -13.73 28.53 -16.20
C TYR A 599 -13.15 27.52 -15.26
N ASP A 600 -12.00 26.97 -15.64
CA ASP A 600 -11.36 25.90 -14.92
C ASP A 600 -11.10 26.39 -13.53
N ASP A 601 -10.93 27.72 -13.36
CA ASP A 601 -10.67 28.24 -12.04
C ASP A 601 -11.83 27.91 -11.13
N VAL A 602 -13.08 28.15 -11.58
CA VAL A 602 -14.20 27.88 -10.72
C VAL A 602 -14.26 26.40 -10.51
N LEU A 603 -13.75 25.64 -11.50
CA LEU A 603 -13.66 24.22 -11.46
C LEU A 603 -12.68 23.81 -10.39
N ARG A 604 -11.63 24.61 -10.18
CA ARG A 604 -10.63 24.23 -9.20
C ARG A 604 -11.31 24.07 -7.89
N GLN A 605 -12.26 24.98 -7.56
CA GLN A 605 -12.94 24.88 -6.31
C GLN A 605 -13.88 23.70 -6.24
N GLN A 606 -14.66 23.40 -7.30
CA GLN A 606 -15.61 22.32 -7.23
C GLN A 606 -14.84 21.04 -7.01
N ARG A 607 -13.75 20.89 -7.78
CA ARG A 607 -12.89 19.74 -7.82
C ARG A 607 -12.29 19.55 -6.46
N GLU A 608 -11.93 20.65 -5.77
CA GLU A 608 -11.25 20.51 -4.53
C GLU A 608 -12.15 19.77 -3.58
N VAL A 609 -13.40 20.21 -3.48
CA VAL A 609 -14.31 19.58 -2.58
C VAL A 609 -14.43 18.14 -3.00
N ILE A 610 -14.47 17.87 -4.31
CA ILE A 610 -14.80 16.52 -4.65
C ILE A 610 -13.81 15.48 -4.22
N TYR A 611 -12.55 15.50 -4.70
CA TYR A 611 -11.65 14.44 -4.32
C TYR A 611 -11.13 14.61 -2.93
N LYS A 612 -11.11 15.86 -2.41
CA LYS A 612 -10.65 16.05 -1.07
C LYS A 612 -11.59 15.25 -0.21
N GLN A 613 -12.88 15.22 -0.58
CA GLN A 613 -13.90 14.48 0.10
C GLN A 613 -13.59 13.01 -0.02
N ARG A 614 -13.12 12.59 -1.21
CA ARG A 614 -12.76 11.23 -1.46
C ARG A 614 -11.66 10.90 -0.51
N PHE A 615 -10.77 11.87 -0.24
CA PHE A 615 -9.70 11.58 0.67
C PHE A 615 -10.26 11.25 2.02
N GLU A 616 -11.19 12.07 2.52
CA GLU A 616 -11.71 11.87 3.84
C GLU A 616 -12.31 10.50 3.92
N VAL A 617 -13.02 10.07 2.86
CA VAL A 617 -13.69 8.80 2.91
C VAL A 617 -12.71 7.68 2.98
N ILE A 618 -11.56 7.80 2.30
CA ILE A 618 -10.60 6.74 2.32
C ILE A 618 -10.00 6.62 3.70
N ASP A 619 -9.70 7.78 4.34
CA ASP A 619 -9.05 7.84 5.62
C ASP A 619 -9.90 7.33 6.75
N SER A 620 -11.16 7.83 6.87
CA SER A 620 -11.96 7.48 8.02
C SER A 620 -12.70 6.19 7.80
N GLU A 621 -12.95 5.45 8.92
CA GLU A 621 -13.70 4.22 8.87
C GLU A 621 -15.22 4.34 8.89
N ASN A 622 -15.80 4.90 9.97
CA ASN A 622 -17.23 4.81 10.16
C ASN A 622 -17.92 6.10 9.89
N LEU A 623 -18.22 6.31 8.60
CA LEU A 623 -18.98 7.38 8.05
C LEU A 623 -20.40 7.10 8.34
N ARG A 624 -20.69 5.89 8.86
CA ARG A 624 -22.00 5.32 8.88
C ARG A 624 -23.03 6.30 9.34
N GLU A 625 -22.90 6.89 10.54
CA GLU A 625 -23.95 7.74 11.01
C GLU A 625 -24.13 8.91 10.07
N ILE A 626 -23.02 9.48 9.56
CA ILE A 626 -23.17 10.64 8.72
C ILE A 626 -23.82 10.34 7.40
N VAL A 627 -23.41 9.25 6.72
CA VAL A 627 -23.90 8.99 5.38
C VAL A 627 -25.38 8.75 5.41
N GLU A 628 -25.85 7.95 6.37
CA GLU A 628 -27.25 7.68 6.47
C GLU A 628 -27.93 8.98 6.76
N ASN A 629 -27.37 9.76 7.70
CA ASN A 629 -28.04 10.95 8.12
C ASN A 629 -28.30 11.85 6.95
N MET A 630 -27.26 12.13 6.15
CA MET A 630 -27.46 12.98 5.02
C MET A 630 -28.37 12.30 4.06
N ILE A 631 -28.28 10.96 3.92
CA ILE A 631 -29.12 10.35 2.93
C ILE A 631 -30.55 10.57 3.31
N LYS A 632 -30.86 10.43 4.62
CA LYS A 632 -32.20 10.66 5.10
C LYS A 632 -32.55 12.10 4.99
N SER A 633 -31.70 13.02 5.49
CA SER A 633 -32.07 14.41 5.53
C SER A 633 -32.37 14.87 4.14
N SER A 634 -31.61 14.37 3.16
CA SER A 634 -31.83 14.76 1.79
C SER A 634 -33.12 14.15 1.30
N LEU A 635 -33.36 12.86 1.62
CA LEU A 635 -34.53 12.14 1.18
C LEU A 635 -35.78 12.67 1.82
N GLU A 636 -35.72 12.90 3.14
CA GLU A 636 -36.79 13.34 3.98
C GLU A 636 -37.15 14.73 3.62
N ARG A 637 -36.14 15.58 3.42
CA ARG A 637 -36.41 16.94 3.05
C ARG A 637 -37.08 16.84 1.73
N ALA A 638 -36.74 15.82 0.93
CA ALA A 638 -37.38 15.71 -0.34
C ALA A 638 -38.86 15.56 -0.13
N ILE A 639 -39.25 14.71 0.84
CA ILE A 639 -40.63 14.47 1.20
C ILE A 639 -41.16 15.72 1.88
N ALA A 640 -40.24 16.47 2.48
CA ALA A 640 -40.29 17.71 3.22
C ALA A 640 -40.46 19.00 2.47
N ALA A 641 -40.05 19.08 1.19
CA ALA A 641 -39.84 20.31 0.47
C ALA A 641 -41.04 21.18 0.59
N TYR A 642 -42.23 20.56 0.68
CA TYR A 642 -43.49 21.23 0.81
C TYR A 642 -43.40 22.44 1.70
N THR A 643 -43.91 23.55 1.16
CA THR A 643 -44.08 24.81 1.82
C THR A 643 -45.19 25.42 1.04
N PRO A 644 -45.59 26.63 1.32
CA PRO A 644 -46.58 27.19 0.46
C PRO A 644 -45.91 27.40 -0.86
N ARG A 645 -46.48 26.86 -1.95
CA ARG A 645 -45.92 26.90 -3.27
C ARG A 645 -46.55 25.76 -4.01
N GLU A 646 -45.89 25.35 -5.10
CA GLU A 646 -46.35 24.21 -5.82
C GLU A 646 -46.23 23.08 -4.86
N GLU A 647 -45.15 23.12 -4.03
CA GLU A 647 -44.91 22.15 -2.99
C GLU A 647 -44.37 20.92 -3.66
N LEU A 648 -43.08 20.61 -3.46
CA LEU A 648 -42.65 19.45 -4.16
C LEU A 648 -43.34 18.29 -3.51
N PRO A 649 -43.31 18.19 -2.20
CA PRO A 649 -43.94 17.08 -1.55
C PRO A 649 -45.15 17.49 -0.79
N GLU A 650 -45.06 17.43 0.56
CA GLU A 650 -46.03 17.81 1.55
C GLU A 650 -46.25 16.57 2.35
N GLU A 651 -45.97 16.58 3.67
CA GLU A 651 -46.08 15.32 4.33
C GLU A 651 -47.52 15.07 4.65
N TRP A 652 -48.25 14.50 3.66
CA TRP A 652 -49.63 14.23 3.86
C TRP A 652 -49.85 12.78 3.62
N LYS A 653 -50.69 12.47 2.62
CA LYS A 653 -51.02 11.10 2.38
C LYS A 653 -50.54 10.71 1.02
N LEU A 654 -51.46 10.68 0.05
CA LEU A 654 -51.18 10.22 -1.27
C LEU A 654 -50.13 11.10 -1.87
N ASP A 655 -50.14 12.39 -1.53
CA ASP A 655 -49.19 13.26 -2.16
C ASP A 655 -47.79 12.81 -1.86
N GLY A 656 -47.45 12.62 -0.57
CA GLY A 656 -46.14 12.17 -0.20
C GLY A 656 -45.96 10.75 -0.60
N LEU A 657 -46.99 9.91 -0.42
CA LEU A 657 -46.84 8.50 -0.64
C LEU A 657 -46.38 8.31 -2.05
N VAL A 658 -46.99 9.05 -3.01
CA VAL A 658 -46.65 8.95 -4.41
C VAL A 658 -45.26 9.46 -4.70
N ASP A 659 -44.98 10.74 -4.39
CA ASP A 659 -43.71 11.29 -4.77
C ASP A 659 -42.63 10.58 -4.02
N LEU A 660 -42.88 10.28 -2.75
CA LEU A 660 -41.95 9.58 -1.92
C LEU A 660 -41.75 8.21 -2.50
N ILE A 661 -42.77 7.58 -3.12
CA ILE A 661 -42.46 6.25 -3.59
C ILE A 661 -41.42 6.36 -4.66
N ASN A 662 -41.60 7.28 -5.62
CA ASN A 662 -40.60 7.39 -6.64
C ASN A 662 -39.33 7.77 -5.95
N THR A 663 -39.41 8.54 -4.85
CA THR A 663 -38.19 8.91 -4.20
C THR A 663 -37.53 7.70 -3.59
N THR A 664 -38.33 6.70 -3.13
CA THR A 664 -37.75 5.52 -2.54
C THR A 664 -38.13 4.30 -3.34
N TYR A 665 -37.53 4.14 -4.52
CA TYR A 665 -37.85 3.04 -5.38
C TYR A 665 -36.74 2.05 -5.25
N LEU A 666 -36.96 0.99 -4.43
CA LEU A 666 -35.97 -0.02 -4.26
C LEU A 666 -36.68 -1.33 -4.20
N ASP A 667 -35.99 -2.42 -4.57
CA ASP A 667 -36.57 -3.72 -4.52
C ASP A 667 -36.83 -4.07 -3.09
N GLU A 668 -36.06 -3.46 -2.17
CA GLU A 668 -36.20 -3.72 -0.77
C GLU A 668 -37.54 -3.20 -0.34
N GLY A 669 -38.03 -3.61 0.85
CA GLY A 669 -39.34 -3.15 1.24
C GLY A 669 -39.30 -2.59 2.62
N ALA A 670 -39.83 -1.36 2.80
CA ALA A 670 -39.91 -0.83 4.13
C ALA A 670 -41.04 0.16 4.19
N LEU A 671 -42.17 -0.27 4.79
CA LEU A 671 -43.28 0.60 5.07
C LEU A 671 -43.75 1.26 3.81
N GLU A 672 -43.50 0.67 2.63
CA GLU A 672 -43.90 1.37 1.44
C GLU A 672 -45.39 1.49 1.37
N LYS A 673 -46.08 0.37 1.58
CA LYS A 673 -47.49 0.24 1.51
C LYS A 673 -48.13 0.99 2.64
N SER A 674 -47.44 1.07 3.79
CA SER A 674 -48.07 1.59 4.98
C SER A 674 -48.49 3.02 4.82
N ASP A 675 -49.82 3.25 4.83
CA ASP A 675 -50.36 4.57 4.73
C ASP A 675 -50.94 4.98 6.04
N ILE A 676 -51.75 6.05 6.01
CA ILE A 676 -52.40 6.66 7.14
C ILE A 676 -51.40 6.86 8.22
N PHE A 677 -50.95 8.12 8.34
CA PHE A 677 -50.00 8.52 9.33
C PHE A 677 -50.02 10.00 9.27
N GLY A 678 -49.22 10.63 10.12
CA GLY A 678 -49.23 12.06 10.12
C GLY A 678 -48.59 12.49 11.38
N LYS A 679 -47.42 11.91 11.65
CA LYS A 679 -46.57 12.36 12.72
C LYS A 679 -45.29 12.74 12.04
N GLU A 680 -45.29 13.97 11.52
CA GLU A 680 -44.30 14.69 10.76
C GLU A 680 -43.17 15.30 11.52
N PRO A 681 -43.13 15.51 12.83
CA PRO A 681 -41.97 16.12 13.42
C PRO A 681 -40.84 15.24 13.04
N ASP A 682 -39.77 15.83 12.48
CA ASP A 682 -38.72 15.18 11.77
C ASP A 682 -38.17 14.05 12.56
N GLU A 683 -38.35 14.09 13.89
CA GLU A 683 -37.84 13.01 14.68
C GLU A 683 -38.43 11.73 14.20
N MET A 684 -39.77 11.68 14.05
CA MET A 684 -40.46 10.47 13.73
C MET A 684 -40.07 9.90 12.40
N LEU A 685 -40.12 10.71 11.32
CA LEU A 685 -39.85 10.19 10.02
C LEU A 685 -38.44 9.73 9.93
N GLU A 686 -37.50 10.50 10.48
CA GLU A 686 -36.12 10.16 10.36
C GLU A 686 -35.80 8.87 11.05
N LEU A 687 -36.31 8.67 12.29
CA LEU A 687 -36.00 7.50 13.06
C LEU A 687 -36.44 6.27 12.34
N ILE A 688 -37.63 6.30 11.73
CA ILE A 688 -38.08 5.05 11.19
C ILE A 688 -37.18 4.60 10.08
N MET A 689 -36.88 5.48 9.09
CA MET A 689 -36.04 5.08 8.00
C MET A 689 -34.63 4.85 8.45
N ASP A 690 -34.16 5.66 9.42
CA ASP A 690 -32.79 5.50 9.80
C ASP A 690 -32.55 4.15 10.42
N ARG A 691 -33.54 3.61 11.17
CA ARG A 691 -33.41 2.35 11.84
C ARG A 691 -33.31 1.26 10.84
N ILE A 692 -34.15 1.33 9.78
CA ILE A 692 -34.14 0.26 8.82
C ILE A 692 -32.76 0.21 8.26
N ILE A 693 -32.14 1.39 8.03
CA ILE A 693 -30.81 1.43 7.53
C ILE A 693 -29.78 0.97 8.51
N THR A 694 -29.69 1.58 9.70
CA THR A 694 -28.62 1.24 10.60
C THR A 694 -28.73 -0.21 10.96
N LYS A 695 -29.95 -0.64 11.30
CA LYS A 695 -30.22 -1.98 11.74
C LYS A 695 -29.87 -2.95 10.66
N TYR A 696 -30.39 -2.71 9.45
CA TYR A 696 -30.19 -3.62 8.37
C TYR A 696 -28.74 -3.59 8.06
N ASN A 697 -28.12 -2.42 8.32
CA ASN A 697 -26.74 -2.20 8.03
C ASN A 697 -25.92 -3.20 8.77
N GLU A 698 -26.07 -3.26 10.11
CA GLU A 698 -25.30 -4.18 10.90
C GLU A 698 -25.74 -5.57 10.59
N LYS A 699 -27.05 -5.76 10.32
CA LYS A 699 -27.54 -7.08 10.04
C LYS A 699 -26.77 -7.53 8.85
N GLU A 700 -26.58 -6.61 7.91
CA GLU A 700 -25.82 -6.86 6.73
C GLU A 700 -24.38 -7.05 7.12
N GLU A 701 -23.94 -6.33 8.16
CA GLU A 701 -22.58 -6.24 8.62
C GLU A 701 -22.09 -7.62 8.92
N GLN A 702 -23.03 -8.55 9.10
CA GLN A 702 -22.78 -9.91 9.49
C GLN A 702 -21.74 -10.51 8.59
N PHE A 703 -21.67 -10.10 7.30
CA PHE A 703 -20.77 -10.75 6.40
C PHE A 703 -19.36 -10.78 6.91
N GLY A 704 -18.78 -9.62 7.29
CA GLY A 704 -17.43 -9.76 7.77
C GLY A 704 -16.90 -8.43 8.19
N LYS A 705 -16.17 -8.42 9.32
CA LYS A 705 -15.62 -7.20 9.83
C LYS A 705 -14.60 -6.69 8.84
N GLU A 706 -13.65 -7.57 8.48
CA GLU A 706 -12.55 -7.17 7.65
C GLU A 706 -13.01 -6.82 6.27
N GLN A 707 -13.81 -7.70 5.65
CA GLN A 707 -14.20 -7.51 4.29
C GLN A 707 -15.14 -6.35 4.14
N MET A 708 -16.09 -6.22 5.09
CA MET A 708 -17.14 -5.24 4.96
C MET A 708 -16.60 -3.85 4.97
N ARG A 709 -15.54 -3.59 5.73
CA ARG A 709 -15.06 -2.26 5.89
C ARG A 709 -14.71 -1.70 4.55
N GLU A 710 -14.10 -2.54 3.69
CA GLU A 710 -13.59 -2.24 2.38
C GLU A 710 -14.70 -1.89 1.42
N PHE A 711 -15.94 -2.35 1.67
CA PHE A 711 -16.97 -2.15 0.69
C PHE A 711 -17.20 -0.70 0.40
N GLU A 712 -17.30 0.15 1.43
CA GLU A 712 -17.54 1.53 1.21
C GLU A 712 -16.40 2.05 0.40
N LYS A 713 -15.23 1.39 0.51
CA LYS A 713 -14.11 1.86 -0.25
C LYS A 713 -14.49 1.86 -1.70
N VAL A 714 -14.73 0.66 -2.25
CA VAL A 714 -14.96 0.57 -3.66
C VAL A 714 -16.17 1.37 -3.99
N ILE A 715 -17.21 1.22 -3.14
CA ILE A 715 -18.43 1.88 -3.48
C ILE A 715 -18.26 3.35 -3.47
N VAL A 716 -17.88 3.93 -2.31
CA VAL A 716 -17.82 5.37 -2.17
C VAL A 716 -16.99 5.96 -3.26
N LEU A 717 -15.73 5.50 -3.41
CA LEU A 717 -14.94 6.13 -4.43
C LEU A 717 -15.46 5.86 -5.79
N ARG A 718 -15.71 4.60 -6.16
CA ARG A 718 -16.10 4.37 -7.52
C ARG A 718 -17.38 5.08 -7.81
N ALA A 719 -18.38 4.96 -6.92
CA ALA A 719 -19.65 5.58 -7.13
C ALA A 719 -19.50 7.07 -7.15
N VAL A 720 -18.81 7.65 -6.14
CA VAL A 720 -18.72 9.08 -6.11
C VAL A 720 -17.93 9.55 -7.29
N ASP A 721 -16.79 8.90 -7.52
CA ASP A 721 -15.86 9.24 -8.56
C ASP A 721 -16.63 9.18 -9.83
N SER A 722 -17.45 8.13 -10.00
CA SER A 722 -18.18 7.92 -11.22
C SER A 722 -19.07 9.07 -11.48
N LYS A 723 -19.90 9.45 -10.49
CA LYS A 723 -20.85 10.49 -10.74
C LYS A 723 -20.14 11.74 -11.16
N TRP A 724 -19.07 12.15 -10.46
CA TRP A 724 -18.47 13.40 -10.85
C TRP A 724 -17.90 13.36 -12.22
N MET A 725 -17.13 12.31 -12.55
CA MET A 725 -16.50 12.29 -13.84
C MET A 725 -17.61 12.30 -14.86
N ASP A 726 -18.71 11.59 -14.56
CA ASP A 726 -19.80 11.54 -15.49
C ASP A 726 -20.35 12.92 -15.66
N HIS A 727 -20.59 13.62 -14.54
CA HIS A 727 -21.15 14.94 -14.66
C HIS A 727 -20.15 15.89 -15.21
N ILE A 728 -18.87 15.49 -15.23
CA ILE A 728 -17.81 16.27 -15.81
C ILE A 728 -18.04 16.34 -17.29
N ASP A 729 -18.52 15.24 -17.92
CA ASP A 729 -18.74 15.26 -19.35
C ASP A 729 -19.75 16.34 -19.62
N ALA A 730 -20.74 16.46 -18.72
CA ALA A 730 -21.78 17.46 -18.79
C ALA A 730 -21.12 18.80 -18.69
N MET A 731 -20.01 18.87 -17.94
CA MET A 731 -19.26 20.07 -17.69
C MET A 731 -18.75 20.56 -19.01
N ASP A 732 -18.45 19.63 -19.93
CA ASP A 732 -18.00 19.98 -21.24
C ASP A 732 -19.09 20.74 -21.96
N GLN A 733 -20.34 20.26 -21.85
CA GLN A 733 -21.47 20.82 -22.52
C GLN A 733 -21.71 22.21 -22.01
N LEU A 734 -21.45 22.42 -20.71
CA LEU A 734 -21.65 23.68 -20.06
C LEU A 734 -20.77 24.69 -20.73
N ARG A 735 -19.58 24.27 -21.16
CA ARG A 735 -18.63 25.15 -21.76
C ARG A 735 -19.28 25.71 -22.98
N GLN A 736 -20.22 24.96 -23.56
CA GLN A 736 -20.94 25.45 -24.69
C GLN A 736 -21.75 26.65 -24.27
N GLY A 737 -22.30 26.60 -23.04
CA GLY A 737 -23.13 27.65 -22.52
C GLY A 737 -22.34 28.92 -22.47
N ILE A 738 -21.04 28.83 -22.12
CA ILE A 738 -20.21 30.01 -22.09
C ILE A 738 -20.07 30.50 -23.48
N HIS A 739 -20.11 29.56 -24.46
CA HIS A 739 -19.95 29.99 -25.81
C HIS A 739 -21.03 30.99 -26.07
N LEU A 740 -22.19 30.77 -25.43
CA LEU A 740 -23.37 31.60 -25.52
C LEU A 740 -23.29 32.93 -24.81
N ARG A 741 -22.61 32.99 -23.65
CA ARG A 741 -22.72 34.16 -22.79
C ARG A 741 -22.32 35.42 -23.51
N ALA A 742 -21.40 35.32 -24.49
CA ALA A 742 -20.86 36.49 -25.14
C ALA A 742 -21.98 37.33 -25.67
N TYR A 743 -23.10 36.73 -26.09
CA TYR A 743 -24.19 37.52 -26.61
C TYR A 743 -25.33 37.46 -25.66
N ALA A 744 -25.87 38.65 -25.33
CA ALA A 744 -26.94 38.88 -24.39
C ALA A 744 -26.24 39.59 -23.28
N GLN A 745 -26.25 38.95 -22.10
CA GLN A 745 -25.66 39.50 -20.91
C GLN A 745 -24.19 39.71 -21.05
N THR A 746 -23.61 40.04 -19.88
CA THR A 746 -22.23 40.37 -19.67
C THR A 746 -21.40 39.14 -19.94
N ASN A 747 -20.05 39.25 -19.85
CA ASN A 747 -19.19 38.10 -20.09
C ASN A 747 -18.29 37.68 -18.93
N PRO A 748 -18.59 37.76 -17.65
CA PRO A 748 -17.65 37.26 -16.66
C PRO A 748 -17.64 35.79 -16.35
N LEU A 749 -18.01 34.87 -17.26
CA LEU A 749 -18.09 33.48 -16.90
C LEU A 749 -19.26 33.36 -15.98
N ARG A 750 -20.21 34.29 -16.12
CA ARG A 750 -21.35 34.35 -15.26
C ARG A 750 -22.17 33.10 -15.34
N GLU A 751 -22.73 32.81 -16.53
CA GLU A 751 -23.71 31.77 -16.66
C GLU A 751 -23.11 30.48 -16.23
N TYR A 752 -21.80 30.34 -16.47
CA TYR A 752 -21.05 29.15 -16.16
C TYR A 752 -21.00 28.99 -14.68
N GLN A 753 -20.76 30.08 -13.93
CA GLN A 753 -20.60 29.88 -12.52
C GLN A 753 -21.87 29.40 -11.92
N MET A 754 -23.00 29.98 -12.35
CA MET A 754 -24.30 29.69 -11.79
C MET A 754 -24.43 28.23 -11.90
N GLU A 755 -24.25 27.79 -13.15
CA GLU A 755 -24.55 26.44 -13.52
C GLU A 755 -23.61 25.48 -12.87
N GLY A 756 -22.37 25.93 -12.62
CA GLY A 756 -21.41 25.02 -12.06
C GLY A 756 -21.91 24.56 -10.72
N PHE A 757 -22.39 25.51 -9.90
CA PHE A 757 -22.89 25.16 -8.60
C PHE A 757 -24.16 24.36 -8.67
N ALA A 758 -25.12 24.80 -9.51
CA ALA A 758 -26.42 24.18 -9.46
C ALA A 758 -26.28 22.74 -9.83
N MET A 759 -25.42 22.52 -10.84
CA MET A 759 -25.02 21.23 -11.30
C MET A 759 -24.45 20.46 -10.16
N PHE A 760 -23.56 21.09 -9.39
CA PHE A 760 -22.91 20.30 -8.40
C PHE A 760 -23.69 20.00 -7.15
N GLU A 761 -24.58 20.90 -6.67
CA GLU A 761 -25.39 20.53 -5.54
C GLU A 761 -26.26 19.35 -5.98
N HIS A 762 -26.74 19.33 -7.25
CA HIS A 762 -27.56 18.30 -7.85
C HIS A 762 -26.72 17.04 -7.85
N MET A 763 -25.43 17.22 -8.20
CA MET A 763 -24.48 16.15 -8.31
C MET A 763 -24.35 15.38 -7.03
N ILE A 764 -24.06 16.07 -5.90
CA ILE A 764 -23.83 15.38 -4.65
C ILE A 764 -25.02 14.67 -4.12
N GLU A 765 -26.20 15.32 -4.14
CA GLU A 765 -27.40 14.76 -3.59
C GLU A 765 -27.57 13.43 -4.26
N SER A 766 -27.26 13.40 -5.57
CA SER A 766 -27.40 12.23 -6.36
C SER A 766 -26.50 11.16 -5.80
N ILE A 767 -25.28 11.56 -5.38
CA ILE A 767 -24.30 10.62 -4.92
C ILE A 767 -24.84 9.86 -3.75
N GLU A 768 -25.42 10.56 -2.75
CA GLU A 768 -25.85 9.90 -1.56
C GLU A 768 -26.90 8.89 -1.89
N ASP A 769 -27.75 9.18 -2.91
CA ASP A 769 -28.80 8.26 -3.25
C ASP A 769 -28.22 6.96 -3.70
N GLU A 770 -27.38 6.99 -4.76
CA GLU A 770 -26.86 5.80 -5.37
C GLU A 770 -25.91 5.08 -4.48
N VAL A 771 -24.95 5.81 -3.88
CA VAL A 771 -23.94 5.20 -3.09
C VAL A 771 -24.62 4.46 -1.98
N ALA A 772 -25.75 5.02 -1.48
CA ALA A 772 -26.44 4.37 -0.39
C ALA A 772 -27.01 3.02 -0.77
N LYS A 773 -27.85 2.97 -1.82
CA LYS A 773 -28.60 1.78 -2.17
C LYS A 773 -27.64 0.68 -2.48
N PHE A 774 -26.46 1.04 -3.03
CA PHE A 774 -25.45 0.11 -3.45
C PHE A 774 -24.88 -0.65 -2.28
N VAL A 775 -24.80 -0.01 -1.10
CA VAL A 775 -24.24 -0.63 0.08
C VAL A 775 -25.05 -1.86 0.43
N MET A 776 -26.34 -1.87 0.09
CA MET A 776 -27.21 -2.97 0.40
C MET A 776 -26.98 -4.23 -0.39
N LYS A 777 -26.87 -4.13 -1.71
CA LYS A 777 -26.90 -5.32 -2.53
C LYS A 777 -25.68 -6.16 -2.30
N ALA A 778 -25.83 -7.47 -2.56
CA ALA A 778 -24.74 -8.39 -2.45
C ALA A 778 -25.06 -9.54 -3.39
N ASN B 6 35.29 -40.87 8.41
CA ASN B 6 36.31 -39.94 8.92
C ASN B 6 35.66 -38.81 9.64
N LYS B 7 35.06 -39.11 10.80
CA LYS B 7 34.43 -38.07 11.58
C LYS B 7 35.21 -37.96 12.84
N MET B 8 35.82 -36.79 13.09
CA MET B 8 36.59 -36.67 14.30
C MET B 8 37.22 -35.32 14.29
N PHE B 9 38.36 -35.22 14.98
CA PHE B 9 39.16 -34.05 15.05
C PHE B 9 39.64 -33.88 13.64
N ASP B 10 39.77 -35.02 12.94
CA ASP B 10 40.26 -35.03 11.59
C ASP B 10 39.40 -34.08 10.81
N PRO B 11 38.11 -34.05 10.97
CA PRO B 11 37.34 -33.06 10.26
C PRO B 11 37.55 -31.65 10.73
N THR B 12 37.66 -31.39 12.05
CA THR B 12 37.82 -30.03 12.49
C THR B 12 39.15 -29.53 12.04
N LYS B 13 40.20 -30.36 12.20
CA LYS B 13 41.54 -30.01 11.86
C LYS B 13 41.66 -29.84 10.38
N ARG B 14 40.95 -30.69 9.63
CA ARG B 14 41.01 -30.69 8.20
C ARG B 14 40.60 -29.32 7.80
N THR B 15 39.63 -28.79 8.55
CA THR B 15 39.07 -27.49 8.37
C THR B 15 40.17 -26.47 8.52
N LEU B 16 41.06 -26.68 9.50
CA LEU B 16 42.06 -25.70 9.82
C LEU B 16 42.89 -25.37 8.62
N ASN B 17 43.46 -26.38 7.95
CA ASN B 17 44.31 -26.13 6.83
C ASN B 17 43.50 -25.53 5.72
N ARG B 18 42.23 -25.95 5.60
CA ARG B 18 41.41 -25.48 4.52
C ARG B 18 41.37 -23.99 4.57
N TYR B 19 41.13 -23.44 5.77
CA TYR B 19 41.12 -22.01 5.95
C TYR B 19 42.49 -21.44 5.92
N GLU B 20 43.47 -22.16 6.51
CA GLU B 20 44.80 -21.64 6.60
C GLU B 20 45.25 -21.35 5.20
N LYS B 21 44.84 -22.23 4.27
CA LYS B 21 45.17 -22.03 2.88
C LYS B 21 44.45 -20.83 2.34
N ILE B 22 43.12 -20.76 2.56
CA ILE B 22 42.33 -19.71 1.98
C ILE B 22 42.81 -18.39 2.49
N ALA B 23 43.15 -18.34 3.78
CA ALA B 23 43.60 -17.14 4.43
C ALA B 23 44.89 -16.66 3.84
N ASN B 24 45.84 -17.57 3.54
CA ASN B 24 47.10 -17.11 3.03
C ASN B 24 46.86 -16.37 1.76
N ASP B 25 46.00 -16.92 0.89
CA ASP B 25 45.77 -16.34 -0.39
C ASP B 25 45.21 -14.96 -0.21
N ILE B 26 44.15 -14.84 0.60
CA ILE B 26 43.48 -13.59 0.82
C ILE B 26 44.44 -12.65 1.47
N ASP B 27 45.29 -13.17 2.37
CA ASP B 27 46.17 -12.31 3.11
C ASP B 27 47.03 -11.56 2.14
N ALA B 28 47.46 -12.22 1.06
CA ALA B 28 48.30 -11.58 0.09
C ALA B 28 47.55 -10.42 -0.51
N ILE B 29 46.23 -10.59 -0.70
CA ILE B 29 45.43 -9.58 -1.34
C ILE B 29 45.46 -8.31 -0.53
N ARG B 30 45.35 -8.43 0.79
CA ARG B 30 45.35 -7.35 1.73
C ARG B 30 46.64 -6.60 1.61
N GLY B 31 47.76 -7.33 1.40
CA GLY B 31 49.06 -6.73 1.40
C GLY B 31 49.28 -5.72 0.30
N ASP B 32 48.94 -6.06 -0.97
CA ASP B 32 49.20 -5.18 -2.09
C ASP B 32 48.33 -3.97 -2.04
N TYR B 33 47.13 -4.16 -1.50
CA TYR B 33 46.00 -3.26 -1.45
C TYR B 33 46.28 -2.03 -0.62
N GLU B 34 47.22 -2.10 0.33
CA GLU B 34 47.42 -1.03 1.27
C GLU B 34 47.69 0.27 0.59
N ASN B 35 48.07 0.27 -0.70
CA ASN B 35 48.25 1.56 -1.28
C ASN B 35 46.91 2.22 -1.30
N LEU B 36 46.73 3.17 -0.35
CA LEU B 36 45.52 3.83 0.02
C LEU B 36 44.59 3.93 -1.13
N SER B 37 43.82 2.84 -1.32
CA SER B 37 42.88 2.81 -2.41
C SER B 37 41.66 3.45 -1.89
N ASP B 38 41.50 4.74 -2.25
CA ASP B 38 40.38 5.51 -1.82
C ASP B 38 39.32 5.33 -2.85
N ASP B 39 39.28 6.26 -3.82
CA ASP B 39 38.28 6.26 -4.84
C ASP B 39 38.41 4.97 -5.59
N ALA B 40 39.64 4.44 -5.72
CA ALA B 40 39.81 3.21 -6.44
C ALA B 40 38.99 2.17 -5.74
N LEU B 41 38.94 2.24 -4.40
CA LEU B 41 38.18 1.28 -3.64
C LEU B 41 36.74 1.50 -3.96
N LYS B 42 36.31 2.77 -4.09
CA LYS B 42 34.93 3.02 -4.38
C LYS B 42 34.60 2.36 -5.67
N HIS B 43 35.51 2.42 -6.65
CA HIS B 43 35.26 1.77 -7.90
C HIS B 43 35.11 0.31 -7.62
N LYS B 44 35.88 -0.20 -6.64
CA LYS B 44 35.79 -1.58 -6.32
C LYS B 44 34.40 -1.89 -5.86
N THR B 45 33.76 -0.96 -5.13
CA THR B 45 32.45 -1.26 -4.63
C THR B 45 31.52 -1.39 -5.79
N ILE B 46 31.67 -0.51 -6.81
CA ILE B 46 30.85 -0.58 -7.97
C ILE B 46 31.20 -1.80 -8.78
N GLU B 47 32.50 -2.15 -8.87
CA GLU B 47 32.89 -3.26 -9.68
C GLU B 47 32.33 -4.55 -9.14
N PHE B 48 32.49 -4.79 -7.83
CA PHE B 48 32.02 -6.00 -7.22
C PHE B 48 30.53 -6.03 -7.28
N LYS B 49 29.88 -4.87 -7.04
CA LYS B 49 28.44 -4.87 -6.98
C LYS B 49 27.90 -5.40 -8.27
N GLU B 50 28.52 -4.99 -9.39
CA GLU B 50 28.16 -5.43 -10.70
C GLU B 50 28.55 -6.86 -10.88
N ARG B 51 29.60 -7.31 -10.15
CA ARG B 51 30.16 -8.61 -10.36
C ARG B 51 29.22 -9.76 -10.12
N LEU B 52 28.70 -9.94 -8.88
CA LEU B 52 27.84 -11.07 -8.63
C LEU B 52 26.47 -10.94 -9.22
N GLU B 53 25.68 -10.03 -8.61
CA GLU B 53 24.31 -9.81 -9.00
C GLU B 53 23.55 -11.10 -8.90
N LYS B 54 24.10 -12.12 -8.20
CA LYS B 54 23.38 -13.36 -8.12
C LYS B 54 24.06 -14.34 -7.20
N GLY B 55 23.26 -15.34 -6.78
CA GLY B 55 23.46 -16.42 -5.84
C GLY B 55 24.55 -17.34 -6.29
N ALA B 56 25.16 -17.06 -7.45
CA ALA B 56 26.13 -17.90 -8.12
C ALA B 56 27.19 -18.33 -7.15
N THR B 57 27.35 -17.63 -6.01
CA THR B 57 28.33 -17.90 -4.99
C THR B 57 29.70 -17.72 -5.54
N THR B 58 29.91 -16.54 -6.17
CA THR B 58 31.21 -16.26 -6.70
C THR B 58 32.21 -16.29 -5.59
N ASP B 59 32.95 -17.41 -5.54
CA ASP B 59 33.93 -17.64 -4.53
C ASP B 59 35.11 -16.71 -4.68
N ASP B 60 35.59 -16.51 -5.92
CA ASP B 60 36.80 -15.76 -6.16
C ASP B 60 36.64 -14.40 -5.56
N LEU B 61 35.43 -13.86 -5.69
CA LEU B 61 35.20 -12.53 -5.20
C LEU B 61 35.40 -12.50 -3.74
N LEU B 62 35.01 -13.55 -3.02
CA LEU B 62 35.07 -13.57 -1.58
C LEU B 62 36.49 -13.25 -1.16
N VAL B 63 37.49 -13.74 -1.91
CA VAL B 63 38.84 -13.46 -1.51
C VAL B 63 39.16 -11.99 -1.66
N GLU B 64 38.89 -11.37 -2.82
CA GLU B 64 39.23 -10.00 -3.06
C GLU B 64 38.32 -9.08 -2.30
N ALA B 65 37.04 -9.43 -2.21
CA ALA B 65 36.00 -8.69 -1.56
C ALA B 65 36.21 -8.66 -0.08
N PHE B 66 36.51 -9.82 0.55
CA PHE B 66 36.68 -9.80 1.97
C PHE B 66 37.85 -8.92 2.28
N ALA B 67 38.90 -8.99 1.45
CA ALA B 67 40.07 -8.21 1.71
C ALA B 67 39.64 -6.78 1.74
N VAL B 68 38.80 -6.36 0.77
CA VAL B 68 38.37 -4.99 0.75
C VAL B 68 37.62 -4.72 2.01
N VAL B 69 36.86 -5.71 2.50
CA VAL B 69 36.06 -5.48 3.68
C VAL B 69 36.94 -5.09 4.82
N ARG B 70 37.91 -5.97 5.19
CA ARG B 70 38.69 -5.75 6.37
C ARG B 70 39.38 -4.42 6.26
N GLU B 71 39.96 -4.11 5.08
CA GLU B 71 40.63 -2.86 4.89
C GLU B 71 39.62 -1.75 4.98
N ALA B 72 38.40 -1.98 4.44
CA ALA B 72 37.40 -0.94 4.43
C ALA B 72 37.19 -0.53 5.84
N SER B 73 37.26 -1.51 6.76
CA SER B 73 37.07 -1.22 8.15
C SER B 73 38.19 -0.36 8.62
N ARG B 74 39.44 -0.67 8.19
CA ARG B 74 40.60 0.04 8.65
C ARG B 74 40.40 1.49 8.35
N ARG B 75 39.82 1.80 7.18
CA ARG B 75 39.55 3.16 6.79
C ARG B 75 38.40 3.73 7.58
N VAL B 76 37.35 2.91 7.77
CA VAL B 76 36.15 3.29 8.45
C VAL B 76 36.44 3.74 9.84
N THR B 77 37.07 2.86 10.64
CA THR B 77 37.39 3.13 12.01
C THR B 77 38.49 2.19 12.41
N GLY B 78 38.15 0.99 12.89
CA GLY B 78 39.16 0.05 13.30
C GLY B 78 38.58 -1.33 13.28
N MET B 79 38.95 -2.16 14.29
CA MET B 79 38.42 -3.50 14.43
C MET B 79 38.48 -4.23 13.12
N PHE B 80 39.68 -4.60 12.67
CA PHE B 80 39.88 -5.37 11.48
C PHE B 80 41.13 -6.26 11.50
N PRO B 81 42.02 -6.25 12.50
CA PRO B 81 43.15 -7.17 12.49
C PRO B 81 43.07 -8.60 12.99
N PHE B 82 41.90 -9.29 13.12
CA PHE B 82 41.96 -10.65 13.64
C PHE B 82 41.54 -11.70 12.61
N LYS B 83 41.86 -12.99 12.91
CA LYS B 83 41.60 -14.18 12.08
C LYS B 83 40.32 -14.96 12.21
N VAL B 84 39.89 -15.35 13.43
CA VAL B 84 38.82 -16.30 13.69
C VAL B 84 37.54 -15.77 13.13
N GLN B 85 37.53 -14.44 12.99
CA GLN B 85 36.58 -13.58 12.36
C GLN B 85 36.69 -13.64 10.86
N LEU B 86 37.93 -13.51 10.34
CA LEU B 86 38.10 -13.52 8.92
C LEU B 86 37.66 -14.87 8.47
N MET B 87 38.27 -15.88 9.10
CA MET B 87 37.96 -17.25 8.86
C MET B 87 36.52 -17.32 9.26
N GLY B 88 36.12 -16.47 10.21
CA GLY B 88 34.77 -16.54 10.66
C GLY B 88 33.84 -16.35 9.51
N GLY B 89 34.00 -15.25 8.76
CA GLY B 89 33.11 -14.97 7.67
C GLY B 89 33.18 -16.13 6.72
N VAL B 90 34.37 -16.72 6.52
CA VAL B 90 34.41 -17.78 5.54
C VAL B 90 33.53 -18.92 5.92
N ALA B 91 33.76 -19.54 7.10
CA ALA B 91 32.95 -20.67 7.50
C ALA B 91 31.54 -20.17 7.55
N LEU B 92 31.37 -18.88 7.90
CA LEU B 92 30.07 -18.30 7.98
C LEU B 92 29.38 -18.44 6.66
N HIS B 93 30.09 -18.14 5.57
CA HIS B 93 29.49 -18.21 4.27
C HIS B 93 29.05 -19.63 4.09
N ASP B 94 29.80 -20.56 4.73
CA ASP B 94 29.55 -21.98 4.72
C ASP B 94 28.36 -22.38 5.56
N GLY B 95 28.06 -21.67 6.68
CA GLY B 95 26.94 -22.09 7.50
C GLY B 95 27.35 -23.04 8.62
N ASN B 96 27.97 -22.48 9.69
CA ASN B 96 28.42 -23.22 10.84
C ASN B 96 28.48 -22.25 11.99
N ILE B 97 29.63 -22.19 12.70
CA ILE B 97 29.83 -21.24 13.78
C ILE B 97 31.31 -21.08 14.09
N ALA B 98 31.91 -19.92 13.77
CA ALA B 98 33.28 -19.67 14.13
C ALA B 98 33.25 -18.91 15.42
N GLU B 99 34.43 -18.68 16.04
CA GLU B 99 34.53 -17.80 17.18
C GLU B 99 34.51 -18.51 18.50
N MET B 100 34.20 -17.73 19.58
CA MET B 100 34.15 -18.19 20.94
C MET B 100 33.99 -16.99 21.84
N LYS B 101 34.43 -15.79 21.36
CA LYS B 101 34.27 -14.49 21.99
C LYS B 101 35.60 -13.81 22.22
N THR B 102 35.58 -12.61 22.84
CA THR B 102 36.73 -11.80 23.13
C THR B 102 37.56 -11.53 21.91
N GLY B 103 37.58 -10.26 21.46
CA GLY B 103 38.38 -9.92 20.31
C GLY B 103 37.71 -10.54 19.16
N GLU B 104 38.24 -11.69 18.72
CA GLU B 104 37.78 -12.47 17.60
C GLU B 104 37.23 -11.58 16.54
N GLY B 105 35.91 -11.28 16.59
CA GLY B 105 35.46 -10.38 15.56
C GLY B 105 34.08 -9.98 15.85
N LYS B 106 33.04 -10.76 15.47
CA LYS B 106 31.63 -10.55 15.73
C LYS B 106 31.14 -9.26 15.10
N THR B 107 31.74 -8.13 15.49
CA THR B 107 31.42 -6.87 14.92
C THR B 107 31.81 -6.92 13.49
N LEU B 108 33.13 -7.02 13.24
CA LEU B 108 33.68 -7.03 11.92
C LEU B 108 33.38 -8.34 11.26
N THR B 109 33.36 -9.44 12.06
CA THR B 109 33.22 -10.74 11.47
C THR B 109 31.99 -10.78 10.62
N SER B 110 30.82 -10.48 11.21
CA SER B 110 29.57 -10.58 10.52
C SER B 110 29.62 -9.72 9.29
N THR B 111 30.17 -8.51 9.42
CA THR B 111 30.19 -7.57 8.33
C THR B 111 30.77 -8.20 7.10
N LEU B 112 31.81 -9.05 7.24
CA LEU B 112 32.45 -9.60 6.08
C LEU B 112 31.49 -10.41 5.23
N PRO B 113 30.93 -11.51 5.67
CA PRO B 113 30.07 -12.30 4.84
C PRO B 113 28.81 -11.55 4.52
N VAL B 114 28.42 -10.59 5.38
CA VAL B 114 27.20 -9.85 5.16
C VAL B 114 27.34 -9.09 3.89
N TYR B 115 28.55 -8.55 3.64
CA TYR B 115 28.79 -7.75 2.46
C TYR B 115 28.69 -8.58 1.20
N LEU B 116 29.37 -9.74 1.13
CA LEU B 116 29.35 -10.50 -0.08
C LEU B 116 27.97 -10.98 -0.42
N ASN B 117 27.29 -11.63 0.53
CA ASN B 117 26.02 -12.23 0.24
C ASN B 117 25.01 -11.20 -0.17
N ALA B 118 24.96 -10.06 0.54
CA ALA B 118 23.96 -9.05 0.34
C ALA B 118 23.99 -8.59 -1.08
N LEU B 119 25.16 -8.59 -1.71
CA LEU B 119 25.38 -8.05 -3.03
C LEU B 119 24.38 -8.65 -3.97
N THR B 120 23.82 -9.83 -3.64
CA THR B 120 22.87 -10.45 -4.52
C THR B 120 21.75 -9.48 -4.78
N GLY B 121 21.43 -8.64 -3.78
CA GLY B 121 20.41 -7.67 -3.98
C GLY B 121 19.13 -8.19 -3.39
N LYS B 122 19.22 -9.38 -2.75
CA LYS B 122 18.12 -9.99 -2.06
C LYS B 122 17.88 -9.33 -0.74
N GLY B 123 18.98 -9.04 0.01
CA GLY B 123 18.92 -8.53 1.35
C GLY B 123 19.21 -9.71 2.23
N VAL B 124 19.98 -9.52 3.33
CA VAL B 124 20.37 -10.65 4.13
C VAL B 124 19.85 -10.53 5.52
N HIS B 125 19.71 -11.68 6.21
CA HIS B 125 19.16 -11.64 7.54
C HIS B 125 20.27 -11.81 8.53
N VAL B 126 20.20 -11.03 9.63
CA VAL B 126 21.17 -11.17 10.69
C VAL B 126 20.42 -11.38 11.97
N VAL B 127 20.42 -12.64 12.46
CA VAL B 127 19.74 -13.00 13.66
C VAL B 127 20.51 -12.46 14.82
N THR B 128 19.81 -11.66 15.66
CA THR B 128 20.45 -11.07 16.82
C THR B 128 19.47 -11.28 17.94
N VAL B 129 19.95 -11.48 19.18
CA VAL B 129 19.01 -11.78 20.22
C VAL B 129 18.02 -10.68 20.52
N ASN B 130 18.47 -9.47 20.95
CA ASN B 130 17.48 -8.51 21.36
C ASN B 130 17.63 -7.20 20.65
N GLU B 131 16.52 -6.42 20.65
CA GLU B 131 16.35 -5.20 19.91
C GLU B 131 17.46 -4.26 20.22
N TYR B 132 17.88 -4.17 21.49
CA TYR B 132 18.93 -3.25 21.87
C TYR B 132 20.13 -3.59 21.04
N LEU B 133 20.35 -4.89 20.81
CA LEU B 133 21.40 -5.43 19.98
C LEU B 133 21.18 -5.11 18.54
N ALA B 134 19.93 -5.09 18.07
CA ALA B 134 19.67 -4.86 16.68
C ALA B 134 20.30 -3.55 16.36
N SER B 135 20.17 -2.59 17.29
CA SER B 135 20.79 -1.32 17.12
C SER B 135 22.29 -1.47 17.22
N ARG B 136 22.77 -2.40 18.07
CA ARG B 136 24.17 -2.52 18.33
C ARG B 136 24.97 -2.72 17.07
N ASP B 137 24.90 -3.91 16.47
CA ASP B 137 25.70 -4.21 15.32
C ASP B 137 25.32 -3.28 14.22
N ALA B 138 24.04 -2.84 14.23
CA ALA B 138 23.55 -2.05 13.15
C ALA B 138 24.41 -0.83 12.96
N GLU B 139 24.70 -0.08 14.04
CA GLU B 139 25.52 1.10 13.95
C GLU B 139 27.00 0.82 14.02
N GLN B 140 27.43 -0.19 14.81
CA GLN B 140 28.83 -0.33 15.07
C GLN B 140 29.61 -0.50 13.81
N MET B 141 29.13 -1.38 12.92
CA MET B 141 29.69 -1.68 11.63
C MET B 141 29.35 -0.66 10.58
N GLY B 142 28.37 0.21 10.85
CA GLY B 142 27.76 1.04 9.83
C GLY B 142 28.74 1.77 8.94
N LYS B 143 29.90 2.25 9.40
CA LYS B 143 30.66 3.09 8.52
C LYS B 143 31.09 2.42 7.24
N ILE B 144 31.56 1.16 7.27
CA ILE B 144 32.00 0.46 6.10
C ILE B 144 30.88 0.44 5.09
N PHE B 145 29.63 0.41 5.56
CA PHE B 145 28.47 0.36 4.71
C PHE B 145 28.36 1.56 3.83
N GLU B 146 28.38 2.78 4.41
CA GLU B 146 28.23 3.92 3.56
C GLU B 146 29.42 3.93 2.66
N PHE B 147 30.55 3.40 3.17
CA PHE B 147 31.74 3.36 2.37
C PHE B 147 31.45 2.54 1.14
N LEU B 148 30.99 1.30 1.37
CA LEU B 148 30.62 0.33 0.39
C LEU B 148 29.32 0.75 -0.26
N GLY B 149 28.78 1.91 0.14
CA GLY B 149 27.61 2.43 -0.51
C GLY B 149 26.47 1.47 -0.44
N LEU B 150 25.83 1.35 0.75
CA LEU B 150 24.74 0.41 0.87
C LEU B 150 23.67 1.02 1.73
N THR B 151 22.51 0.32 1.84
CA THR B 151 21.43 0.76 2.68
C THR B 151 21.24 -0.23 3.77
N VAL B 152 21.63 0.12 5.02
CA VAL B 152 21.46 -0.80 6.11
C VAL B 152 20.00 -0.87 6.41
N GLY B 153 19.57 -1.81 7.28
CA GLY B 153 18.16 -1.85 7.56
C GLY B 153 17.88 -2.72 8.74
N LEU B 154 17.42 -2.14 9.87
CA LEU B 154 17.15 -2.94 11.03
C LEU B 154 15.72 -2.77 11.46
N ASN B 155 15.13 -3.84 12.03
CA ASN B 155 13.75 -3.85 12.46
C ASN B 155 13.71 -3.84 13.97
N LEU B 156 12.57 -3.41 14.55
CA LEU B 156 12.48 -3.28 15.99
C LEU B 156 11.02 -3.43 16.36
N ASN B 157 10.73 -3.70 17.65
CA ASN B 157 9.43 -4.11 18.13
C ASN B 157 8.33 -3.27 17.56
N SER B 158 8.33 -1.95 17.77
CA SER B 158 7.28 -1.21 17.18
C SER B 158 7.60 -0.84 15.77
N MET B 159 8.84 -0.36 15.56
CA MET B 159 9.14 0.18 14.27
C MET B 159 10.61 0.09 14.01
N SER B 160 10.98 0.47 12.78
CA SER B 160 12.31 0.81 12.34
C SER B 160 11.87 2.18 11.92
N LYS B 161 12.66 3.28 12.02
CA LYS B 161 12.09 4.61 11.86
C LYS B 161 11.36 4.73 10.55
N ASP B 162 11.92 4.17 9.47
CA ASP B 162 11.25 4.21 8.20
C ASP B 162 10.18 3.16 8.24
N GLU B 163 9.86 2.53 7.08
CA GLU B 163 8.79 1.58 7.08
C GLU B 163 9.35 0.22 6.79
N LYS B 164 8.50 -0.81 6.97
CA LYS B 164 8.84 -2.20 6.82
C LYS B 164 9.30 -2.47 5.42
N ARG B 165 8.62 -1.90 4.41
CA ARG B 165 8.91 -2.22 3.04
C ARG B 165 10.33 -1.90 2.70
N GLU B 166 10.70 -0.62 2.84
CA GLU B 166 11.99 -0.16 2.43
C GLU B 166 12.98 -0.87 3.26
N ALA B 167 12.61 -1.16 4.51
CA ALA B 167 13.58 -1.72 5.39
C ALA B 167 14.11 -3.02 4.88
N TYR B 168 13.24 -4.01 4.60
CA TYR B 168 13.75 -5.29 4.17
C TYR B 168 14.40 -5.22 2.83
N ALA B 169 13.73 -4.61 1.85
CA ALA B 169 14.16 -4.56 0.49
C ALA B 169 15.52 -3.95 0.45
N ALA B 170 15.85 -3.14 1.47
CA ALA B 170 17.12 -2.47 1.56
C ALA B 170 18.21 -3.50 1.57
N ASP B 171 19.48 -3.05 1.68
CA ASP B 171 20.55 -4.01 1.63
C ASP B 171 20.56 -4.99 2.78
N ILE B 172 21.06 -4.55 3.95
CA ILE B 172 21.28 -5.46 5.04
C ILE B 172 20.11 -5.39 5.97
N THR B 173 19.63 -6.57 6.45
CA THR B 173 18.49 -6.61 7.31
C THR B 173 18.88 -7.06 8.70
N TYR B 174 19.06 -6.10 9.62
CA TYR B 174 19.38 -6.37 11.01
C TYR B 174 18.15 -6.47 11.84
N SER B 175 18.12 -7.45 12.77
CA SER B 175 16.96 -7.49 13.62
C SER B 175 17.00 -8.67 14.55
N THR B 176 15.97 -8.70 15.42
CA THR B 176 15.79 -9.73 16.39
C THR B 176 14.85 -10.74 15.82
N ASN B 177 15.14 -12.03 16.10
CA ASN B 177 14.43 -13.13 15.54
C ASN B 177 12.98 -13.03 15.87
N ASN B 178 12.66 -12.70 17.14
CA ASN B 178 11.31 -12.67 17.60
C ASN B 178 10.55 -11.80 16.67
N GLU B 179 11.16 -10.65 16.30
CA GLU B 179 10.54 -9.74 15.38
C GLU B 179 10.44 -10.33 14.01
N LEU B 180 11.56 -10.89 13.50
CA LEU B 180 11.65 -11.38 12.16
C LEU B 180 10.54 -12.36 11.98
N GLY B 181 10.26 -13.16 13.03
CA GLY B 181 9.18 -14.10 12.90
C GLY B 181 7.89 -13.35 12.73
N PHE B 182 7.64 -12.35 13.59
CA PHE B 182 6.40 -11.63 13.57
C PHE B 182 6.25 -10.93 12.26
N ASP B 183 7.35 -10.45 11.67
CA ASP B 183 7.21 -9.74 10.44
C ASP B 183 6.69 -10.71 9.43
N TYR B 184 7.34 -11.90 9.39
CA TYR B 184 7.09 -12.89 8.40
C TYR B 184 5.63 -13.20 8.42
N LEU B 185 5.10 -13.42 9.63
CA LEU B 185 3.72 -13.75 9.89
C LEU B 185 2.84 -12.59 9.54
N ARG B 186 3.35 -11.35 9.66
CA ARG B 186 2.58 -10.14 9.47
C ARG B 186 1.93 -10.25 8.12
N ASP B 187 2.57 -11.05 7.25
CA ASP B 187 2.31 -11.40 5.88
C ASP B 187 1.06 -12.25 5.74
N ASN B 188 0.08 -12.19 6.67
CA ASN B 188 -1.06 -13.07 6.51
C ASN B 188 -2.37 -12.37 6.21
N MET B 189 -2.93 -11.62 7.17
CA MET B 189 -4.22 -10.99 7.05
C MET B 189 -4.16 -9.94 5.99
N VAL B 190 -2.95 -9.51 5.62
CA VAL B 190 -2.74 -8.41 4.73
C VAL B 190 -3.63 -8.53 3.52
N LEU B 191 -4.63 -7.62 3.44
CA LEU B 191 -5.58 -7.57 2.38
C LEU B 191 -4.91 -7.17 1.11
N TYR B 192 -3.75 -6.51 1.21
CA TYR B 192 -3.06 -6.05 0.04
C TYR B 192 -1.79 -6.83 -0.06
N LYS B 193 -0.95 -6.51 -1.08
CA LYS B 193 0.30 -7.20 -1.24
C LYS B 193 1.37 -6.18 -1.47
N GLU B 194 0.96 -4.91 -1.57
CA GLU B 194 1.89 -3.85 -1.81
C GLU B 194 2.80 -3.90 -0.62
N GLN B 195 2.26 -4.37 0.52
CA GLN B 195 3.03 -4.49 1.73
C GLN B 195 4.23 -5.36 1.48
N MET B 196 5.39 -4.70 1.50
CA MET B 196 6.68 -5.23 1.25
C MET B 196 7.05 -6.15 2.34
N VAL B 197 6.18 -6.26 3.36
CA VAL B 197 6.34 -7.06 4.55
C VAL B 197 7.20 -8.27 4.27
N GLN B 198 8.51 -8.07 4.48
CA GLN B 198 9.57 -8.99 4.23
C GLN B 198 9.65 -9.42 2.79
N ARG B 199 10.81 -9.11 2.16
CA ARG B 199 11.08 -9.63 0.86
C ARG B 199 11.66 -10.97 1.21
N PRO B 200 11.44 -11.98 0.40
CA PRO B 200 11.69 -13.37 0.74
C PRO B 200 12.82 -13.68 1.69
N LEU B 201 12.62 -14.67 2.59
CA LEU B 201 13.60 -14.86 3.63
C LEU B 201 14.37 -16.15 3.59
N HIS B 202 15.60 -16.14 3.03
CA HIS B 202 16.51 -17.25 3.08
C HIS B 202 17.67 -17.24 4.07
N PHE B 203 18.60 -16.26 3.93
CA PHE B 203 19.93 -16.39 4.50
C PHE B 203 20.03 -15.67 5.80
N ALA B 204 20.82 -16.21 6.76
CA ALA B 204 20.98 -15.51 8.01
C ALA B 204 22.16 -16.01 8.79
N VAL B 205 22.84 -15.07 9.48
CA VAL B 205 23.96 -15.37 10.33
C VAL B 205 23.48 -15.07 11.72
N ILE B 206 23.78 -15.96 12.68
CA ILE B 206 23.22 -15.75 13.98
C ILE B 206 24.25 -15.32 14.99
N ASP B 207 24.03 -14.10 15.53
CA ASP B 207 24.88 -13.53 16.53
C ASP B 207 24.45 -14.10 17.84
N GLU B 208 25.34 -14.91 18.45
CA GLU B 208 25.06 -15.61 19.67
C GLU B 208 24.01 -16.67 19.45
N VAL B 209 24.34 -17.59 18.53
CA VAL B 209 23.63 -18.73 18.01
C VAL B 209 23.25 -19.59 19.15
N ASP B 210 24.02 -19.56 20.24
CA ASP B 210 23.80 -20.46 21.34
C ASP B 210 22.38 -20.32 21.77
N SER B 211 21.77 -19.16 21.47
CA SER B 211 20.39 -18.84 21.63
C SER B 211 19.47 -19.24 20.47
N ILE B 212 19.95 -19.22 19.21
CA ILE B 212 19.09 -19.34 18.05
C ILE B 212 18.33 -20.62 18.20
N LEU B 213 18.94 -21.60 18.89
CA LEU B 213 18.37 -22.86 19.26
C LEU B 213 17.41 -22.81 20.44
N ILE B 214 17.82 -22.11 21.50
CA ILE B 214 17.18 -22.09 22.79
C ILE B 214 15.75 -21.67 22.66
N ASP B 215 15.40 -20.90 21.60
CA ASP B 215 14.07 -20.39 21.39
C ASP B 215 13.12 -21.53 21.14
N GLU B 216 12.76 -22.28 22.20
CA GLU B 216 11.92 -23.44 22.04
C GLU B 216 10.56 -23.05 21.57
N ALA B 217 9.76 -22.42 22.46
CA ALA B 217 8.37 -22.15 22.19
C ALA B 217 8.28 -21.40 20.91
N ARG B 218 7.24 -21.72 20.12
CA ARG B 218 7.03 -21.20 18.80
C ARG B 218 6.88 -19.71 18.83
N THR B 219 6.87 -19.10 17.62
CA THR B 219 6.67 -17.68 17.48
C THR B 219 5.27 -17.43 17.00
N PRO B 220 4.35 -17.17 17.90
CA PRO B 220 3.02 -16.83 17.44
C PRO B 220 2.67 -15.37 17.49
N LEU B 221 2.03 -14.83 16.44
CA LEU B 221 1.60 -13.47 16.46
C LEU B 221 0.12 -13.57 16.68
N ILE B 222 -0.40 -12.98 17.78
CA ILE B 222 -1.82 -13.01 18.03
C ILE B 222 -2.29 -11.64 18.43
N ILE B 223 -3.11 -10.96 17.59
CA ILE B 223 -3.68 -9.70 17.99
C ILE B 223 -5.15 -9.67 18.33
N SER B 224 -5.98 -10.10 17.35
CA SER B 224 -7.39 -9.82 17.36
C SER B 224 -8.15 -10.70 18.29
N GLY B 225 -8.68 -10.10 19.38
CA GLY B 225 -9.43 -10.92 20.29
C GLY B 225 -10.75 -10.25 20.54
N GLN B 226 -11.81 -10.73 19.87
CA GLN B 226 -13.09 -10.13 20.09
C GLN B 226 -13.75 -10.95 21.15
N ALA B 227 -13.66 -10.46 22.40
CA ALA B 227 -14.21 -11.24 23.49
C ALA B 227 -15.64 -10.87 23.68
N ALA B 228 -16.52 -11.86 23.50
CA ALA B 228 -17.93 -11.70 23.75
C ALA B 228 -18.13 -11.59 25.22
N LYS B 229 -17.37 -12.42 25.96
CA LYS B 229 -17.36 -12.68 27.38
C LYS B 229 -16.76 -11.57 28.20
N SER B 230 -16.12 -10.57 27.56
CA SER B 230 -15.30 -9.62 28.27
C SER B 230 -15.96 -9.03 29.48
N THR B 231 -17.23 -8.61 29.40
CA THR B 231 -17.87 -8.02 30.55
C THR B 231 -17.93 -9.03 31.66
N LYS B 232 -18.24 -10.30 31.31
CA LYS B 232 -18.35 -11.32 32.31
C LYS B 232 -17.03 -11.52 32.95
N LEU B 233 -15.97 -11.55 32.14
CA LEU B 233 -14.66 -11.88 32.62
C LEU B 233 -14.31 -10.88 33.67
N TYR B 234 -14.66 -9.60 33.45
CA TYR B 234 -14.24 -8.60 34.39
C TYR B 234 -14.80 -8.89 35.75
N VAL B 235 -16.13 -8.98 35.87
CA VAL B 235 -16.73 -9.20 37.15
C VAL B 235 -16.37 -10.56 37.63
N GLN B 236 -16.47 -11.56 36.73
CA GLN B 236 -16.29 -12.93 37.10
C GLN B 236 -14.90 -13.17 37.60
N ALA B 237 -13.88 -12.68 36.88
CA ALA B 237 -12.52 -12.94 37.27
C ALA B 237 -12.28 -12.34 38.62
N ASN B 238 -12.90 -11.18 38.90
CA ASN B 238 -12.69 -10.50 40.14
C ASN B 238 -13.02 -11.48 41.23
N ALA B 239 -14.19 -12.12 41.14
CA ALA B 239 -14.57 -13.06 42.15
C ALA B 239 -13.62 -14.21 42.15
N PHE B 240 -13.23 -14.65 40.94
CA PHE B 240 -12.45 -15.86 40.87
C PHE B 240 -11.17 -15.73 41.65
N VAL B 241 -10.30 -14.76 41.31
CA VAL B 241 -9.00 -14.71 41.93
C VAL B 241 -9.15 -14.61 43.41
N ARG B 242 -10.11 -13.81 43.88
CA ARG B 242 -10.23 -13.69 45.30
C ARG B 242 -10.53 -15.04 45.89
N THR B 243 -11.27 -15.90 45.16
CA THR B 243 -11.61 -17.17 45.76
C THR B 243 -10.37 -17.93 46.11
N LEU B 244 -9.44 -18.07 45.17
CA LEU B 244 -8.27 -18.86 45.41
C LEU B 244 -7.53 -18.25 46.56
N LYS B 245 -7.57 -16.91 46.67
CA LYS B 245 -6.87 -16.25 47.75
C LYS B 245 -7.37 -16.82 49.03
N ALA B 246 -8.65 -17.21 49.06
CA ALA B 246 -9.25 -17.74 50.24
C ALA B 246 -8.48 -18.96 50.67
N GLU B 247 -7.92 -19.72 49.71
CA GLU B 247 -7.27 -20.96 50.05
C GLU B 247 -5.83 -20.76 50.40
N LYS B 248 -5.28 -21.77 51.13
CA LYS B 248 -3.95 -21.77 51.69
C LYS B 248 -2.94 -22.33 50.72
N ASP B 249 -1.73 -22.55 51.26
CA ASP B 249 -0.52 -22.95 50.61
C ASP B 249 -0.61 -24.31 49.98
N TYR B 250 -1.25 -25.29 50.64
CA TYR B 250 -1.16 -26.62 50.13
C TYR B 250 -2.10 -26.80 48.99
N THR B 251 -1.67 -26.28 47.81
CA THR B 251 -2.13 -26.40 46.45
C THR B 251 -1.24 -27.30 45.63
N TYR B 252 -0.02 -27.58 46.13
CA TYR B 252 1.01 -28.31 45.42
C TYR B 252 1.23 -27.85 44.01
N ASP B 253 2.20 -26.91 43.82
CA ASP B 253 2.53 -26.45 42.48
C ASP B 253 4.03 -26.48 42.31
N ILE B 254 4.56 -27.43 41.50
CA ILE B 254 5.99 -27.50 41.30
C ILE B 254 6.30 -28.22 40.00
N LYS B 255 7.54 -28.03 39.49
CA LYS B 255 8.17 -28.79 38.44
C LYS B 255 7.50 -28.59 37.13
N THR B 256 6.30 -28.00 37.14
CA THR B 256 5.57 -27.82 35.92
C THR B 256 4.53 -26.78 36.23
N LYS B 257 3.96 -26.20 35.18
CA LYS B 257 2.96 -25.17 35.22
C LYS B 257 1.64 -25.72 35.67
N ALA B 258 1.48 -27.05 35.77
CA ALA B 258 0.19 -27.61 36.14
C ALA B 258 -0.04 -27.54 37.62
N VAL B 259 -1.33 -27.41 38.03
CA VAL B 259 -1.68 -27.32 39.44
C VAL B 259 -3.08 -27.84 39.70
N GLN B 260 -3.27 -28.47 40.89
CA GLN B 260 -4.55 -28.96 41.36
C GLN B 260 -4.40 -29.17 42.84
N LEU B 261 -5.51 -29.34 43.60
CA LEU B 261 -5.30 -29.51 45.00
C LEU B 261 -6.19 -30.59 45.56
N THR B 262 -5.75 -31.23 46.65
CA THR B 262 -6.36 -32.36 47.31
C THR B 262 -7.51 -31.96 48.16
N GLU B 263 -7.54 -32.45 49.41
CA GLU B 263 -8.68 -32.35 50.28
C GLU B 263 -9.15 -30.93 50.46
N GLU B 264 -8.25 -30.01 50.85
CA GLU B 264 -8.69 -28.67 51.06
C GLU B 264 -9.15 -28.18 49.72
N GLY B 265 -8.52 -28.67 48.64
CA GLY B 265 -8.91 -28.19 47.36
C GLY B 265 -10.34 -28.54 47.04
N MET B 266 -10.70 -29.84 47.17
CA MET B 266 -12.02 -30.24 46.84
C MET B 266 -12.91 -29.51 47.77
N THR B 267 -12.50 -29.43 49.05
CA THR B 267 -13.36 -28.83 50.02
C THR B 267 -13.60 -27.41 49.64
N LYS B 268 -12.55 -26.70 49.16
CA LYS B 268 -12.70 -25.31 48.80
C LYS B 268 -13.67 -25.20 47.67
N ALA B 269 -13.59 -26.15 46.71
CA ALA B 269 -14.44 -26.07 45.57
C ALA B 269 -15.86 -26.07 46.05
N GLU B 270 -16.19 -26.95 47.02
CA GLU B 270 -17.53 -26.90 47.53
C GLU B 270 -17.70 -25.69 48.39
N LYS B 271 -16.61 -25.26 49.06
CA LYS B 271 -16.71 -24.19 50.01
C LYS B 271 -17.24 -22.97 49.34
N ALA B 272 -16.85 -22.72 48.08
CA ALA B 272 -17.34 -21.52 47.45
C ALA B 272 -18.26 -21.98 46.37
N PHE B 273 -19.17 -21.07 45.93
CA PHE B 273 -20.29 -21.29 45.04
C PHE B 273 -20.07 -22.52 44.22
N GLY B 274 -20.97 -23.52 44.38
CA GLY B 274 -20.68 -24.80 43.79
C GLY B 274 -20.67 -25.86 44.86
N ILE B 275 -21.82 -25.98 45.55
CA ILE B 275 -22.11 -26.93 46.60
C ILE B 275 -21.96 -28.30 46.02
N ASP B 276 -22.15 -28.42 44.69
CA ASP B 276 -22.09 -29.68 43.99
C ASP B 276 -20.77 -30.35 44.20
N ASN B 277 -20.80 -31.51 44.90
CA ASN B 277 -19.61 -32.28 45.15
C ASN B 277 -19.06 -32.79 43.85
N LEU B 278 -19.92 -33.44 43.03
CA LEU B 278 -19.40 -33.96 41.80
C LEU B 278 -19.46 -32.85 40.80
N PHE B 279 -18.40 -32.01 40.85
CA PHE B 279 -18.22 -30.85 40.03
C PHE B 279 -17.92 -31.20 38.61
N ASP B 280 -17.19 -32.30 38.41
CA ASP B 280 -16.63 -32.62 37.13
C ASP B 280 -17.67 -32.74 36.06
N VAL B 281 -18.85 -33.31 36.34
CA VAL B 281 -19.72 -33.56 35.23
C VAL B 281 -20.16 -32.30 34.54
N LYS B 282 -19.64 -32.13 33.31
CA LYS B 282 -20.05 -31.09 32.41
C LYS B 282 -20.02 -29.78 33.12
N HIS B 283 -19.18 -29.61 34.15
CA HIS B 283 -19.19 -28.33 34.78
C HIS B 283 -17.80 -27.98 35.19
N VAL B 284 -16.80 -28.44 34.42
CA VAL B 284 -15.42 -28.20 34.70
C VAL B 284 -15.15 -26.74 34.50
N ALA B 285 -16.00 -26.08 33.70
CA ALA B 285 -15.74 -24.71 33.30
C ALA B 285 -15.58 -23.87 34.53
N LEU B 286 -16.41 -24.08 35.56
CA LEU B 286 -16.28 -23.30 36.75
C LEU B 286 -14.94 -23.58 37.34
N ASN B 287 -14.58 -24.87 37.41
CA ASN B 287 -13.32 -25.25 37.97
C ASN B 287 -12.26 -24.54 37.20
N HIS B 288 -12.51 -24.33 35.90
CA HIS B 288 -11.53 -23.71 35.06
C HIS B 288 -11.21 -22.37 35.65
N HIS B 289 -12.24 -21.61 36.10
CA HIS B 289 -11.95 -20.30 36.61
C HIS B 289 -11.07 -20.38 37.82
N ILE B 290 -11.31 -21.34 38.73
CA ILE B 290 -10.54 -21.38 39.94
C ILE B 290 -9.11 -21.69 39.62
N ASN B 291 -8.89 -22.70 38.77
CA ASN B 291 -7.54 -23.07 38.45
C ASN B 291 -6.89 -21.89 37.82
N GLN B 292 -7.63 -21.12 37.00
CA GLN B 292 -7.03 -20.01 36.31
C GLN B 292 -6.34 -19.12 37.30
N ALA B 293 -7.11 -18.53 38.25
CA ALA B 293 -6.52 -17.60 39.17
C ALA B 293 -5.44 -18.29 39.93
N LEU B 294 -5.72 -19.53 40.38
CA LEU B 294 -4.83 -20.25 41.24
C LEU B 294 -3.51 -20.29 40.56
N LYS B 295 -3.49 -20.68 39.28
CA LYS B 295 -2.26 -20.71 38.55
C LYS B 295 -1.72 -19.31 38.47
N ALA B 296 -2.55 -18.30 38.16
CA ALA B 296 -2.00 -16.99 37.95
C ALA B 296 -1.31 -16.47 39.17
N HIS B 297 -2.02 -16.42 40.31
CA HIS B 297 -1.47 -15.86 41.50
C HIS B 297 -0.19 -16.57 41.86
N VAL B 298 -0.13 -17.89 41.63
CA VAL B 298 1.05 -18.67 41.94
C VAL B 298 2.16 -18.79 40.94
N ALA B 299 1.84 -19.25 39.72
CA ALA B 299 2.78 -19.71 38.72
C ALA B 299 3.71 -18.63 38.29
N MET B 300 3.20 -17.42 38.01
CA MET B 300 4.10 -16.39 37.61
C MET B 300 3.86 -15.26 38.52
N GLN B 301 4.87 -14.91 39.34
CA GLN B 301 4.66 -13.87 40.30
C GLN B 301 4.31 -12.66 39.51
N LYS B 302 3.42 -11.82 40.07
CA LYS B 302 2.93 -10.67 39.37
C LYS B 302 4.13 -9.86 39.02
N ASP B 303 5.20 -9.99 39.83
CA ASP B 303 6.45 -9.29 39.71
C ASP B 303 7.32 -9.76 38.57
N VAL B 304 6.99 -10.90 37.93
CA VAL B 304 7.63 -11.36 36.72
C VAL B 304 7.03 -10.63 35.54
N ASP B 305 5.70 -10.48 35.64
CA ASP B 305 4.64 -9.88 34.85
C ASP B 305 4.44 -8.44 35.22
N TYR B 306 5.47 -7.78 35.79
CA TYR B 306 5.48 -6.46 36.35
C TYR B 306 4.67 -5.44 35.57
N VAL B 307 4.33 -4.32 36.24
CA VAL B 307 3.64 -3.21 35.61
C VAL B 307 4.55 -2.02 35.71
N VAL B 308 4.79 -1.33 34.58
CA VAL B 308 5.68 -0.21 34.62
C VAL B 308 5.00 0.87 35.42
N GLU B 309 5.80 1.84 35.91
CA GLU B 309 5.30 2.85 36.80
C GLU B 309 4.07 3.48 36.22
N ASP B 310 2.93 3.17 36.85
CA ASP B 310 1.62 3.68 36.54
C ASP B 310 1.26 3.34 35.12
N GLY B 311 2.09 2.55 34.44
CA GLY B 311 1.74 2.19 33.11
C GLY B 311 0.48 1.40 33.26
N GLN B 312 0.43 0.65 34.38
CA GLN B 312 -0.70 -0.15 34.70
C GLN B 312 -0.81 -1.21 33.65
N VAL B 313 0.24 -1.38 32.81
CA VAL B 313 0.15 -2.35 31.76
C VAL B 313 0.92 -3.55 32.22
N VAL B 314 0.22 -4.68 32.43
CA VAL B 314 0.92 -5.84 32.89
C VAL B 314 1.70 -6.37 31.72
N ILE B 315 3.03 -6.23 31.82
CA ILE B 315 3.91 -6.60 30.73
C ILE B 315 4.73 -7.76 31.16
N VAL B 316 4.92 -8.73 30.24
CA VAL B 316 5.70 -9.90 30.56
C VAL B 316 7.08 -9.73 29.97
N ASP B 317 8.07 -9.73 30.87
CA ASP B 317 9.49 -9.68 30.67
C ASP B 317 10.09 -11.05 30.54
N SER B 318 9.31 -12.11 30.78
CA SER B 318 9.84 -13.45 30.91
C SER B 318 10.55 -13.89 29.66
N PHE B 319 11.00 -15.17 29.70
CA PHE B 319 11.67 -15.82 28.59
C PHE B 319 12.83 -15.02 28.05
N THR B 320 13.85 -14.75 28.89
CA THR B 320 15.08 -14.16 28.45
C THR B 320 14.83 -12.87 27.73
N GLY B 321 13.67 -12.24 27.95
CA GLY B 321 13.38 -11.04 27.22
C GLY B 321 13.92 -9.86 27.97
N ARG B 322 13.27 -8.70 27.77
CA ARG B 322 13.54 -7.50 28.48
C ARG B 322 12.38 -6.59 28.19
N LEU B 323 11.25 -6.82 28.87
CA LEU B 323 10.04 -6.05 28.70
C LEU B 323 9.48 -5.98 27.30
N MET B 324 8.49 -6.86 27.00
CA MET B 324 7.75 -6.84 25.77
C MET B 324 6.40 -6.25 26.02
N LYS B 325 6.09 -5.14 25.31
CA LYS B 325 4.87 -4.40 25.50
C LYS B 325 3.69 -5.24 25.10
N GLY B 326 2.58 -5.03 25.82
CA GLY B 326 1.29 -5.68 25.73
C GLY B 326 1.27 -6.92 24.89
N ARG B 327 0.99 -8.06 25.54
CA ARG B 327 0.88 -9.32 24.84
C ARG B 327 0.77 -10.39 25.89
N ARG B 328 0.45 -11.63 25.46
CA ARG B 328 0.40 -12.70 26.43
C ARG B 328 0.49 -14.00 25.68
N TYR B 329 1.08 -15.02 26.34
CA TYR B 329 1.29 -16.34 25.87
C TYR B 329 0.00 -17.11 25.83
N SER B 330 -0.98 -16.77 26.70
CA SER B 330 -2.14 -17.63 26.74
C SER B 330 -3.41 -16.83 26.84
N GLU B 331 -4.54 -17.56 26.65
CA GLU B 331 -5.90 -17.08 26.70
C GLU B 331 -6.44 -16.92 28.11
N GLY B 332 -6.00 -17.78 29.05
CA GLY B 332 -6.43 -17.75 30.44
C GLY B 332 -5.66 -16.87 31.40
N LEU B 333 -4.33 -16.81 31.21
CA LEU B 333 -3.40 -16.20 32.12
C LEU B 333 -3.44 -14.70 32.18
N HIS B 334 -3.38 -14.03 31.01
CA HIS B 334 -3.22 -12.60 30.95
C HIS B 334 -4.33 -11.99 31.75
N GLN B 335 -5.56 -12.44 31.49
CA GLN B 335 -6.71 -11.94 32.17
C GLN B 335 -6.66 -12.37 33.61
N ALA B 336 -6.07 -13.54 33.90
CA ALA B 336 -6.09 -14.04 35.24
C ALA B 336 -5.35 -13.12 36.17
N ILE B 337 -4.11 -12.74 35.79
CA ILE B 337 -3.29 -11.87 36.59
C ILE B 337 -3.91 -10.52 36.67
N GLU B 338 -4.57 -10.06 35.59
CA GLU B 338 -5.23 -8.79 35.62
C GLU B 338 -6.17 -8.80 36.77
N ALA B 339 -6.85 -9.93 36.99
CA ALA B 339 -7.80 -10.05 38.06
C ALA B 339 -7.07 -9.81 39.34
N LYS B 340 -5.79 -10.22 39.38
CA LYS B 340 -4.99 -10.04 40.53
C LYS B 340 -4.66 -8.59 40.77
N GLU B 341 -4.20 -7.86 39.71
CA GLU B 341 -3.73 -6.51 39.85
C GLU B 341 -4.74 -5.41 39.99
N GLY B 342 -5.54 -5.11 38.93
CA GLY B 342 -6.42 -3.97 39.01
C GLY B 342 -6.96 -3.60 37.66
N LEU B 343 -6.18 -3.03 36.71
CA LEU B 343 -6.84 -2.74 35.46
C LEU B 343 -7.00 -4.04 34.73
N GLU B 344 -8.24 -4.40 34.30
CA GLU B 344 -8.40 -5.66 33.63
C GLU B 344 -8.65 -5.45 32.17
N ILE B 345 -8.05 -6.34 31.34
CA ILE B 345 -8.11 -6.24 29.91
C ILE B 345 -9.21 -7.14 29.40
N GLN B 346 -9.65 -6.81 28.17
CA GLN B 346 -10.63 -7.48 27.36
C GLN B 346 -10.10 -8.61 26.49
N ASN B 347 -8.81 -8.55 26.09
CA ASN B 347 -8.34 -9.39 25.01
C ASN B 347 -7.92 -10.78 25.36
N GLU B 348 -8.01 -11.66 24.35
CA GLU B 348 -7.52 -13.02 24.38
C GLU B 348 -7.63 -13.52 22.96
N SER B 349 -6.48 -13.60 22.24
CA SER B 349 -6.58 -13.91 20.84
C SER B 349 -5.41 -14.74 20.39
N MET B 350 -5.59 -15.39 19.21
CA MET B 350 -4.65 -16.24 18.55
C MET B 350 -4.59 -15.72 17.15
N THR B 351 -3.86 -16.41 16.25
CA THR B 351 -3.75 -16.06 14.84
C THR B 351 -2.87 -17.05 14.13
N LEU B 352 -1.55 -17.01 14.41
CA LEU B 352 -0.64 -17.87 13.71
C LEU B 352 0.57 -18.20 14.56
N ALA B 353 1.22 -19.36 14.31
CA ALA B 353 2.39 -19.77 15.06
C ALA B 353 3.39 -20.46 14.16
N THR B 354 4.71 -20.45 14.52
CA THR B 354 5.69 -21.15 13.71
C THR B 354 6.90 -21.44 14.54
N ILE B 355 7.68 -22.48 14.14
CA ILE B 355 8.92 -22.76 14.80
C ILE B 355 9.87 -21.71 14.38
N THR B 356 10.47 -21.04 15.36
CA THR B 356 11.33 -19.94 15.07
C THR B 356 12.41 -20.41 14.15
N PHE B 357 13.06 -21.54 14.48
CA PHE B 357 14.12 -22.01 13.63
C PHE B 357 13.78 -22.90 12.47
N GLN B 358 13.59 -24.22 12.71
CA GLN B 358 13.55 -25.16 11.61
C GLN B 358 12.43 -24.84 10.69
N ASN B 359 11.25 -24.53 11.25
CA ASN B 359 10.19 -24.18 10.37
C ASN B 359 10.58 -22.94 9.64
N TYR B 360 11.06 -21.91 10.36
CA TYR B 360 11.37 -20.67 9.69
C TYR B 360 12.61 -20.70 8.81
N PHE B 361 13.80 -20.85 9.41
CA PHE B 361 15.07 -20.79 8.74
C PHE B 361 15.16 -21.91 7.76
N ARG B 362 14.85 -23.14 8.21
CA ARG B 362 14.96 -24.29 7.36
C ARG B 362 13.95 -24.16 6.28
N MET B 363 12.90 -23.35 6.53
CA MET B 363 11.92 -23.11 5.50
C MET B 363 12.72 -22.59 4.36
N TYR B 364 13.69 -21.67 4.61
CA TYR B 364 14.49 -21.32 3.46
C TYR B 364 15.90 -20.94 3.87
N GLU B 365 16.91 -21.57 3.21
CA GLU B 365 18.32 -21.22 3.26
C GLU B 365 19.08 -21.66 4.49
N LYS B 366 20.19 -20.95 4.81
CA LYS B 366 21.14 -21.43 5.80
C LYS B 366 21.42 -20.47 6.92
N LEU B 367 22.27 -20.95 7.88
CA LEU B 367 22.67 -20.20 9.04
C LEU B 367 24.10 -20.47 9.42
N ALA B 368 24.74 -19.46 10.05
CA ALA B 368 26.07 -19.59 10.58
C ALA B 368 26.14 -18.77 11.84
N GLY B 369 26.27 -19.42 13.01
CA GLY B 369 26.27 -18.68 14.24
C GLY B 369 27.67 -18.30 14.66
N MET B 370 27.75 -17.51 15.76
CA MET B 370 29.00 -17.04 16.28
C MET B 370 29.04 -17.25 17.76
N THR B 371 30.19 -17.77 18.28
CA THR B 371 30.50 -17.87 19.69
C THR B 371 30.54 -19.31 20.11
N GLY B 372 29.49 -19.75 20.83
CA GLY B 372 29.41 -21.04 21.47
C GLY B 372 29.88 -22.16 20.58
N THR B 373 30.93 -22.84 21.08
CA THR B 373 31.68 -23.98 20.62
C THR B 373 31.25 -25.31 21.19
N ALA B 374 30.26 -25.35 22.10
CA ALA B 374 29.95 -26.54 22.86
C ALA B 374 29.72 -27.76 22.03
N LYS B 375 29.70 -28.91 22.73
CA LYS B 375 29.38 -30.21 22.21
C LYS B 375 27.90 -30.38 22.06
N THR B 376 27.10 -29.71 22.91
CA THR B 376 25.68 -29.89 22.97
C THR B 376 24.95 -29.43 21.74
N GLU B 377 25.44 -28.36 21.08
CA GLU B 377 24.85 -27.78 19.92
C GLU B 377 25.02 -28.51 18.61
N GLU B 378 26.07 -29.34 18.43
CA GLU B 378 26.27 -29.92 17.13
C GLU B 378 25.16 -30.84 16.77
N GLU B 379 24.64 -31.63 17.73
CA GLU B 379 23.58 -32.54 17.41
C GLU B 379 22.43 -31.73 16.91
N GLU B 380 22.17 -30.59 17.56
CA GLU B 380 21.08 -29.72 17.19
C GLU B 380 21.36 -29.19 15.83
N PHE B 381 22.63 -28.80 15.59
CA PHE B 381 23.01 -28.23 14.34
C PHE B 381 22.81 -29.24 13.27
N ARG B 382 22.79 -30.54 13.60
CA ARG B 382 22.42 -31.51 12.60
C ARG B 382 20.93 -31.63 12.38
N ASN B 383 20.18 -31.88 13.47
CA ASN B 383 18.82 -32.30 13.35
C ASN B 383 18.02 -31.28 12.62
N ILE B 384 18.05 -30.03 13.10
CA ILE B 384 17.31 -29.00 12.45
C ILE B 384 17.97 -28.30 11.31
N TYR B 385 19.09 -27.61 11.63
CA TYR B 385 19.76 -26.71 10.72
C TYR B 385 20.58 -27.38 9.67
N ASN B 386 21.46 -28.32 10.08
CA ASN B 386 22.50 -28.92 9.28
C ASN B 386 23.73 -28.04 9.16
N MET B 387 24.29 -27.56 10.30
CA MET B 387 25.49 -26.77 10.32
C MET B 387 26.51 -27.47 11.17
N GLN B 388 27.77 -26.97 11.19
CA GLN B 388 28.86 -27.54 11.94
C GLN B 388 29.48 -26.50 12.82
N VAL B 389 30.66 -26.84 13.42
CA VAL B 389 31.30 -25.89 14.30
C VAL B 389 32.75 -25.70 13.93
N VAL B 390 33.17 -24.43 13.82
CA VAL B 390 34.54 -24.10 13.53
C VAL B 390 35.11 -23.40 14.73
N THR B 391 35.70 -24.18 15.66
CA THR B 391 36.20 -23.64 16.88
C THR B 391 37.53 -22.99 16.66
N ILE B 392 37.65 -21.67 16.95
CA ILE B 392 38.93 -21.05 16.77
C ILE B 392 39.21 -19.96 17.78
N PRO B 393 40.30 -20.13 18.48
CA PRO B 393 40.74 -19.12 19.41
C PRO B 393 41.46 -18.00 18.71
N THR B 394 41.20 -16.73 19.08
CA THR B 394 41.89 -15.62 18.48
C THR B 394 43.19 -15.50 19.21
N ASN B 395 43.79 -14.29 19.23
CA ASN B 395 45.05 -14.14 19.92
C ASN B 395 44.85 -14.37 21.39
N ARG B 396 45.78 -15.14 22.00
CA ARG B 396 45.78 -15.46 23.40
C ARG B 396 44.42 -15.90 23.87
N PRO B 397 44.23 -17.19 23.82
CA PRO B 397 42.97 -17.78 24.22
C PRO B 397 42.72 -17.79 25.71
N VAL B 398 41.43 -17.66 26.09
CA VAL B 398 40.90 -17.75 27.43
C VAL B 398 41.87 -17.09 28.38
N VAL B 399 42.24 -15.84 28.08
CA VAL B 399 43.18 -15.09 28.87
C VAL B 399 42.66 -14.91 30.26
N ARG B 400 41.33 -14.99 30.46
CA ARG B 400 40.75 -14.76 31.76
C ARG B 400 40.73 -16.00 32.62
N ASP B 401 40.68 -15.79 33.95
CA ASP B 401 40.63 -16.88 34.91
C ASP B 401 39.22 -17.09 35.36
N ASP B 402 38.86 -18.34 35.70
CA ASP B 402 37.55 -18.51 36.26
C ASP B 402 37.56 -19.52 37.36
N ARG B 403 36.96 -19.12 38.51
CA ARG B 403 36.93 -19.92 39.70
C ARG B 403 35.67 -20.70 39.76
N PRO B 404 35.78 -21.68 40.61
CA PRO B 404 34.75 -22.66 40.80
C PRO B 404 33.47 -22.15 41.36
N ASP B 405 32.46 -23.05 41.42
CA ASP B 405 31.18 -22.70 41.92
C ASP B 405 31.21 -22.94 43.38
N LEU B 406 31.64 -21.94 44.15
CA LEU B 406 31.71 -22.08 45.57
C LEU B 406 30.31 -22.24 46.05
N ILE B 407 30.07 -23.18 46.99
CA ILE B 407 28.71 -23.47 47.35
C ILE B 407 28.50 -23.06 48.78
N TYR B 408 27.21 -22.86 49.15
CA TYR B 408 26.82 -22.46 50.48
C TYR B 408 25.48 -23.11 50.69
N ARG B 409 25.06 -23.29 51.96
CA ARG B 409 23.86 -24.07 52.20
C ARG B 409 22.76 -23.21 52.73
N THR B 410 21.59 -23.87 52.89
CA THR B 410 20.38 -23.38 53.49
C THR B 410 20.17 -21.92 53.30
N MET B 411 19.53 -21.55 52.17
CA MET B 411 19.13 -20.21 51.92
C MET B 411 20.17 -19.43 51.17
N GLU B 412 19.66 -18.36 50.53
CA GLU B 412 20.26 -17.37 49.69
C GLU B 412 21.26 -16.62 50.50
N GLY B 413 21.38 -16.96 51.79
CA GLY B 413 22.27 -16.28 52.69
C GLY B 413 23.62 -16.23 52.05
N LYS B 414 23.93 -17.18 51.14
CA LYS B 414 25.18 -17.20 50.43
C LYS B 414 25.36 -15.90 49.70
N PHE B 415 24.30 -15.42 49.04
CA PHE B 415 24.37 -14.19 48.31
C PHE B 415 24.78 -13.14 49.27
N LYS B 416 24.40 -13.31 50.54
CA LYS B 416 24.83 -12.32 51.49
C LYS B 416 26.33 -12.32 51.54
N ALA B 417 26.96 -13.51 51.63
CA ALA B 417 28.39 -13.57 51.74
C ALA B 417 29.00 -12.97 50.51
N VAL B 418 28.36 -13.20 49.34
CA VAL B 418 28.88 -12.69 48.09
C VAL B 418 28.89 -11.20 48.20
N ALA B 419 27.96 -10.62 48.97
CA ALA B 419 27.87 -9.19 49.05
C ALA B 419 29.17 -8.66 49.59
N GLU B 420 29.67 -9.23 50.70
CA GLU B 420 30.87 -8.73 51.30
C GLU B 420 31.95 -8.88 50.28
N ASP B 421 31.82 -9.91 49.44
CA ASP B 421 32.77 -10.17 48.41
C ASP B 421 32.84 -9.00 47.49
N VAL B 422 31.68 -8.48 47.03
CA VAL B 422 31.69 -7.42 46.09
C VAL B 422 32.40 -6.28 46.73
N ALA B 423 32.19 -6.09 48.05
CA ALA B 423 32.78 -4.97 48.74
C ALA B 423 34.27 -5.03 48.67
N GLN B 424 34.85 -6.20 49.00
CA GLN B 424 36.29 -6.32 49.10
C GLN B 424 36.84 -5.95 47.76
N ARG B 425 36.13 -6.35 46.70
CA ARG B 425 36.55 -6.01 45.37
C ARG B 425 36.50 -4.52 45.22
N TYR B 426 35.42 -3.89 45.69
CA TYR B 426 35.22 -2.48 45.52
C TYR B 426 36.40 -1.78 46.12
N MET B 427 36.82 -2.21 47.33
CA MET B 427 37.91 -1.57 48.00
C MET B 427 39.15 -1.68 47.15
N THR B 428 39.39 -2.87 46.54
CA THR B 428 40.55 -3.09 45.72
C THR B 428 40.41 -2.27 44.48
N GLY B 429 39.21 -1.72 44.24
CA GLY B 429 39.06 -0.89 43.08
C GLY B 429 38.82 -1.76 41.90
N GLN B 430 37.98 -2.81 42.07
CA GLN B 430 37.72 -3.64 40.93
C GLN B 430 36.31 -3.45 40.45
N PRO B 431 36.20 -3.17 39.17
CA PRO B 431 34.91 -3.00 38.55
C PRO B 431 34.20 -4.31 38.51
N VAL B 432 33.01 -4.39 39.12
CA VAL B 432 32.35 -5.66 39.19
C VAL B 432 31.02 -5.58 38.49
N LEU B 433 30.42 -6.76 38.26
CA LEU B 433 29.13 -6.90 37.67
C LEU B 433 28.55 -8.21 38.09
N VAL B 434 27.21 -8.29 38.12
CA VAL B 434 26.58 -9.51 38.53
C VAL B 434 25.46 -9.82 37.58
N GLY B 435 25.23 -11.13 37.35
CA GLY B 435 24.15 -11.54 36.50
C GLY B 435 23.19 -12.30 37.35
N THR B 436 22.09 -11.64 37.76
CA THR B 436 21.10 -12.26 38.61
C THR B 436 20.08 -12.99 37.77
N VAL B 437 19.23 -13.79 38.45
CA VAL B 437 18.21 -14.60 37.83
C VAL B 437 17.04 -13.82 37.30
N ALA B 438 16.42 -12.96 38.14
CA ALA B 438 15.18 -12.33 37.74
C ALA B 438 15.17 -10.90 38.20
N VAL B 439 13.99 -10.26 38.13
CA VAL B 439 13.76 -8.90 38.56
C VAL B 439 13.75 -8.80 40.06
N GLU B 440 12.95 -9.65 40.75
CA GLU B 440 12.79 -9.47 42.17
C GLU B 440 14.11 -9.61 42.85
N THR B 441 14.83 -10.71 42.57
CA THR B 441 16.06 -10.97 43.24
C THR B 441 17.03 -9.88 42.93
N SER B 442 17.02 -9.37 41.68
CA SER B 442 17.99 -8.39 41.35
C SER B 442 17.81 -7.22 42.25
N GLU B 443 16.55 -6.77 42.42
CA GLU B 443 16.26 -5.60 43.20
C GLU B 443 16.76 -5.80 44.60
N LEU B 444 16.45 -6.97 45.17
CA LEU B 444 16.80 -7.23 46.53
C LEU B 444 18.28 -7.15 46.61
N ILE B 445 18.96 -7.59 45.53
CA ILE B 445 20.39 -7.60 45.54
C ILE B 445 20.88 -6.19 45.74
N SER B 446 20.37 -5.24 44.94
CA SER B 446 20.84 -3.89 45.05
C SER B 446 20.53 -3.40 46.42
N LYS B 447 19.34 -3.76 46.94
CA LYS B 447 18.93 -3.26 48.22
C LYS B 447 19.97 -3.65 49.21
N LEU B 448 20.56 -4.84 49.03
CA LEU B 448 21.59 -5.22 49.96
C LEU B 448 22.75 -4.27 49.87
N LEU B 449 23.18 -3.94 48.64
CA LEU B 449 24.33 -3.10 48.47
C LEU B 449 24.07 -1.80 49.16
N LYS B 450 22.81 -1.34 49.10
CA LYS B 450 22.40 -0.09 49.69
C LYS B 450 22.57 -0.18 51.19
N ASN B 451 22.19 -1.32 51.80
CA ASN B 451 22.25 -1.43 53.24
C ASN B 451 23.67 -1.18 53.62
N LYS B 452 24.59 -1.77 52.83
CA LYS B 452 26.01 -1.69 52.95
C LYS B 452 26.52 -0.36 52.49
N GLY B 453 25.75 0.38 51.67
CA GLY B 453 26.22 1.65 51.21
C GLY B 453 27.21 1.47 50.10
N ILE B 454 26.75 0.99 48.93
CA ILE B 454 27.66 0.86 47.82
C ILE B 454 26.97 1.37 46.58
N PRO B 455 27.67 2.16 45.80
CA PRO B 455 27.15 2.74 44.57
C PRO B 455 26.94 1.67 43.54
N HIS B 456 26.08 1.92 42.53
CA HIS B 456 25.88 0.92 41.51
C HIS B 456 24.79 1.38 40.57
N GLN B 457 24.66 0.66 39.44
CA GLN B 457 23.69 0.94 38.40
C GLN B 457 22.88 -0.31 38.21
N VAL B 458 21.54 -0.23 38.13
CA VAL B 458 20.86 -1.49 37.90
C VAL B 458 20.11 -1.47 36.60
N LEU B 459 20.54 -2.33 35.65
CA LEU B 459 19.87 -2.48 34.39
C LEU B 459 19.24 -3.84 34.41
N ASN B 460 18.16 -3.99 35.19
CA ASN B 460 17.44 -5.21 35.26
C ASN B 460 16.15 -4.92 34.56
N ALA B 461 16.27 -4.42 33.31
CA ALA B 461 15.17 -4.05 32.48
C ALA B 461 14.33 -3.02 33.17
N LYS B 462 14.92 -2.22 34.09
CA LYS B 462 14.05 -1.26 34.71
C LYS B 462 13.63 -0.26 33.68
N ASN B 463 14.61 0.35 32.98
CA ASN B 463 14.34 1.31 31.95
C ASN B 463 15.30 1.04 30.83
N HIS B 464 14.83 1.19 29.58
CA HIS B 464 15.63 0.90 28.42
C HIS B 464 16.78 1.84 28.35
N GLU B 465 16.53 3.13 28.64
CA GLU B 465 17.53 4.14 28.53
C GLU B 465 18.68 3.72 29.39
N ARG B 466 18.39 3.08 30.53
CA ARG B 466 19.44 2.70 31.42
C ARG B 466 20.37 1.76 30.72
N GLU B 467 19.82 0.83 29.90
CA GLU B 467 20.66 -0.11 29.23
C GLU B 467 21.67 0.66 28.42
N ALA B 468 21.29 1.81 27.85
CA ALA B 468 22.22 2.57 27.06
C ALA B 468 23.36 3.15 27.86
N GLN B 469 23.03 3.88 28.94
CA GLN B 469 24.03 4.60 29.68
C GLN B 469 25.00 3.59 30.21
N ILE B 470 24.44 2.50 30.73
CA ILE B 470 25.17 1.46 31.38
C ILE B 470 26.13 0.85 30.42
N ILE B 471 25.79 0.78 29.12
CA ILE B 471 26.68 0.03 28.26
C ILE B 471 28.07 0.58 28.33
N GLU B 472 28.26 1.89 28.12
CA GLU B 472 29.59 2.43 28.25
C GLU B 472 29.98 2.47 29.70
N GLU B 473 28.99 2.60 30.60
CA GLU B 473 29.18 2.80 32.01
C GLU B 473 29.68 1.61 32.79
N ALA B 474 29.13 0.40 32.59
CA ALA B 474 29.50 -0.70 33.44
C ALA B 474 30.95 -1.00 33.24
N GLY B 475 31.69 -1.12 34.35
CA GLY B 475 33.10 -1.43 34.24
C GLY B 475 33.92 -0.21 33.94
N GLN B 476 33.79 0.85 34.76
CA GLN B 476 34.62 2.01 34.56
C GLN B 476 35.43 2.21 35.81
N LYS B 477 36.46 1.37 36.03
CA LYS B 477 37.33 1.48 37.18
C LYS B 477 36.60 1.64 38.48
N GLY B 478 36.41 0.52 39.21
CA GLY B 478 35.86 0.54 40.53
C GLY B 478 34.37 0.51 40.45
N ALA B 479 33.83 0.70 39.23
CA ALA B 479 32.40 0.77 39.06
C ALA B 479 31.78 -0.49 39.56
N VAL B 480 30.46 -0.44 39.88
CA VAL B 480 29.77 -1.61 40.33
C VAL B 480 28.46 -1.68 39.62
N THR B 481 28.20 -2.81 38.94
CA THR B 481 26.98 -2.89 38.19
C THR B 481 26.31 -4.19 38.46
N ILE B 482 24.96 -4.19 38.39
CA ILE B 482 24.18 -5.39 38.55
C ILE B 482 23.16 -5.40 37.47
N ALA B 483 22.98 -6.55 36.79
CA ALA B 483 22.00 -6.58 35.74
C ALA B 483 21.51 -7.98 35.57
N THR B 484 20.41 -8.14 34.81
CA THR B 484 19.85 -9.44 34.58
C THR B 484 20.56 -10.05 33.41
N ASN B 485 20.47 -11.39 33.28
CA ASN B 485 21.13 -12.10 32.24
C ASN B 485 20.66 -11.58 30.92
N MET B 486 19.47 -10.95 30.91
CA MET B 486 18.88 -10.44 29.70
C MET B 486 19.81 -9.42 29.08
N ALA B 487 20.52 -8.64 29.91
CA ALA B 487 21.60 -7.72 29.60
C ALA B 487 22.96 -8.35 29.59
N GLY B 488 23.06 -9.50 30.26
CA GLY B 488 24.19 -10.34 30.56
C GLY B 488 24.76 -11.11 29.42
N ARG B 489 24.18 -11.07 28.19
CA ARG B 489 24.74 -11.90 27.15
C ARG B 489 25.19 -11.11 25.95
N GLY B 490 26.44 -11.37 25.49
CA GLY B 490 26.96 -10.82 24.27
C GLY B 490 26.97 -9.32 24.28
N THR B 491 28.12 -8.71 24.60
CA THR B 491 28.25 -7.28 24.48
C THR B 491 29.72 -6.97 24.37
N ASP B 492 30.07 -6.02 23.48
CA ASP B 492 31.40 -5.60 23.19
C ASP B 492 31.98 -4.67 24.21
N ILE B 493 31.51 -4.76 25.47
CA ILE B 493 31.94 -3.92 26.58
C ILE B 493 33.43 -3.64 26.51
N LYS B 494 33.86 -2.47 27.06
CA LYS B 494 35.24 -2.08 27.12
C LYS B 494 35.51 -1.39 28.43
N LEU B 495 36.66 -1.70 29.07
CA LEU B 495 37.05 -1.08 30.31
C LEU B 495 37.77 0.17 29.97
N GLY B 496 37.69 1.17 30.86
CA GLY B 496 38.27 2.46 30.63
C GLY B 496 39.75 2.32 30.77
N GLU B 497 40.42 3.31 31.38
CA GLU B 497 41.84 3.19 31.44
C GLU B 497 42.31 2.69 32.76
N GLY B 498 43.41 1.90 32.73
CA GLY B 498 44.11 1.45 33.88
C GLY B 498 43.28 0.50 34.66
N VAL B 499 41.99 0.36 34.31
CA VAL B 499 41.05 -0.37 35.11
C VAL B 499 41.54 -1.77 35.40
N LYS B 500 42.04 -2.45 34.36
CA LYS B 500 42.46 -3.83 34.35
C LYS B 500 43.60 -4.04 35.29
N GLU B 501 44.10 -2.95 35.91
CA GLU B 501 45.31 -2.95 36.70
C GLU B 501 45.38 -4.15 37.60
N LEU B 502 44.27 -4.57 38.24
CA LEU B 502 44.37 -5.82 38.95
C LEU B 502 43.21 -6.69 38.58
N GLY B 503 43.49 -7.87 37.98
CA GLY B 503 42.47 -8.85 37.69
C GLY B 503 41.81 -8.49 36.40
N GLY B 504 41.47 -7.20 36.25
CA GLY B 504 40.89 -6.66 35.06
C GLY B 504 39.41 -6.42 35.25
N LEU B 505 38.59 -7.48 35.20
CA LEU B 505 37.16 -7.36 35.26
C LEU B 505 36.68 -8.35 36.27
N ALA B 506 35.49 -8.12 36.91
CA ALA B 506 35.01 -9.09 37.86
C ALA B 506 33.58 -9.44 37.56
N VAL B 507 33.24 -10.75 37.68
CA VAL B 507 31.86 -11.13 37.46
C VAL B 507 31.44 -12.14 38.50
N VAL B 508 30.22 -11.94 39.05
CA VAL B 508 29.68 -12.83 40.03
C VAL B 508 28.30 -13.20 39.60
N GLY B 509 27.98 -14.50 39.60
CA GLY B 509 26.68 -14.93 39.19
C GLY B 509 25.88 -15.31 40.40
N THR B 510 24.57 -15.07 40.31
CA THR B 510 23.57 -15.31 41.30
C THR B 510 23.26 -16.77 41.40
N GLU B 511 23.66 -17.57 40.39
CA GLU B 511 23.40 -18.99 40.39
C GLU B 511 23.68 -19.51 39.01
N ARG B 512 23.29 -20.77 38.75
CA ARG B 512 23.54 -21.37 37.47
C ARG B 512 22.26 -21.58 36.74
N HIS B 513 22.18 -20.98 35.53
CA HIS B 513 21.00 -20.95 34.71
C HIS B 513 20.56 -22.33 34.31
N GLU B 514 19.46 -22.39 33.53
CA GLU B 514 18.83 -23.59 33.07
C GLU B 514 19.71 -24.32 32.10
N SER B 515 20.76 -23.68 31.56
CA SER B 515 21.57 -24.41 30.61
C SER B 515 23.02 -24.15 30.87
N ARG B 516 23.89 -25.10 30.46
CA ARG B 516 25.30 -24.98 30.71
C ARG B 516 25.88 -23.80 29.96
N ARG B 517 25.50 -23.63 28.67
CA ARG B 517 26.07 -22.57 27.89
C ARG B 517 25.74 -21.26 28.52
N ILE B 518 24.46 -21.07 28.88
CA ILE B 518 24.00 -19.81 29.37
C ILE B 518 24.78 -19.42 30.58
N ASP B 519 25.03 -20.39 31.48
CA ASP B 519 25.75 -20.08 32.68
C ASP B 519 27.07 -19.52 32.25
N ASN B 520 27.68 -20.15 31.23
CA ASN B 520 28.94 -19.71 30.72
C ASN B 520 28.78 -18.36 30.10
N GLN B 521 27.64 -18.12 29.44
CA GLN B 521 27.48 -16.90 28.69
C GLN B 521 27.58 -15.71 29.58
N LEU B 522 26.85 -15.73 30.72
CA LEU B 522 26.81 -14.62 31.63
C LEU B 522 28.23 -14.37 32.01
N ARG B 523 29.00 -15.46 32.15
CA ARG B 523 30.40 -15.39 32.51
C ARG B 523 31.22 -14.75 31.42
N GLY B 524 30.97 -15.15 30.16
CA GLY B 524 31.73 -14.77 28.98
C GLY B 524 31.71 -13.29 28.79
N ARG B 525 30.78 -12.62 29.47
CA ARG B 525 30.55 -11.21 29.38
C ARG B 525 31.72 -10.43 29.85
N SER B 526 32.84 -11.11 30.19
CA SER B 526 34.02 -10.38 30.53
C SER B 526 35.16 -10.78 29.63
N GLY B 527 35.46 -9.98 28.58
CA GLY B 527 36.48 -10.41 27.65
C GLY B 527 36.19 -10.04 26.22
N ARG B 528 36.73 -8.86 25.82
CA ARG B 528 36.64 -8.38 24.47
C ARG B 528 38.01 -7.93 24.06
N GLN B 529 38.29 -8.00 22.74
CA GLN B 529 39.51 -7.61 22.11
C GLN B 529 40.62 -8.50 22.57
N GLY B 530 40.38 -9.39 23.57
CA GLY B 530 41.42 -10.27 24.03
C GLY B 530 42.10 -9.80 25.30
N ASP B 531 41.34 -9.55 26.40
CA ASP B 531 41.94 -9.15 27.65
C ASP B 531 41.55 -10.12 28.75
N PRO B 532 42.13 -9.92 29.93
CA PRO B 532 41.91 -10.73 31.11
C PRO B 532 40.61 -10.46 31.82
N GLY B 533 40.39 -11.10 33.01
CA GLY B 533 39.21 -10.87 33.80
C GLY B 533 39.05 -11.97 34.81
N ILE B 534 38.01 -11.88 35.69
CA ILE B 534 37.80 -12.91 36.68
C ILE B 534 36.33 -13.22 36.82
N THR B 535 35.99 -14.53 36.95
CA THR B 535 34.62 -14.94 37.08
C THR B 535 34.49 -15.87 38.26
N GLN B 536 33.31 -15.86 38.94
CA GLN B 536 33.08 -16.75 40.04
C GLN B 536 31.60 -16.91 40.28
N PHE B 537 31.18 -18.12 40.72
CA PHE B 537 29.78 -18.35 40.92
C PHE B 537 29.51 -18.74 42.33
N TYR B 538 28.39 -18.24 42.87
CA TYR B 538 27.97 -18.55 44.19
C TYR B 538 26.65 -19.24 44.05
N LEU B 539 26.55 -20.48 44.60
CA LEU B 539 25.31 -21.20 44.49
C LEU B 539 24.91 -21.63 45.86
N SER B 540 23.59 -21.87 46.06
CA SER B 540 23.11 -22.31 47.33
C SER B 540 22.30 -23.55 47.11
N MET B 541 22.44 -24.50 48.04
CA MET B 541 21.81 -25.79 48.00
C MET B 541 20.34 -25.54 47.95
N GLU B 542 19.93 -24.39 48.48
CA GLU B 542 18.60 -23.87 48.51
C GLU B 542 18.20 -22.99 47.35
N ASP B 543 19.09 -22.67 46.36
CA ASP B 543 18.60 -21.68 45.42
C ASP B 543 17.40 -22.03 44.56
N GLU B 544 17.52 -22.11 43.21
CA GLU B 544 16.39 -22.53 42.42
C GLU B 544 16.60 -23.78 41.62
N LEU B 545 17.75 -23.80 40.90
CA LEU B 545 17.96 -24.75 39.86
C LEU B 545 17.80 -26.12 40.40
N MET B 546 18.39 -26.35 41.57
CA MET B 546 18.33 -27.52 42.39
C MET B 546 17.15 -27.57 43.30
N ARG B 547 16.52 -26.43 43.64
CA ARG B 547 15.51 -26.53 44.64
C ARG B 547 14.42 -27.41 44.14
N ARG B 548 13.93 -27.14 42.91
CA ARG B 548 12.93 -27.94 42.25
C ARG B 548 13.50 -29.14 41.53
N PHE B 549 14.70 -29.01 40.93
CA PHE B 549 15.20 -30.03 40.06
C PHE B 549 16.38 -30.76 40.63
N GLY B 550 16.22 -32.08 40.83
CA GLY B 550 17.31 -32.89 41.30
C GLY B 550 17.50 -32.72 42.77
N ALA B 551 16.46 -32.23 43.45
CA ALA B 551 16.45 -32.04 44.87
C ALA B 551 16.43 -33.37 45.55
N GLU B 552 15.71 -34.33 44.96
CA GLU B 552 15.49 -35.58 45.64
C GLU B 552 16.80 -36.22 45.96
N ARG B 553 17.73 -36.29 44.99
CA ARG B 553 19.01 -36.92 45.19
C ARG B 553 19.97 -36.12 46.01
N THR B 554 20.00 -34.78 45.83
CA THR B 554 20.97 -33.95 46.47
C THR B 554 20.85 -34.13 47.95
N MET B 555 19.62 -34.35 48.46
CA MET B 555 19.44 -34.43 49.87
C MET B 555 20.23 -35.55 50.47
N ALA B 556 20.11 -36.78 49.95
CA ALA B 556 20.79 -37.93 50.51
C ALA B 556 22.26 -37.74 50.34
N MET B 557 22.65 -37.20 49.18
CA MET B 557 24.03 -37.07 48.82
C MET B 557 24.69 -36.20 49.84
N LEU B 558 24.01 -35.12 50.26
CA LEU B 558 24.54 -34.26 51.28
C LEU B 558 24.31 -34.74 52.68
N ASP B 559 23.07 -35.13 53.01
CA ASP B 559 22.74 -35.46 54.38
C ASP B 559 23.57 -36.62 54.81
N ARG B 560 23.70 -37.64 53.95
CA ARG B 560 24.51 -38.76 54.31
C ARG B 560 25.93 -38.28 54.40
N PHE B 561 26.32 -37.36 53.51
CA PHE B 561 27.67 -36.86 53.49
C PHE B 561 28.04 -36.08 54.72
N GLY B 562 27.29 -35.02 55.07
CA GLY B 562 27.63 -34.25 56.24
C GLY B 562 26.75 -33.03 56.31
N MET B 563 26.11 -32.79 57.48
CA MET B 563 25.40 -31.57 57.74
C MET B 563 26.24 -30.46 58.30
N ASP B 564 27.16 -30.78 59.25
CA ASP B 564 27.76 -29.70 59.99
C ASP B 564 28.97 -29.18 59.31
N ASP B 565 29.13 -27.84 59.34
CA ASP B 565 30.27 -27.22 58.76
C ASP B 565 30.00 -25.76 58.78
N SER B 566 30.80 -24.98 58.03
CA SER B 566 30.63 -23.56 57.94
C SER B 566 29.96 -23.28 56.62
N THR B 567 30.26 -22.11 56.02
CA THR B 567 29.68 -21.69 54.77
C THR B 567 30.33 -22.26 53.51
N PRO B 568 31.65 -22.25 53.39
CA PRO B 568 32.24 -22.71 52.14
C PRO B 568 32.40 -24.20 52.02
N ILE B 569 31.93 -24.80 50.90
CA ILE B 569 32.21 -26.19 50.71
C ILE B 569 32.13 -26.50 49.25
N GLN B 570 32.89 -27.52 48.81
CA GLN B 570 32.83 -28.02 47.47
C GLN B 570 33.84 -29.12 47.36
N SER B 571 33.96 -29.93 48.43
CA SER B 571 34.91 -31.01 48.46
C SER B 571 34.42 -32.25 47.77
N LYS B 572 33.26 -32.80 48.21
CA LYS B 572 32.87 -34.09 47.71
C LYS B 572 31.71 -33.99 46.77
N MET B 573 32.02 -33.89 45.46
CA MET B 573 31.09 -33.93 44.36
C MET B 573 30.06 -32.85 44.40
N VAL B 574 30.30 -31.75 45.14
CA VAL B 574 29.29 -30.74 45.17
C VAL B 574 29.13 -30.14 43.81
N SER B 575 30.22 -29.54 43.29
CA SER B 575 30.14 -28.89 42.02
C SER B 575 29.92 -29.94 41.00
N ARG B 576 30.48 -31.14 41.25
CA ARG B 576 30.38 -32.22 40.33
C ARG B 576 28.93 -32.61 40.14
N ALA B 577 28.21 -32.84 41.26
CA ALA B 577 26.87 -33.34 41.18
C ALA B 577 25.97 -32.35 40.50
N VAL B 578 26.04 -31.08 40.93
CA VAL B 578 25.16 -30.07 40.45
C VAL B 578 25.28 -30.02 38.97
N GLU B 579 26.53 -30.14 38.47
CA GLU B 579 26.75 -30.03 37.06
C GLU B 579 25.94 -31.06 36.36
N SER B 580 25.86 -32.28 36.92
CA SER B 580 25.12 -33.31 36.24
C SER B 580 23.69 -32.86 36.14
N SER B 581 23.17 -32.18 37.19
CA SER B 581 21.79 -31.80 37.15
C SER B 581 21.57 -30.77 36.08
N GLN B 582 22.54 -29.87 35.86
CA GLN B 582 22.39 -28.81 34.91
C GLN B 582 22.08 -29.43 33.57
N LYS B 583 22.89 -30.43 33.16
CA LYS B 583 22.64 -31.05 31.91
C LYS B 583 21.29 -31.69 31.98
N ARG B 584 20.95 -32.24 33.16
CA ARG B 584 19.70 -32.94 33.31
C ARG B 584 18.56 -32.05 32.99
N VAL B 585 18.53 -30.85 33.61
CA VAL B 585 17.43 -29.94 33.38
C VAL B 585 17.39 -29.60 31.93
N GLU B 586 18.57 -29.32 31.35
CA GLU B 586 18.71 -28.93 29.98
C GLU B 586 18.07 -30.00 29.17
N GLY B 587 18.21 -31.26 29.63
CA GLY B 587 17.68 -32.38 28.92
C GLY B 587 16.19 -32.27 28.80
N ASN B 588 15.49 -31.81 29.86
CA ASN B 588 14.06 -31.75 29.81
C ASN B 588 13.69 -30.85 28.69
N ASN B 589 14.44 -29.75 28.54
CA ASN B 589 14.14 -28.80 27.51
C ASN B 589 14.19 -29.53 26.21
N PHE B 590 15.24 -30.35 26.00
CA PHE B 590 15.39 -31.05 24.77
C PHE B 590 14.16 -31.84 24.52
N ASP B 591 13.65 -32.56 25.55
CA ASP B 591 12.52 -33.40 25.26
C ASP B 591 11.35 -32.58 24.83
N SER B 592 11.01 -31.51 25.56
CA SER B 592 9.85 -30.74 25.20
C SER B 592 10.11 -30.13 23.87
N ARG B 593 11.41 -29.96 23.55
CA ARG B 593 11.78 -29.32 22.31
C ARG B 593 11.18 -30.15 21.24
N LYS B 594 11.36 -31.47 21.36
CA LYS B 594 10.98 -32.34 20.28
C LYS B 594 9.51 -32.30 20.03
N GLN B 595 8.69 -32.36 21.09
CA GLN B 595 7.27 -32.54 20.87
C GLN B 595 6.73 -31.47 19.97
N LEU B 596 6.84 -30.20 20.35
CA LEU B 596 6.25 -29.16 19.55
C LEU B 596 6.97 -29.08 18.26
N LEU B 597 8.29 -29.37 18.24
CA LEU B 597 9.02 -29.23 17.03
C LEU B 597 8.48 -30.19 16.02
N GLN B 598 8.37 -31.46 16.40
CA GLN B 598 7.95 -32.46 15.46
C GLN B 598 6.56 -32.15 14.97
N TYR B 599 5.62 -31.84 15.89
CA TYR B 599 4.26 -31.68 15.45
C TYR B 599 4.21 -30.53 14.50
N ASP B 600 4.86 -29.42 14.88
CA ASP B 600 4.82 -28.20 14.13
C ASP B 600 5.35 -28.48 12.76
N ASP B 601 6.23 -29.49 12.62
CA ASP B 601 6.76 -29.81 11.33
C ASP B 601 5.64 -30.18 10.39
N VAL B 602 4.72 -31.06 10.83
CA VAL B 602 3.65 -31.46 9.95
C VAL B 602 2.79 -30.27 9.70
N LEU B 603 2.79 -29.35 10.68
CA LEU B 603 2.07 -28.10 10.61
C LEU B 603 2.68 -27.24 9.53
N ARG B 604 4.01 -27.32 9.36
CA ARG B 604 4.66 -26.48 8.39
C ARG B 604 4.03 -26.74 7.06
N GLN B 605 3.75 -28.01 6.75
CA GLN B 605 3.16 -28.33 5.48
C GLN B 605 1.73 -27.86 5.37
N GLN B 606 0.89 -28.03 6.42
CA GLN B 606 -0.50 -27.65 6.30
C GLN B 606 -0.55 -26.17 6.06
N ARG B 607 0.25 -25.44 6.84
CA ARG B 607 0.34 -24.00 6.85
C ARG B 607 0.76 -23.52 5.50
N GLU B 608 1.69 -24.24 4.85
CA GLU B 608 2.20 -23.77 3.60
C GLU B 608 1.07 -23.67 2.64
N VAL B 609 0.27 -24.73 2.52
CA VAL B 609 -0.81 -24.71 1.59
C VAL B 609 -1.71 -23.58 1.98
N ILE B 610 -1.93 -23.37 3.29
CA ILE B 610 -2.96 -22.41 3.58
C ILE B 610 -2.69 -20.99 3.14
N TYR B 611 -1.64 -20.32 3.64
CA TYR B 611 -1.48 -18.95 3.25
C TYR B 611 -0.90 -18.82 1.87
N LYS B 612 -0.19 -19.84 1.39
CA LYS B 612 0.32 -19.78 0.05
C LYS B 612 -0.86 -19.63 -0.84
N GLN B 613 -1.97 -20.32 -0.49
CA GLN B 613 -3.21 -20.28 -1.21
C GLN B 613 -3.77 -18.88 -1.12
N ARG B 614 -3.63 -18.26 0.06
CA ARG B 614 -4.09 -16.92 0.29
C ARG B 614 -3.33 -16.04 -0.65
N PHE B 615 -2.05 -16.38 -0.89
CA PHE B 615 -1.29 -15.55 -1.79
C PHE B 615 -1.90 -15.60 -3.15
N GLU B 616 -2.22 -16.81 -3.64
CA GLU B 616 -2.72 -16.94 -4.98
C GLU B 616 -3.97 -16.13 -5.10
N VAL B 617 -4.83 -16.15 -4.06
CA VAL B 617 -6.09 -15.46 -4.16
C VAL B 617 -5.88 -13.99 -4.25
N ILE B 618 -4.88 -13.45 -3.54
CA ILE B 618 -4.67 -12.03 -3.58
C ILE B 618 -4.20 -11.62 -4.95
N ASP B 619 -3.29 -12.42 -5.55
CA ASP B 619 -2.69 -12.13 -6.82
C ASP B 619 -3.65 -12.20 -7.97
N SER B 620 -4.42 -13.31 -8.11
CA SER B 620 -5.26 -13.48 -9.28
C SER B 620 -6.58 -12.80 -9.10
N GLU B 621 -7.17 -12.34 -10.23
CA GLU B 621 -8.49 -11.73 -10.23
C GLU B 621 -9.68 -12.66 -10.26
N ASN B 622 -9.82 -13.48 -11.35
CA ASN B 622 -11.07 -14.19 -11.55
C ASN B 622 -10.93 -15.64 -11.26
N LEU B 623 -11.10 -15.96 -9.97
CA LEU B 623 -11.15 -17.27 -9.40
C LEU B 623 -12.49 -17.83 -9.72
N ARG B 624 -13.38 -16.97 -10.27
CA ARG B 624 -14.79 -17.23 -10.33
C ARG B 624 -15.09 -18.62 -10.77
N GLU B 625 -14.64 -19.06 -11.95
CA GLU B 625 -15.02 -20.36 -12.42
C GLU B 625 -14.55 -21.40 -11.45
N ILE B 626 -13.32 -21.27 -10.91
CA ILE B 626 -12.83 -22.32 -10.04
C ILE B 626 -13.58 -22.40 -8.74
N VAL B 627 -13.85 -21.26 -8.08
CA VAL B 627 -14.45 -21.29 -6.77
C VAL B 627 -15.80 -21.90 -6.81
N GLU B 628 -16.62 -21.52 -7.80
CA GLU B 628 -17.93 -22.07 -7.93
C GLU B 628 -17.76 -23.52 -8.19
N ASN B 629 -16.85 -23.88 -9.10
CA ASN B 629 -16.74 -25.25 -9.51
C ASN B 629 -16.48 -26.12 -8.32
N MET B 630 -15.50 -25.77 -7.50
CA MET B 630 -15.21 -26.57 -6.35
C MET B 630 -16.38 -26.51 -5.42
N ILE B 631 -17.04 -25.33 -5.31
CA ILE B 631 -18.10 -25.27 -4.35
C ILE B 631 -19.17 -26.25 -4.75
N LYS B 632 -19.48 -26.33 -6.06
CA LYS B 632 -20.45 -27.26 -6.55
C LYS B 632 -19.94 -28.65 -6.42
N SER B 633 -18.73 -28.96 -6.89
CA SER B 633 -18.26 -30.32 -6.89
C SER B 633 -18.29 -30.85 -5.48
N SER B 634 -17.96 -29.99 -4.50
CA SER B 634 -17.97 -30.42 -3.13
C SER B 634 -19.39 -30.63 -2.68
N LEU B 635 -20.29 -29.69 -3.03
CA LEU B 635 -21.67 -29.73 -2.62
C LEU B 635 -22.41 -30.87 -3.27
N GLU B 636 -22.20 -31.05 -4.59
CA GLU B 636 -22.83 -32.01 -5.43
C GLU B 636 -22.37 -33.36 -5.04
N ARG B 637 -21.06 -33.52 -4.80
CA ARG B 637 -20.54 -34.78 -4.40
C ARG B 637 -21.19 -35.07 -3.09
N ALA B 638 -21.49 -34.02 -2.31
CA ALA B 638 -22.12 -34.27 -1.05
C ALA B 638 -23.44 -34.95 -1.29
N ILE B 639 -24.20 -34.47 -2.30
CA ILE B 639 -25.47 -35.04 -2.66
C ILE B 639 -25.21 -36.38 -3.33
N ALA B 640 -24.00 -36.50 -3.90
CA ALA B 640 -23.35 -37.58 -4.61
C ALA B 640 -22.80 -38.74 -3.83
N ALA B 641 -22.44 -38.56 -2.54
CA ALA B 641 -21.61 -39.47 -1.79
C ALA B 641 -22.13 -40.84 -1.90
N TYR B 642 -23.46 -40.99 -2.02
CA TYR B 642 -24.13 -42.25 -2.15
C TYR B 642 -23.37 -43.21 -3.01
N THR B 643 -23.20 -44.42 -2.45
CA THR B 643 -22.63 -45.58 -3.08
C THR B 643 -23.24 -46.68 -2.30
N PRO B 644 -22.90 -47.92 -2.56
CA PRO B 644 -23.44 -48.92 -1.69
C PRO B 644 -22.79 -48.70 -0.36
N ARG B 645 -23.60 -48.56 0.71
CA ARG B 645 -23.15 -48.27 2.03
C ARG B 645 -24.31 -47.65 2.74
N GLU B 646 -24.02 -46.93 3.83
CA GLU B 646 -25.05 -46.22 4.51
C GLU B 646 -25.55 -45.23 3.52
N GLU B 647 -24.61 -44.67 2.71
CA GLU B 647 -24.91 -43.75 1.66
C GLU B 647 -25.16 -42.42 2.30
N LEU B 648 -24.25 -41.45 2.09
CA LEU B 648 -24.54 -40.23 2.77
C LEU B 648 -25.75 -39.65 2.09
N PRO B 649 -25.74 -39.58 0.78
CA PRO B 649 -26.86 -39.00 0.10
C PRO B 649 -27.63 -40.02 -0.67
N GLU B 650 -27.55 -39.94 -2.02
CA GLU B 650 -28.13 -40.80 -3.02
C GLU B 650 -28.97 -39.90 -3.85
N GLU B 651 -28.69 -39.77 -5.16
CA GLU B 651 -29.47 -38.80 -5.86
C GLU B 651 -30.80 -39.40 -6.20
N TRP B 652 -31.74 -39.31 -5.25
CA TRP B 652 -33.04 -39.84 -5.47
C TRP B 652 -34.03 -38.75 -5.27
N LYS B 653 -34.93 -38.94 -4.29
CA LYS B 653 -35.97 -37.97 -4.08
C LYS B 653 -35.81 -37.36 -2.73
N LEU B 654 -36.63 -37.84 -1.77
CA LEU B 654 -36.67 -37.28 -0.46
C LEU B 654 -35.33 -37.43 0.18
N ASP B 655 -34.61 -38.52 -0.13
CA ASP B 655 -33.36 -38.72 0.53
C ASP B 655 -32.43 -37.56 0.24
N GLY B 656 -32.24 -37.24 -1.04
CA GLY B 656 -31.37 -36.14 -1.41
C GLY B 656 -32.01 -34.85 -1.04
N LEU B 657 -33.34 -34.73 -1.25
CA LEU B 657 -33.99 -33.46 -1.08
C LEU B 657 -33.75 -33.03 0.34
N VAL B 658 -33.88 -33.97 1.30
CA VAL B 658 -33.67 -33.68 2.70
C VAL B 658 -32.24 -33.33 3.03
N ASP B 659 -31.30 -34.25 2.75
CA ASP B 659 -29.95 -34.01 3.17
C ASP B 659 -29.42 -32.82 2.41
N LEU B 660 -29.76 -32.73 1.12
CA LEU B 660 -29.35 -31.64 0.30
C LEU B 660 -29.95 -30.38 0.85
N ILE B 661 -31.17 -30.42 1.43
CA ILE B 661 -31.65 -29.14 1.88
C ILE B 661 -30.76 -28.63 2.96
N ASN B 662 -30.43 -29.49 3.94
CA ASN B 662 -29.56 -29.01 4.97
C ASN B 662 -28.27 -28.64 4.32
N THR B 663 -27.88 -29.34 3.24
CA THR B 663 -26.64 -28.99 2.61
C THR B 663 -26.75 -27.63 1.99
N THR B 664 -27.95 -27.23 1.49
CA THR B 664 -28.11 -25.93 0.88
C THR B 664 -29.12 -25.12 1.64
N TYR B 665 -28.73 -24.64 2.82
CA TYR B 665 -29.62 -23.88 3.65
C TYR B 665 -29.25 -22.45 3.50
N LEU B 666 -29.99 -21.71 2.66
CA LEU B 666 -29.72 -20.30 2.48
C LEU B 666 -31.03 -19.61 2.37
N ASP B 667 -31.07 -18.32 2.73
CA ASP B 667 -32.27 -17.55 2.63
C ASP B 667 -32.64 -17.43 1.20
N GLU B 668 -31.65 -17.52 0.30
CA GLU B 668 -31.87 -17.40 -1.11
C GLU B 668 -32.68 -18.58 -1.54
N GLY B 669 -33.29 -18.53 -2.75
CA GLY B 669 -34.11 -19.64 -3.14
C GLY B 669 -33.74 -20.09 -4.52
N ALA B 670 -33.49 -21.41 -4.67
CA ALA B 670 -33.23 -21.93 -5.98
C ALA B 670 -33.63 -23.37 -6.04
N LEU B 671 -34.78 -23.65 -6.67
CA LEU B 671 -35.23 -24.99 -6.93
C LEU B 671 -35.29 -25.79 -5.66
N GLU B 672 -35.45 -25.13 -4.50
CA GLU B 672 -35.41 -25.93 -3.30
C GLU B 672 -36.59 -26.85 -3.24
N LYS B 673 -37.78 -26.28 -3.49
CA LYS B 673 -39.03 -26.97 -3.44
C LYS B 673 -39.13 -27.96 -4.56
N SER B 674 -38.48 -27.67 -5.70
CA SER B 674 -38.69 -28.46 -6.89
C SER B 674 -38.25 -29.87 -6.70
N ASP B 675 -39.23 -30.81 -6.71
CA ASP B 675 -38.96 -32.21 -6.58
C ASP B 675 -39.18 -32.88 -7.91
N ILE B 676 -39.26 -34.22 -7.85
CA ILE B 676 -39.44 -35.11 -8.97
C ILE B 676 -38.47 -34.73 -10.04
N PHE B 677 -37.39 -35.53 -10.12
CA PHE B 677 -36.35 -35.36 -11.07
C PHE B 677 -35.57 -36.60 -10.99
N GLY B 678 -34.52 -36.70 -11.81
CA GLY B 678 -33.74 -37.90 -11.77
C GLY B 678 -32.93 -37.93 -13.01
N LYS B 679 -32.28 -36.79 -13.28
CA LYS B 679 -31.30 -36.72 -14.33
C LYS B 679 -30.04 -36.32 -13.62
N GLU B 680 -29.37 -37.33 -13.06
CA GLU B 680 -28.16 -37.37 -12.28
C GLU B 680 -26.86 -37.27 -13.00
N PRO B 681 -26.68 -37.44 -14.30
CA PRO B 681 -25.36 -37.32 -14.87
C PRO B 681 -24.92 -35.96 -14.49
N ASP B 682 -23.72 -35.86 -13.91
CA ASP B 682 -23.21 -34.73 -13.19
C ASP B 682 -23.36 -33.49 -14.01
N GLU B 683 -23.45 -33.63 -15.35
CA GLU B 683 -23.60 -32.47 -16.15
C GLU B 683 -24.82 -31.72 -15.70
N MET B 684 -25.96 -32.41 -15.58
CA MET B 684 -27.22 -31.78 -15.30
C MET B 684 -27.23 -31.07 -13.98
N LEU B 685 -26.87 -31.77 -12.88
CA LEU B 685 -26.97 -31.16 -11.59
C LEU B 685 -26.03 -29.99 -11.50
N GLU B 686 -24.81 -30.13 -12.01
CA GLU B 686 -23.86 -29.07 -11.88
C GLU B 686 -24.29 -27.84 -12.61
N LEU B 687 -24.79 -27.97 -13.84
CA LEU B 687 -25.15 -26.83 -14.64
C LEU B 687 -26.21 -26.04 -13.96
N ILE B 688 -27.21 -26.71 -13.37
CA ILE B 688 -28.28 -25.91 -12.87
C ILE B 688 -27.81 -25.03 -11.75
N MET B 689 -27.11 -25.58 -10.74
CA MET B 689 -26.66 -24.76 -9.65
C MET B 689 -25.60 -23.81 -10.09
N ASP B 690 -24.73 -24.22 -11.02
CA ASP B 690 -23.66 -23.34 -11.39
C ASP B 690 -24.19 -22.09 -12.05
N ARG B 691 -25.29 -22.21 -12.82
CA ARG B 691 -25.87 -21.10 -13.53
C ARG B 691 -26.42 -20.11 -12.55
N ILE B 692 -27.10 -20.62 -11.49
CA ILE B 692 -27.70 -19.72 -10.56
C ILE B 692 -26.60 -18.90 -9.98
N ILE B 693 -25.44 -19.54 -9.72
CA ILE B 693 -24.32 -18.84 -9.19
C ILE B 693 -23.69 -17.89 -10.18
N THR B 694 -23.23 -18.38 -11.35
CA THR B 694 -22.51 -17.50 -12.24
C THR B 694 -23.39 -16.37 -12.65
N LYS B 695 -24.65 -16.69 -13.01
CA LYS B 695 -25.60 -15.72 -13.49
C LYS B 695 -25.86 -14.70 -12.43
N TYR B 696 -26.20 -15.18 -11.22
CA TYR B 696 -26.56 -14.28 -10.16
C TYR B 696 -25.34 -13.51 -9.82
N ASN B 697 -24.18 -14.15 -10.04
CA ASN B 697 -22.91 -13.56 -9.73
C ASN B 697 -22.77 -12.28 -10.50
N GLU B 698 -22.88 -12.34 -11.83
CA GLU B 698 -22.73 -11.16 -12.64
C GLU B 698 -23.87 -10.23 -12.36
N LYS B 699 -25.07 -10.79 -12.12
CA LYS B 699 -26.21 -9.96 -11.89
C LYS B 699 -25.86 -9.14 -10.69
N GLU B 700 -25.21 -9.79 -9.72
CA GLU B 700 -24.75 -9.15 -8.54
C GLU B 700 -23.64 -8.20 -8.91
N GLU B 701 -22.85 -8.58 -9.93
CA GLU B 701 -21.65 -7.90 -10.37
C GLU B 701 -22.01 -6.49 -10.70
N GLN B 702 -23.30 -6.24 -10.91
CA GLN B 702 -23.83 -4.97 -11.34
C GLN B 702 -23.32 -3.89 -10.43
N PHE B 703 -23.07 -4.17 -9.14
CA PHE B 703 -22.69 -3.12 -8.24
C PHE B 703 -21.52 -2.33 -8.73
N GLY B 704 -20.39 -2.97 -9.07
CA GLY B 704 -19.33 -2.12 -9.54
C GLY B 704 -18.15 -2.94 -9.92
N LYS B 705 -17.49 -2.57 -11.04
CA LYS B 705 -16.35 -3.29 -11.50
C LYS B 705 -15.25 -3.14 -10.50
N GLU B 706 -14.94 -1.87 -10.14
CA GLU B 706 -13.84 -1.58 -9.28
C GLU B 706 -14.06 -2.11 -7.90
N GLN B 707 -15.23 -1.81 -7.31
CA GLN B 707 -15.49 -2.17 -5.95
C GLN B 707 -15.63 -3.65 -5.79
N MET B 708 -16.33 -4.30 -6.75
CA MET B 708 -16.66 -5.69 -6.61
C MET B 708 -15.45 -6.56 -6.57
N ARG B 709 -14.40 -6.19 -7.32
CA ARG B 709 -13.25 -7.04 -7.44
C ARG B 709 -12.70 -7.30 -6.07
N GLU B 710 -12.67 -6.24 -5.23
CA GLU B 710 -12.12 -6.19 -3.90
C GLU B 710 -12.87 -7.08 -2.95
N PHE B 711 -14.15 -7.39 -3.23
CA PHE B 711 -14.92 -8.11 -2.25
C PHE B 711 -14.32 -9.45 -1.93
N GLU B 712 -13.92 -10.22 -2.95
CA GLU B 712 -13.36 -11.51 -2.69
C GLU B 712 -12.14 -11.29 -1.87
N LYS B 713 -11.53 -10.10 -1.97
CA LYS B 713 -10.36 -9.87 -1.17
C LYS B 713 -10.71 -10.06 0.26
N VAL B 714 -11.58 -9.18 0.78
CA VAL B 714 -11.86 -9.22 2.19
C VAL B 714 -12.44 -10.54 2.51
N ILE B 715 -13.37 -11.00 1.66
CA ILE B 715 -14.03 -12.22 2.00
C ILE B 715 -13.06 -13.35 2.02
N VAL B 716 -12.40 -13.65 0.88
CA VAL B 716 -11.57 -14.82 0.78
C VAL B 716 -10.58 -14.84 1.88
N LEU B 717 -9.78 -13.75 2.05
CA LEU B 717 -8.79 -13.83 3.09
C LEU B 717 -9.42 -13.88 4.44
N ARG B 718 -10.34 -12.95 4.78
CA ARG B 718 -10.82 -12.96 6.13
C ARG B 718 -11.51 -14.26 6.41
N ALA B 719 -12.37 -14.71 5.50
CA ALA B 719 -13.09 -15.93 5.72
C ALA B 719 -12.15 -17.09 5.77
N VAL B 720 -11.23 -17.20 4.80
CA VAL B 720 -10.36 -18.35 4.81
C VAL B 720 -9.49 -18.29 6.01
N ASP B 721 -8.90 -17.11 6.24
CA ASP B 721 -7.97 -16.87 7.28
C ASP B 721 -8.67 -17.24 8.55
N SER B 722 -9.93 -16.79 8.68
CA SER B 722 -10.68 -17.00 9.88
C SER B 722 -10.80 -18.47 10.16
N LYS B 723 -11.25 -19.25 9.16
CA LYS B 723 -11.48 -20.63 9.43
C LYS B 723 -10.22 -21.28 9.89
N TRP B 724 -9.08 -21.05 9.23
CA TRP B 724 -7.90 -21.75 9.64
C TRP B 724 -7.48 -21.39 11.03
N MET B 725 -7.42 -20.07 11.35
CA MET B 725 -6.94 -19.69 12.64
C MET B 725 -7.88 -20.31 13.64
N ASP B 726 -9.18 -20.33 13.31
CA ASP B 726 -10.14 -20.86 14.22
C ASP B 726 -9.85 -22.32 14.41
N HIS B 727 -9.64 -23.06 13.31
CA HIS B 727 -9.39 -24.46 13.45
C HIS B 727 -8.04 -24.70 14.05
N ILE B 728 -7.19 -23.65 14.07
CA ILE B 728 -5.90 -23.71 14.69
C ILE B 728 -6.08 -23.87 16.17
N ASP B 729 -7.10 -23.22 16.77
CA ASP B 729 -7.31 -23.34 18.19
C ASP B 729 -7.57 -24.78 18.48
N ALA B 730 -8.30 -25.45 17.56
CA ALA B 730 -8.62 -26.84 17.65
C ALA B 730 -7.33 -27.60 17.59
N MET B 731 -6.35 -27.06 16.85
CA MET B 731 -5.05 -27.66 16.65
C MET B 731 -4.38 -27.76 17.99
N ASP B 732 -4.68 -26.82 18.89
CA ASP B 732 -4.15 -26.83 20.22
C ASP B 732 -4.66 -28.05 20.93
N GLN B 733 -5.95 -28.35 20.80
CA GLN B 733 -6.61 -29.44 21.46
C GLN B 733 -6.03 -30.73 20.99
N LEU B 734 -5.65 -30.78 19.69
CA LEU B 734 -5.11 -31.96 19.08
C LEU B 734 -3.84 -32.30 19.78
N ARG B 735 -3.09 -31.28 20.22
CA ARG B 735 -1.83 -31.49 20.85
C ARG B 735 -2.08 -32.30 22.08
N GLN B 736 -3.30 -32.19 22.62
CA GLN B 736 -3.66 -32.97 23.76
C GLN B 736 -3.66 -34.43 23.36
N GLY B 737 -4.13 -34.71 22.12
CA GLY B 737 -4.23 -36.05 21.61
C GLY B 737 -2.86 -36.67 21.61
N ILE B 738 -1.82 -35.89 21.28
CA ILE B 738 -0.47 -36.41 21.29
C ILE B 738 -0.12 -36.71 22.69
N HIS B 739 -0.69 -35.94 23.64
CA HIS B 739 -0.36 -36.19 25.01
C HIS B 739 -0.72 -37.61 25.27
N LEU B 740 -1.78 -38.09 24.61
CA LEU B 740 -2.33 -39.42 24.71
C LEU B 740 -1.50 -40.50 24.03
N ARG B 741 -0.87 -40.20 22.88
CA ARG B 741 -0.29 -41.24 22.06
C ARG B 741 0.71 -42.06 22.81
N ALA B 742 1.40 -41.46 23.80
CA ALA B 742 2.47 -42.12 24.49
C ALA B 742 2.00 -43.44 25.02
N TYR B 743 0.72 -43.55 25.42
CA TYR B 743 0.24 -44.80 25.93
C TYR B 743 -0.73 -45.39 24.97
N ALA B 744 -0.51 -46.69 24.66
CA ALA B 744 -1.24 -47.49 23.71
C ALA B 744 -0.25 -47.71 22.64
N GLN B 745 -0.58 -47.19 21.45
CA GLN B 745 0.24 -47.34 20.27
C GLN B 745 1.58 -46.71 20.43
N THR B 746 2.28 -46.68 19.28
CA THR B 746 3.62 -46.19 19.10
C THR B 746 3.62 -44.71 19.35
N ASN B 747 4.82 -44.05 19.28
CA ASN B 747 4.88 -42.62 19.50
C ASN B 747 5.44 -41.78 18.35
N PRO B 748 5.27 -42.04 17.06
CA PRO B 748 5.80 -41.11 16.08
C PRO B 748 5.00 -39.89 15.72
N LEU B 749 4.17 -39.31 16.61
CA LEU B 749 3.34 -38.20 16.21
C LEU B 749 2.32 -38.76 15.28
N ARG B 750 2.05 -40.06 15.43
CA ARG B 750 1.15 -40.74 14.56
C ARG B 750 -0.23 -40.15 14.59
N GLU B 751 -0.89 -40.20 15.76
CA GLU B 751 -2.29 -39.88 15.85
C GLU B 751 -2.48 -38.47 15.40
N TYR B 752 -1.47 -37.63 15.66
CA TYR B 752 -1.50 -36.24 15.32
C TYR B 752 -1.51 -36.09 13.83
N GLN B 753 -0.68 -36.88 13.13
CA GLN B 753 -0.62 -36.65 11.71
C GLN B 753 -1.93 -36.95 11.08
N MET B 754 -2.58 -38.06 11.51
CA MET B 754 -3.79 -38.53 10.92
C MET B 754 -4.72 -37.39 10.99
N GLU B 755 -4.84 -36.90 12.24
CA GLU B 755 -5.85 -35.95 12.57
C GLU B 755 -5.57 -34.63 11.91
N GLY B 756 -4.29 -34.33 11.69
CA GLY B 756 -3.97 -33.05 11.11
C GLY B 756 -4.60 -32.96 9.75
N PHE B 757 -4.45 -34.02 8.96
CA PHE B 757 -5.03 -34.02 7.64
C PHE B 757 -6.54 -34.06 7.67
N ALA B 758 -7.12 -34.94 8.51
CA ALA B 758 -8.55 -35.14 8.42
C ALA B 758 -9.22 -33.86 8.76
N MET B 759 -8.66 -33.19 9.77
CA MET B 759 -9.05 -31.88 10.21
C MET B 759 -8.97 -30.95 9.06
N PHE B 760 -7.85 -30.99 8.32
CA PHE B 760 -7.73 -30.00 7.31
C PHE B 760 -8.52 -30.18 6.04
N GLU B 761 -8.75 -31.43 5.58
CA GLU B 761 -9.60 -31.59 4.43
C GLU B 761 -10.99 -31.07 4.82
N HIS B 762 -11.43 -31.31 6.09
CA HIS B 762 -12.70 -30.89 6.65
C HIS B 762 -12.68 -29.38 6.63
N MET B 763 -11.53 -28.81 7.00
CA MET B 763 -11.33 -27.39 7.10
C MET B 763 -11.60 -26.70 5.80
N ILE B 764 -10.96 -27.12 4.69
CA ILE B 764 -11.11 -26.44 3.43
C ILE B 764 -12.48 -26.51 2.85
N GLU B 765 -13.11 -27.71 2.89
CA GLU B 765 -14.40 -27.92 2.30
C GLU B 765 -15.30 -26.89 2.93
N SER B 766 -15.09 -26.68 4.25
CA SER B 766 -15.87 -25.76 5.01
C SER B 766 -15.69 -24.39 4.44
N ILE B 767 -14.45 -24.04 4.05
CA ILE B 767 -14.14 -22.73 3.57
C ILE B 767 -14.98 -22.41 2.37
N GLU B 768 -15.05 -23.32 1.39
CA GLU B 768 -15.74 -23.04 0.17
C GLU B 768 -17.18 -22.76 0.47
N ASP B 769 -17.76 -23.47 1.47
CA ASP B 769 -19.15 -23.28 1.79
C ASP B 769 -19.39 -21.85 2.19
N GLU B 770 -18.71 -21.40 3.27
CA GLU B 770 -18.94 -20.11 3.88
C GLU B 770 -18.52 -19.01 2.97
N VAL B 771 -17.31 -19.10 2.41
CA VAL B 771 -16.79 -18.03 1.60
C VAL B 771 -17.72 -17.81 0.47
N ALA B 772 -18.35 -18.90 -0.03
CA ALA B 772 -19.25 -18.75 -1.14
C ALA B 772 -20.48 -17.95 -0.81
N LYS B 773 -21.24 -18.36 0.23
CA LYS B 773 -22.52 -17.78 0.55
C LYS B 773 -22.34 -16.32 0.83
N PHE B 774 -21.18 -15.96 1.41
CA PHE B 774 -20.86 -14.62 1.82
C PHE B 774 -20.77 -13.70 0.64
N VAL B 775 -20.33 -14.20 -0.53
CA VAL B 775 -20.17 -13.38 -1.71
C VAL B 775 -21.50 -12.82 -2.12
N MET B 776 -22.60 -13.51 -1.78
CA MET B 776 -23.92 -13.08 -2.14
C MET B 776 -24.46 -11.89 -1.38
N LYS B 777 -24.34 -11.89 -0.04
CA LYS B 777 -25.03 -10.91 0.74
C LYS B 777 -24.48 -9.54 0.50
N ALA B 778 -25.33 -8.52 0.73
CA ALA B 778 -24.93 -7.16 0.61
C ALA B 778 -25.85 -6.36 1.52
N LEU C 8 -29.09 37.88 10.22
CA LEU C 8 -30.50 38.02 9.78
C LEU C 8 -30.55 37.81 8.30
N PHE C 9 -31.26 38.70 7.58
CA PHE C 9 -31.37 38.62 6.15
C PHE C 9 -30.05 38.96 5.53
N GLU C 10 -29.32 39.91 6.13
CA GLU C 10 -28.10 40.39 5.55
C GLU C 10 -27.10 39.29 5.41
N LEU C 11 -26.96 38.42 6.44
CA LEU C 11 -25.96 37.38 6.40
C LEU C 11 -24.65 37.99 6.02
N LYS C 12 -24.11 38.89 6.87
CA LYS C 12 -22.91 39.62 6.56
C LYS C 12 -21.84 38.66 6.17
N GLU C 13 -21.04 39.07 5.19
CA GLU C 13 -19.96 38.28 4.69
C GLU C 13 -19.18 39.17 3.79
N LEU C 14 -19.89 39.74 2.79
CA LEU C 14 -19.26 40.56 1.81
C LEU C 14 -18.56 41.71 2.47
N ARG C 15 -17.22 41.60 2.51
CA ARG C 15 -16.43 42.61 3.13
C ARG C 15 -16.59 43.87 2.33
N GLN C 16 -16.76 43.70 1.01
CA GLN C 16 -16.82 44.75 0.02
C GLN C 16 -18.08 45.58 0.05
N LYS C 17 -19.25 44.99 0.38
CA LYS C 17 -20.51 45.64 0.13
C LYS C 17 -20.60 47.03 0.69
N PHE C 18 -20.49 47.20 2.02
CA PHE C 18 -20.66 48.49 2.63
C PHE C 18 -19.54 49.36 2.18
N ILE C 19 -18.37 48.75 1.92
CA ILE C 19 -17.19 49.50 1.66
C ILE C 19 -17.37 50.39 0.47
N PHE C 20 -17.79 49.84 -0.68
CA PHE C 20 -17.90 50.69 -1.84
C PHE C 20 -19.00 51.67 -1.62
N THR C 21 -20.07 51.23 -0.95
CA THR C 21 -21.21 52.07 -0.77
C THR C 21 -20.84 53.34 -0.04
N LEU C 22 -20.21 53.22 1.14
CA LEU C 22 -19.93 54.41 1.91
C LEU C 22 -18.96 55.25 1.16
N LEU C 23 -17.98 54.61 0.53
CA LEU C 23 -16.92 55.31 -0.14
C LEU C 23 -17.55 56.12 -1.22
N MET C 24 -18.56 55.55 -1.92
CA MET C 24 -19.13 56.25 -3.02
C MET C 24 -19.81 57.51 -2.57
N PHE C 25 -20.52 57.46 -1.43
CA PHE C 25 -21.26 58.62 -0.99
C PHE C 25 -20.33 59.76 -0.80
N VAL C 26 -19.15 59.53 -0.20
CA VAL C 26 -18.31 60.65 0.09
C VAL C 26 -17.90 61.36 -1.17
N ILE C 27 -17.47 60.60 -2.19
CA ILE C 27 -16.92 61.20 -3.39
C ILE C 27 -17.96 62.04 -4.08
N TYR C 28 -19.21 61.56 -4.16
CA TYR C 28 -20.28 62.21 -4.87
C TYR C 28 -20.73 63.52 -4.31
N ARG C 29 -20.82 63.64 -2.97
CA ARG C 29 -21.38 64.85 -2.43
C ARG C 29 -20.55 65.99 -2.88
N LEU C 30 -19.23 65.85 -2.74
CA LEU C 30 -18.32 66.90 -3.10
C LEU C 30 -18.41 67.10 -4.57
N GLY C 31 -18.60 66.02 -5.33
CA GLY C 31 -18.56 66.10 -6.76
C GLY C 31 -19.59 67.07 -7.30
N SER C 32 -20.83 67.08 -6.76
CA SER C 32 -21.87 67.96 -7.24
C SER C 32 -21.70 69.39 -6.82
N HIS C 33 -21.32 69.59 -5.54
CA HIS C 33 -21.21 70.88 -4.95
C HIS C 33 -20.09 71.67 -5.57
N ILE C 34 -19.12 70.94 -6.16
CA ILE C 34 -17.88 71.40 -6.75
C ILE C 34 -17.92 72.85 -7.19
N PRO C 35 -16.88 73.56 -6.78
CA PRO C 35 -16.74 74.94 -7.17
C PRO C 35 -16.24 75.16 -8.57
N ILE C 36 -16.88 76.10 -9.30
CA ILE C 36 -16.52 76.52 -10.63
C ILE C 36 -17.61 76.01 -11.55
N PRO C 37 -17.95 74.75 -11.40
CA PRO C 37 -19.03 74.18 -12.16
C PRO C 37 -20.22 74.06 -11.27
N GLY C 38 -20.67 72.81 -11.06
CA GLY C 38 -21.73 72.54 -10.13
C GLY C 38 -22.93 73.28 -10.63
N ILE C 39 -23.25 73.10 -11.92
CA ILE C 39 -24.32 73.78 -12.60
C ILE C 39 -25.55 73.59 -11.79
N ASN C 40 -25.64 72.47 -11.05
CA ASN C 40 -26.68 72.28 -10.08
C ASN C 40 -25.98 72.66 -8.81
N PHE C 56 -32.42 67.86 -13.24
CA PHE C 56 -32.13 68.96 -14.15
C PHE C 56 -32.26 68.51 -15.61
N ALA C 57 -33.12 67.54 -15.85
CA ALA C 57 -33.33 67.02 -17.19
C ALA C 57 -34.79 67.13 -17.61
N LEU C 58 -35.68 66.59 -16.78
CA LEU C 58 -37.12 66.63 -17.06
C LEU C 58 -37.38 66.76 -18.56
N TYR C 59 -37.40 68.00 -19.04
CA TYR C 59 -37.64 68.26 -20.46
C TYR C 59 -36.75 69.39 -20.97
N ASP C 60 -37.26 70.62 -20.86
CA ASP C 60 -36.51 71.79 -21.32
C ASP C 60 -36.12 72.68 -20.14
N ILE C 61 -37.12 73.28 -19.51
CA ILE C 61 -36.89 74.16 -18.37
C ILE C 61 -36.18 73.42 -17.24
N PHE C 62 -36.73 72.29 -16.83
CA PHE C 62 -36.14 71.49 -15.77
C PHE C 62 -34.77 70.96 -16.17
N SER C 63 -34.65 70.52 -17.42
CA SER C 63 -33.39 69.98 -17.92
C SER C 63 -32.25 70.99 -17.76
N GLY C 64 -31.66 71.38 -18.89
CA GLY C 64 -30.56 72.33 -18.87
C GLY C 64 -29.40 71.90 -19.74
N GLY C 65 -28.35 72.71 -19.77
CA GLY C 65 -27.17 72.41 -20.56
C GLY C 65 -27.05 73.30 -21.79
N ASN C 66 -25.82 73.46 -22.27
CA ASN C 66 -25.57 74.30 -23.45
C ASN C 66 -26.00 73.61 -24.74
N LEU C 67 -25.64 72.34 -24.88
CA LEU C 67 -25.99 71.57 -26.07
C LEU C 67 -27.30 70.79 -25.86
N GLY C 68 -27.38 70.09 -24.74
CA GLY C 68 -28.58 69.31 -24.43
C GLY C 68 -28.27 68.10 -23.60
N ARG C 69 -27.23 68.19 -22.76
CA ARG C 69 -26.85 67.11 -21.93
C ARG C 69 -27.19 67.49 -20.53
N LEU C 70 -28.08 66.70 -19.89
CA LEU C 70 -28.40 66.95 -18.53
C LEU C 70 -27.17 66.60 -17.79
N THR C 71 -26.63 67.54 -17.01
CA THR C 71 -25.41 67.21 -16.37
C THR C 71 -25.55 67.52 -14.92
N VAL C 72 -25.53 66.48 -14.08
CA VAL C 72 -25.65 66.65 -12.66
C VAL C 72 -24.49 67.52 -12.30
N PHE C 73 -23.35 67.28 -12.99
CA PHE C 73 -22.06 67.91 -12.82
C PHE C 73 -21.54 68.25 -14.19
N ALA C 74 -20.42 69.01 -14.33
CA ALA C 74 -20.00 69.51 -15.62
C ALA C 74 -19.78 68.47 -16.75
N LEU C 75 -18.79 67.50 -16.76
CA LEU C 75 -18.50 66.58 -17.86
C LEU C 75 -17.98 65.26 -17.30
N GLY C 76 -18.79 64.18 -17.33
CA GLY C 76 -18.33 62.94 -16.73
C GLY C 76 -19.30 61.88 -17.12
N VAL C 77 -20.60 62.05 -16.84
CA VAL C 77 -21.57 61.08 -17.30
C VAL C 77 -21.62 61.24 -18.79
N MET C 78 -21.42 62.48 -19.26
CA MET C 78 -21.48 62.83 -20.66
C MET C 78 -20.38 62.15 -21.41
N PRO C 79 -19.16 62.18 -20.94
CA PRO C 79 -18.10 61.51 -21.63
C PRO C 79 -18.37 60.05 -21.51
N TYR C 80 -19.13 59.61 -20.48
CA TYR C 80 -19.37 58.20 -20.41
C TYR C 80 -20.22 57.81 -21.58
N ILE C 81 -21.34 58.52 -21.76
CA ILE C 81 -22.25 58.21 -22.82
C ILE C 81 -21.49 58.41 -24.08
N SER C 82 -20.63 59.46 -24.11
CA SER C 82 -19.89 59.73 -25.30
C SER C 82 -19.00 58.56 -25.57
N ALA C 83 -18.28 58.06 -24.56
CA ALA C 83 -17.34 56.99 -24.78
C ALA C 83 -18.09 55.82 -25.33
N SER C 84 -19.21 55.47 -24.69
CA SER C 84 -19.95 54.30 -25.08
C SER C 84 -20.38 54.45 -26.49
N ILE C 85 -21.02 55.58 -26.81
CA ILE C 85 -21.51 55.81 -28.13
C ILE C 85 -20.40 55.87 -29.13
N MET C 86 -19.22 56.43 -28.76
CA MET C 86 -18.17 56.57 -29.72
C MET C 86 -17.84 55.22 -30.28
N MET C 87 -17.56 54.25 -29.39
CA MET C 87 -17.25 52.93 -29.84
C MET C 87 -18.46 52.31 -30.46
N GLN C 88 -19.65 52.59 -29.91
CA GLN C 88 -20.80 51.88 -30.39
C GLN C 88 -21.07 52.13 -31.84
N LEU C 89 -21.33 53.40 -32.21
CA LEU C 89 -21.71 53.65 -33.58
C LEU C 89 -20.56 53.36 -34.48
N LEU C 90 -19.33 53.72 -34.04
CA LEU C 90 -18.21 53.59 -34.91
C LEU C 90 -18.05 52.15 -35.30
N THR C 91 -18.03 51.24 -34.32
CA THR C 91 -17.86 49.87 -34.66
C THR C 91 -19.07 49.44 -35.44
N VAL C 92 -20.25 49.99 -35.09
CA VAL C 92 -21.42 49.52 -35.76
C VAL C 92 -21.40 49.75 -37.23
N ALA C 93 -21.49 51.03 -37.68
CA ALA C 93 -21.61 51.29 -39.08
C ALA C 93 -20.39 50.76 -39.75
N ILE C 94 -19.21 51.02 -39.16
CA ILE C 94 -18.01 50.51 -39.75
C ILE C 94 -17.41 49.54 -38.78
N PRO C 95 -17.54 48.28 -39.09
CA PRO C 95 -17.02 47.25 -38.24
C PRO C 95 -15.53 47.21 -38.06
N SER C 96 -14.73 47.15 -39.15
CA SER C 96 -13.32 47.05 -38.91
C SER C 96 -12.59 48.08 -39.70
N LEU C 97 -12.25 49.20 -39.04
CA LEU C 97 -11.44 50.21 -39.63
C LEU C 97 -10.02 49.74 -39.61
N GLN C 98 -9.56 49.21 -38.46
CA GLN C 98 -8.18 48.85 -38.44
C GLN C 98 -7.90 47.69 -37.53
N ARG C 99 -7.89 46.48 -38.12
CA ARG C 99 -7.37 45.25 -37.57
C ARG C 99 -7.91 44.86 -36.21
N LEU C 100 -9.00 45.45 -35.68
CA LEU C 100 -9.39 44.91 -34.41
C LEU C 100 -10.88 44.72 -34.36
N ALA C 101 -11.40 43.64 -34.97
CA ALA C 101 -12.79 43.38 -34.70
C ALA C 101 -12.87 42.80 -33.32
N LYS C 102 -12.13 41.68 -33.15
CA LYS C 102 -12.00 40.98 -31.90
C LYS C 102 -10.91 39.99 -32.14
N GLU C 103 -9.80 40.09 -31.38
CA GLU C 103 -8.70 39.20 -31.64
C GLU C 103 -9.08 37.80 -31.31
N GLU C 104 -9.50 37.56 -30.06
CA GLU C 104 -9.91 36.24 -29.67
C GLU C 104 -10.95 36.48 -28.63
N GLY C 105 -11.35 37.75 -28.54
CA GLY C 105 -12.32 38.19 -27.60
C GLY C 105 -11.60 38.97 -26.56
N ASP C 106 -10.62 38.34 -25.87
CA ASP C 106 -9.85 39.04 -24.89
C ASP C 106 -8.84 39.94 -25.52
N TYR C 107 -8.05 39.40 -26.47
CA TYR C 107 -6.99 40.18 -27.04
C TYR C 107 -7.62 41.30 -27.77
N GLY C 108 -8.70 40.99 -28.49
CA GLY C 108 -9.42 41.98 -29.23
C GLY C 108 -10.03 42.97 -28.28
N ARG C 109 -10.57 42.50 -27.13
CA ARG C 109 -11.28 43.33 -26.18
C ARG C 109 -10.43 44.31 -25.42
N TYR C 110 -9.28 43.88 -24.86
CA TYR C 110 -8.49 44.78 -24.06
C TYR C 110 -8.00 45.88 -24.94
N LYS C 111 -7.56 45.50 -26.16
CA LYS C 111 -7.05 46.48 -27.07
C LYS C 111 -8.17 47.44 -27.32
N ILE C 112 -9.39 46.91 -27.50
CA ILE C 112 -10.52 47.76 -27.79
C ILE C 112 -10.77 48.71 -26.66
N ASN C 113 -10.72 48.22 -25.39
CA ASN C 113 -11.02 49.06 -24.28
C ASN C 113 -10.02 50.16 -24.15
N GLU C 114 -8.72 49.88 -24.38
CA GLU C 114 -7.75 50.91 -24.22
C GLU C 114 -8.09 51.99 -25.20
N TYR C 115 -8.48 51.57 -26.42
CA TYR C 115 -8.83 52.55 -27.41
C TYR C 115 -10.00 53.33 -26.90
N THR C 116 -10.94 52.67 -26.21
CA THR C 116 -12.08 53.41 -25.78
C THR C 116 -11.68 54.44 -24.76
N LYS C 117 -10.71 54.14 -23.88
CA LYS C 117 -10.39 55.08 -22.84
C LYS C 117 -9.96 56.39 -23.41
N TYR C 118 -8.94 56.39 -24.28
CA TYR C 118 -8.42 57.61 -24.80
C TYR C 118 -9.49 58.28 -25.60
N LEU C 119 -10.29 57.49 -26.32
CA LEU C 119 -11.24 58.03 -27.27
C LEU C 119 -12.24 58.92 -26.55
N THR C 120 -12.86 58.41 -25.47
CA THR C 120 -13.86 59.11 -24.70
C THR C 120 -13.25 60.28 -24.02
N LEU C 121 -11.97 60.17 -23.66
CA LEU C 121 -11.31 61.20 -22.92
C LEU C 121 -11.27 62.47 -23.71
N PHE C 122 -10.81 62.38 -24.97
CA PHE C 122 -10.69 63.53 -25.81
C PHE C 122 -12.06 64.07 -26.10
N VAL C 123 -13.04 63.19 -26.31
CA VAL C 123 -14.33 63.70 -26.65
C VAL C 123 -14.84 64.52 -25.51
N ALA C 124 -14.55 64.11 -24.27
CA ALA C 124 -15.01 64.85 -23.15
C ALA C 124 -14.45 66.25 -23.24
N THR C 125 -13.20 66.38 -23.73
CA THR C 125 -12.62 67.70 -23.76
C THR C 125 -13.42 68.58 -24.67
N VAL C 126 -13.87 68.06 -25.84
CA VAL C 126 -14.57 68.89 -26.77
C VAL C 126 -15.78 69.47 -26.10
N GLN C 127 -16.53 68.61 -25.41
CA GLN C 127 -17.74 69.00 -24.74
C GLN C 127 -17.40 70.01 -23.68
N SER C 128 -16.17 69.91 -23.13
CA SER C 128 -15.71 70.79 -22.09
C SER C 128 -15.84 72.23 -22.48
N LEU C 129 -15.08 72.66 -23.49
CA LEU C 129 -15.05 74.07 -23.81
C LEU C 129 -16.43 74.55 -24.17
N GLY C 130 -17.20 73.76 -24.95
CA GLY C 130 -18.47 74.23 -25.44
C GLY C 130 -19.45 74.52 -24.34
N ILE C 131 -19.67 73.55 -23.42
CA ILE C 131 -20.63 73.72 -22.36
C ILE C 131 -20.21 74.89 -21.54
N ALA C 132 -18.89 75.04 -21.37
CA ALA C 132 -18.32 76.06 -20.56
C ALA C 132 -18.75 77.41 -21.06
N PHE C 133 -18.56 77.64 -22.38
CA PHE C 133 -18.81 78.95 -22.93
C PHE C 133 -20.25 79.33 -22.80
N TRP C 134 -21.16 78.47 -23.28
CA TRP C 134 -22.53 78.87 -23.32
C TRP C 134 -23.04 79.09 -21.94
N ILE C 135 -22.73 78.16 -21.02
CA ILE C 135 -23.31 78.22 -19.70
C ILE C 135 -22.87 79.45 -18.96
N ARG C 136 -21.55 79.73 -18.93
CA ARG C 136 -21.05 80.79 -18.11
C ARG C 136 -21.69 82.08 -18.51
N GLY C 137 -21.88 82.28 -19.82
CA GLY C 137 -22.40 83.51 -20.36
C GLY C 137 -23.83 83.78 -20.05
N GLN C 138 -24.76 82.80 -20.16
CA GLN C 138 -26.10 83.25 -19.94
C GLN C 138 -26.98 82.16 -19.39
N VAL C 139 -26.97 81.98 -18.06
CA VAL C 139 -27.79 80.97 -17.47
C VAL C 139 -28.45 81.52 -16.25
N SER C 140 -29.58 80.89 -15.84
CA SER C 140 -30.39 81.26 -14.71
C SER C 140 -29.46 81.31 -13.54
N PRO C 141 -29.86 81.94 -12.44
CA PRO C 141 -28.95 82.38 -11.41
C PRO C 141 -27.71 81.60 -11.21
N LYS C 142 -26.60 82.28 -11.51
CA LYS C 142 -25.29 81.72 -11.44
C LYS C 142 -24.45 82.73 -10.72
N GLY C 143 -23.76 82.31 -9.66
CA GLY C 143 -22.97 83.17 -8.86
C GLY C 143 -21.80 83.70 -9.64
N ILE C 144 -21.34 82.96 -10.67
CA ILE C 144 -20.11 83.20 -11.38
C ILE C 144 -19.84 84.66 -11.64
N PRO C 145 -18.70 85.03 -11.11
CA PRO C 145 -18.20 86.37 -11.25
C PRO C 145 -17.58 86.54 -12.58
N VAL C 146 -17.38 87.80 -13.04
CA VAL C 146 -16.72 87.93 -14.29
C VAL C 146 -15.73 89.05 -14.20
N VAL C 147 -14.43 88.73 -14.21
CA VAL C 147 -13.47 89.79 -14.28
C VAL C 147 -12.68 89.48 -15.51
N GLU C 148 -13.06 90.10 -16.64
CA GLU C 148 -12.42 89.72 -17.87
C GLU C 148 -12.67 88.26 -17.92
N ASN C 149 -11.79 87.49 -18.58
CA ASN C 149 -11.97 86.08 -18.35
C ASN C 149 -11.26 85.89 -17.04
N PRO C 150 -12.04 85.99 -15.99
CA PRO C 150 -11.49 86.07 -14.65
C PRO C 150 -10.46 85.03 -14.34
N GLY C 151 -9.18 85.36 -14.53
CA GLY C 151 -8.09 84.51 -14.19
C GLY C 151 -7.65 83.78 -15.43
N ILE C 152 -8.09 82.52 -15.60
CA ILE C 152 -7.66 81.84 -16.79
C ILE C 152 -8.89 81.62 -17.60
N SER C 153 -9.78 82.63 -17.62
CA SER C 153 -10.98 82.51 -18.37
C SER C 153 -11.82 81.49 -17.73
N PHE C 154 -13.13 81.70 -17.73
CA PHE C 154 -13.95 80.61 -17.32
C PHE C 154 -13.74 79.69 -18.47
N ILE C 155 -13.32 80.23 -19.63
CA ILE C 155 -13.00 79.36 -20.71
C ILE C 155 -11.80 78.51 -20.43
N LEU C 156 -10.61 79.11 -20.16
CA LEU C 156 -9.47 78.24 -19.98
C LEU C 156 -9.56 77.58 -18.64
N ILE C 157 -10.06 78.31 -17.63
CA ILE C 157 -10.22 77.86 -16.28
C ILE C 157 -11.32 76.87 -16.25
N THR C 158 -12.45 77.11 -16.96
CA THR C 158 -13.42 76.07 -16.83
C THR C 158 -12.93 74.90 -17.60
N VAL C 159 -12.14 75.13 -18.68
CA VAL C 159 -11.63 74.00 -19.40
C VAL C 159 -10.84 73.22 -18.42
N LEU C 160 -10.22 73.91 -17.44
CA LEU C 160 -9.44 73.22 -16.47
C LEU C 160 -10.33 72.32 -15.64
N THR C 161 -11.44 72.85 -15.09
CA THR C 161 -12.33 72.10 -14.24
C THR C 161 -13.01 71.05 -15.07
N LEU C 162 -13.22 71.34 -16.35
CA LEU C 162 -13.89 70.40 -17.21
C LEU C 162 -13.02 69.22 -17.54
N VAL C 163 -11.74 69.46 -17.92
CA VAL C 163 -10.85 68.37 -18.21
C VAL C 163 -10.47 67.68 -16.93
N ALA C 164 -10.03 68.49 -15.94
CA ALA C 164 -9.60 67.98 -14.68
C ALA C 164 -10.76 67.31 -14.05
N GLY C 165 -11.94 67.93 -14.21
CA GLY C 165 -13.16 67.40 -13.66
C GLY C 165 -13.40 66.06 -14.27
N THR C 166 -13.13 65.93 -15.59
CA THR C 166 -13.38 64.70 -16.27
C THR C 166 -12.58 63.66 -15.58
N MET C 167 -11.38 64.02 -15.11
CA MET C 167 -10.52 63.09 -14.43
C MET C 167 -11.04 62.70 -13.08
N PHE C 168 -11.50 63.65 -12.24
CA PHE C 168 -11.83 63.23 -10.90
C PHE C 168 -12.99 62.28 -10.96
N LEU C 169 -13.97 62.55 -11.86
CA LEU C 169 -15.05 61.61 -12.00
C LEU C 169 -14.57 60.34 -12.63
N VAL C 170 -13.78 60.42 -13.72
CA VAL C 170 -13.38 59.22 -14.41
C VAL C 170 -12.59 58.36 -13.48
N TRP C 171 -11.65 58.98 -12.74
CA TRP C 171 -10.81 58.26 -11.83
C TRP C 171 -11.72 57.61 -10.84
N ILE C 172 -12.73 58.36 -10.37
CA ILE C 172 -13.64 57.83 -9.41
C ILE C 172 -14.38 56.67 -10.01
N ALA C 173 -14.86 56.80 -11.26
CA ALA C 173 -15.67 55.79 -11.86
C ALA C 173 -14.91 54.50 -11.91
N ASP C 174 -13.63 54.54 -12.32
CA ASP C 174 -12.88 53.33 -12.46
C ASP C 174 -12.82 52.63 -11.13
N ARG C 175 -12.48 53.39 -10.07
CA ARG C 175 -12.36 52.80 -8.77
C ARG C 175 -13.70 52.25 -8.41
N ILE C 176 -14.76 52.98 -8.76
CA ILE C 176 -16.10 52.57 -8.47
C ILE C 176 -16.28 51.25 -9.14
N THR C 177 -15.65 51.10 -10.32
CA THR C 177 -15.75 49.90 -11.09
C THR C 177 -15.15 48.78 -10.30
N GLU C 178 -14.18 49.08 -9.43
CA GLU C 178 -13.59 48.01 -8.68
C GLU C 178 -14.59 47.41 -7.73
N LYS C 179 -15.15 48.22 -6.81
CA LYS C 179 -16.12 47.71 -5.89
C LYS C 179 -17.56 47.73 -6.36
N GLY C 180 -18.10 48.94 -6.70
CA GLY C 180 -19.48 49.02 -7.11
C GLY C 180 -19.73 48.68 -8.53
N ILE C 181 -19.38 49.60 -9.43
CA ILE C 181 -19.43 49.30 -10.83
C ILE C 181 -19.21 50.39 -11.71
N GLY C 182 -18.98 49.88 -12.92
CA GLY C 182 -18.73 50.74 -13.97
C GLY C 182 -19.97 51.53 -14.06
N ASN C 183 -21.12 50.89 -13.78
CA ASN C 183 -22.36 51.59 -13.89
C ASN C 183 -22.94 51.80 -12.53
N GLY C 184 -22.18 51.47 -11.47
CA GLY C 184 -22.64 51.62 -10.13
C GLY C 184 -22.71 53.07 -9.88
N ALA C 185 -21.73 53.77 -10.45
CA ALA C 185 -21.62 55.19 -10.33
C ALA C 185 -22.83 55.79 -10.95
N SER C 186 -23.30 55.22 -12.07
CA SER C 186 -24.44 55.77 -12.74
C SER C 186 -25.66 55.60 -11.87
N LEU C 187 -25.84 54.40 -11.31
CA LEU C 187 -27.00 54.09 -10.53
C LEU C 187 -27.02 55.02 -9.37
N ILE C 188 -25.84 55.38 -8.83
CA ILE C 188 -25.89 56.24 -7.68
C ILE C 188 -26.51 57.52 -8.11
N ILE C 189 -26.21 57.96 -9.34
CA ILE C 189 -26.75 59.20 -9.83
C ILE C 189 -28.23 59.08 -9.79
N PHE C 190 -28.73 57.90 -10.16
CA PHE C 190 -30.13 57.67 -10.16
C PHE C 190 -30.62 57.65 -8.75
N ALA C 191 -29.84 57.03 -7.84
CA ALA C 191 -30.28 56.91 -6.48
C ALA C 191 -30.51 58.29 -5.96
N GLY C 192 -29.60 59.23 -6.27
CA GLY C 192 -29.74 60.56 -5.78
C GLY C 192 -30.92 61.27 -6.37
N ILE C 193 -31.04 61.27 -7.71
CA ILE C 193 -32.10 62.00 -8.33
C ILE C 193 -33.39 61.40 -7.87
N VAL C 194 -33.47 60.06 -7.96
CA VAL C 194 -34.65 59.31 -7.65
C VAL C 194 -34.99 59.54 -6.22
N ALA C 195 -33.97 59.72 -5.36
CA ALA C 195 -34.08 59.99 -3.95
C ALA C 195 -34.58 61.37 -3.68
N ASN C 196 -34.21 62.33 -4.54
CA ASN C 196 -34.50 63.70 -4.25
C ASN C 196 -35.97 63.93 -4.14
N PHE C 197 -36.77 63.42 -5.11
CA PHE C 197 -38.18 63.64 -5.10
C PHE C 197 -39.03 62.92 -4.07
N PRO C 198 -38.87 61.65 -3.75
CA PRO C 198 -39.71 60.95 -2.80
C PRO C 198 -39.61 61.53 -1.41
N ASN C 199 -38.49 62.19 -1.11
CA ASN C 199 -38.18 62.80 0.15
C ASN C 199 -39.13 63.93 0.34
N ALA C 200 -39.83 64.31 -0.75
CA ALA C 200 -40.72 65.43 -0.76
C ALA C 200 -39.95 66.71 -0.66
N VAL C 201 -38.91 66.87 -1.51
CA VAL C 201 -38.23 68.13 -1.54
C VAL C 201 -39.21 69.14 -2.06
N ILE C 202 -39.69 68.95 -3.31
CA ILE C 202 -40.72 69.84 -3.80
C ILE C 202 -41.71 69.06 -4.61
N GLN C 203 -42.54 68.24 -3.95
CA GLN C 203 -43.57 67.60 -4.70
C GLN C 203 -44.83 67.77 -3.94
N PHE C 204 -45.33 69.02 -3.94
CA PHE C 204 -46.58 69.35 -3.35
C PHE C 204 -46.94 70.65 -3.99
N TYR C 205 -47.64 70.60 -5.14
CA TYR C 205 -47.95 71.84 -5.76
C TYR C 205 -49.16 71.69 -6.64
N GLU C 206 -48.99 72.01 -7.93
CA GLU C 206 -50.05 72.05 -8.89
C GLU C 206 -50.75 70.74 -9.00
N LYS C 207 -52.09 70.85 -9.09
CA LYS C 207 -53.03 69.80 -9.27
C LYS C 207 -54.35 70.40 -8.92
N VAL C 208 -55.45 69.70 -9.20
CA VAL C 208 -56.69 70.31 -8.83
C VAL C 208 -56.83 70.13 -7.34
N LYS C 209 -56.21 71.06 -6.60
CA LYS C 209 -56.23 71.02 -5.17
C LYS C 209 -55.76 69.68 -4.76
N THR C 210 -54.84 69.08 -5.54
CA THR C 210 -54.35 67.78 -5.22
C THR C 210 -52.89 67.73 -5.55
N GLY C 211 -52.37 66.54 -5.90
CA GLY C 211 -50.96 66.38 -6.10
C GLY C 211 -50.41 65.97 -4.77
N ASP C 212 -51.32 65.73 -3.80
CA ASP C 212 -50.85 65.32 -2.51
C ASP C 212 -51.70 64.19 -2.06
N ILE C 213 -52.81 63.97 -2.78
CA ILE C 213 -53.66 62.88 -2.43
C ILE C 213 -53.65 62.02 -3.65
N GLY C 214 -54.09 60.78 -3.50
CA GLY C 214 -53.99 59.85 -4.58
C GLY C 214 -52.60 59.26 -4.59
N PRO C 215 -52.03 58.97 -3.43
CA PRO C 215 -50.71 58.39 -3.33
C PRO C 215 -50.83 56.97 -3.77
N LEU C 216 -52.01 56.54 -4.23
CA LEU C 216 -52.21 55.22 -4.75
C LEU C 216 -51.20 55.11 -5.84
N THR C 217 -50.86 56.27 -6.43
CA THR C 217 -49.90 56.42 -7.45
C THR C 217 -48.64 55.72 -7.02
N LEU C 218 -48.27 55.81 -5.73
CA LEU C 218 -47.10 55.14 -5.23
C LEU C 218 -47.29 53.66 -5.38
N LEU C 219 -48.49 53.14 -5.04
CA LEU C 219 -48.71 51.72 -5.13
C LEU C 219 -48.65 51.35 -6.58
N LEU C 220 -49.27 52.16 -7.46
CA LEU C 220 -49.31 51.84 -8.85
C LEU C 220 -47.93 51.79 -9.42
N ILE C 221 -47.04 52.72 -9.02
CA ILE C 221 -45.73 52.71 -9.59
C ILE C 221 -45.11 51.39 -9.25
N ILE C 222 -45.44 50.87 -8.06
CA ILE C 222 -44.91 49.62 -7.61
C ILE C 222 -45.28 48.59 -8.63
N ALA C 223 -46.50 48.68 -9.17
CA ALA C 223 -46.92 47.72 -10.15
C ALA C 223 -45.94 47.77 -11.27
N LEU C 224 -45.43 48.98 -11.57
CA LEU C 224 -44.50 49.19 -12.64
C LEU C 224 -43.25 48.41 -12.38
N ILE C 225 -42.82 48.27 -11.10
CA ILE C 225 -41.59 47.59 -10.81
C ILE C 225 -41.70 46.15 -11.21
N ILE C 226 -42.84 45.49 -10.91
CA ILE C 226 -42.99 44.09 -11.21
C ILE C 226 -42.89 43.89 -12.69
N ALA C 227 -43.47 44.82 -13.47
CA ALA C 227 -43.44 44.65 -14.89
C ALA C 227 -42.02 44.62 -15.35
N ILE C 228 -41.16 45.49 -14.78
CA ILE C 228 -39.83 45.61 -15.31
C ILE C 228 -39.10 44.31 -15.19
N ILE C 229 -39.21 43.59 -14.06
CA ILE C 229 -38.45 42.38 -13.93
C ILE C 229 -38.78 41.41 -15.01
N VAL C 230 -40.02 41.41 -15.53
CA VAL C 230 -40.43 40.44 -16.51
C VAL C 230 -39.59 40.48 -17.79
N GLY C 231 -39.35 41.66 -18.41
CA GLY C 231 -38.73 41.78 -19.71
C GLY C 231 -37.31 41.24 -19.75
N ILE C 232 -36.57 41.35 -18.64
CA ILE C 232 -35.14 41.17 -18.68
C ILE C 232 -34.71 39.75 -18.45
N VAL C 233 -35.62 38.79 -18.16
CA VAL C 233 -35.27 37.40 -17.93
C VAL C 233 -34.61 36.91 -19.17
N TYR C 234 -34.86 37.68 -20.24
CA TYR C 234 -34.29 37.51 -21.52
C TYR C 234 -35.36 36.77 -22.15
N VAL C 235 -35.56 37.03 -23.43
CA VAL C 235 -36.46 36.24 -24.18
C VAL C 235 -35.90 34.82 -24.22
N GLN C 236 -34.67 34.61 -23.69
CA GLN C 236 -33.82 33.44 -23.49
C GLN C 236 -34.19 32.14 -24.18
N GLU C 237 -33.13 31.41 -24.64
CA GLU C 237 -33.17 30.08 -25.26
C GLU C 237 -31.92 29.70 -26.04
N ALA C 238 -31.55 28.37 -26.10
CA ALA C 238 -30.35 27.96 -26.83
C ALA C 238 -30.26 26.51 -27.31
N GLU C 239 -29.10 26.18 -27.96
CA GLU C 239 -28.71 25.00 -28.74
C GLU C 239 -27.91 23.93 -28.03
N ARG C 240 -26.72 23.60 -28.60
CA ARG C 240 -25.91 22.50 -28.09
C ARG C 240 -24.49 22.52 -28.64
N ARG C 241 -23.66 21.52 -28.23
CA ARG C 241 -22.32 21.22 -28.71
C ARG C 241 -21.26 22.05 -28.04
N ILE C 242 -20.08 21.43 -27.72
CA ILE C 242 -18.99 22.18 -27.15
C ILE C 242 -17.67 21.73 -27.73
N PRO C 243 -16.96 22.68 -28.31
CA PRO C 243 -15.60 22.39 -28.76
C PRO C 243 -14.63 23.20 -27.96
N ILE C 244 -13.32 22.88 -28.02
CA ILE C 244 -12.34 23.71 -27.40
C ILE C 244 -11.07 23.58 -28.17
N GLN C 245 -10.47 24.71 -28.64
CA GLN C 245 -9.25 24.56 -29.37
C GLN C 245 -8.18 25.26 -28.63
N TYR C 246 -7.12 24.52 -28.28
CA TYR C 246 -5.99 25.10 -27.64
C TYR C 246 -5.16 25.55 -28.78
N PRO C 247 -4.46 26.65 -28.68
CA PRO C 247 -3.67 27.08 -29.80
C PRO C 247 -2.73 25.97 -30.09
N GLY C 248 -2.75 25.48 -31.34
CA GLY C 248 -1.91 24.35 -31.60
C GLY C 248 -2.51 23.57 -32.72
N ARG C 249 -1.97 22.35 -32.90
CA ARG C 249 -2.32 21.46 -33.95
C ARG C 249 -3.71 20.90 -33.80
N GLN C 250 -4.19 20.63 -32.57
CA GLN C 250 -5.39 19.85 -32.54
C GLN C 250 -6.45 20.39 -31.63
N VAL C 251 -7.64 19.76 -31.72
CA VAL C 251 -8.83 20.02 -30.96
C VAL C 251 -9.41 18.69 -30.60
N GLY C 252 -10.43 18.66 -29.71
CA GLY C 252 -10.97 17.39 -29.30
C GLY C 252 -12.46 17.36 -29.52
N ARG C 253 -13.09 16.21 -29.22
CA ARG C 253 -14.51 16.05 -29.34
C ARG C 253 -14.97 15.03 -28.34
N GLN C 254 -16.29 14.98 -28.05
CA GLN C 254 -16.79 14.02 -27.10
C GLN C 254 -18.17 13.57 -27.49
N LEU C 255 -18.42 12.23 -27.51
CA LEU C 255 -19.74 11.75 -27.86
C LEU C 255 -20.78 11.96 -26.79
N TYR C 256 -20.64 11.30 -25.61
CA TYR C 256 -21.66 11.47 -24.61
C TYR C 256 -21.18 10.93 -23.30
N ALA C 257 -21.78 11.43 -22.19
CA ALA C 257 -21.49 10.94 -20.88
C ALA C 257 -21.97 12.00 -19.94
N GLY C 258 -22.12 11.63 -18.65
CA GLY C 258 -22.51 12.61 -17.67
C GLY C 258 -23.99 12.62 -17.55
N ARG C 259 -24.48 12.98 -16.36
CA ARG C 259 -25.90 13.09 -16.13
C ARG C 259 -26.07 14.32 -15.30
N LYS C 260 -26.97 15.23 -15.73
CA LYS C 260 -27.18 16.43 -14.96
C LYS C 260 -28.29 17.19 -15.61
N THR C 261 -28.74 18.27 -14.95
CA THR C 261 -29.78 19.10 -15.49
C THR C 261 -29.04 20.21 -16.20
N TYR C 262 -29.72 21.32 -16.50
CA TYR C 262 -29.09 22.47 -17.10
C TYR C 262 -28.94 22.24 -18.58
N LEU C 263 -29.38 23.24 -19.38
CA LEU C 263 -29.31 23.18 -20.82
C LEU C 263 -28.84 24.52 -21.32
N PRO C 264 -28.51 24.60 -22.59
CA PRO C 264 -28.05 25.87 -23.14
C PRO C 264 -29.06 26.95 -23.40
N ILE C 265 -28.68 28.22 -23.13
CA ILE C 265 -29.54 29.36 -23.34
C ILE C 265 -28.80 30.51 -23.98
N LYS C 266 -29.16 30.87 -25.24
CA LYS C 266 -28.65 31.99 -26.00
C LYS C 266 -29.43 33.28 -26.11
N ILE C 267 -30.78 33.27 -26.26
CA ILE C 267 -31.44 34.49 -26.67
C ILE C 267 -31.45 35.54 -25.58
N ASN C 268 -31.82 36.80 -25.91
CA ASN C 268 -31.71 37.86 -24.94
C ASN C 268 -32.76 38.92 -25.10
N PRO C 269 -32.74 39.87 -24.18
CA PRO C 269 -33.61 41.01 -24.22
C PRO C 269 -32.79 42.26 -24.40
N ALA C 270 -33.46 43.41 -24.64
CA ALA C 270 -32.77 44.66 -24.86
C ALA C 270 -31.88 44.99 -23.69
N GLY C 271 -30.76 45.68 -23.99
CA GLY C 271 -29.72 46.00 -23.06
C GLY C 271 -30.18 47.04 -22.10
N VAL C 272 -29.22 47.57 -21.31
CA VAL C 272 -29.57 48.38 -20.18
C VAL C 272 -30.37 49.60 -20.47
N ILE C 273 -29.81 50.70 -21.00
CA ILE C 273 -30.64 51.86 -21.06
C ILE C 273 -31.07 52.12 -22.51
N PRO C 274 -31.51 51.16 -23.34
CA PRO C 274 -31.85 51.43 -24.72
C PRO C 274 -32.90 52.50 -24.86
N ILE C 275 -33.98 52.43 -24.07
CA ILE C 275 -35.06 53.37 -24.21
C ILE C 275 -34.49 54.73 -24.04
N ILE C 276 -33.58 54.91 -23.06
CA ILE C 276 -33.06 56.21 -22.85
C ILE C 276 -32.29 56.68 -24.04
N PHE C 277 -31.54 55.79 -24.72
CA PHE C 277 -30.78 56.26 -25.85
C PHE C 277 -31.72 56.82 -26.88
N ALA C 278 -32.77 56.05 -27.26
CA ALA C 278 -33.71 56.44 -28.27
C ALA C 278 -34.47 57.66 -27.82
N GLN C 279 -34.79 57.71 -26.52
CA GLN C 279 -35.58 58.77 -25.97
C GLN C 279 -34.88 60.07 -26.17
N ALA C 280 -33.56 60.09 -25.96
CA ALA C 280 -32.78 61.29 -26.07
C ALA C 280 -32.89 61.80 -27.47
N LEU C 281 -32.95 60.91 -28.48
CA LEU C 281 -33.02 61.39 -29.83
C LEU C 281 -34.25 62.25 -29.95
N LEU C 282 -35.36 61.80 -29.36
CA LEU C 282 -36.57 62.57 -29.41
C LEU C 282 -36.36 63.89 -28.79
N LEU C 283 -35.58 63.90 -27.71
CA LEU C 283 -35.45 65.10 -26.96
C LEU C 283 -34.80 66.13 -27.83
N ILE C 284 -34.05 65.70 -28.86
CA ILE C 284 -33.35 66.65 -29.68
C ILE C 284 -34.31 67.55 -30.43
N PRO C 285 -35.27 67.06 -31.15
CA PRO C 285 -36.11 68.01 -31.83
C PRO C 285 -36.95 68.78 -30.86
N SER C 286 -37.34 68.15 -29.75
CA SER C 286 -38.19 68.77 -28.77
C SER C 286 -37.43 69.84 -28.07
N THR C 287 -36.13 69.66 -27.96
CA THR C 287 -35.39 70.64 -27.24
C THR C 287 -35.34 71.88 -28.03
N LEU C 288 -35.17 71.75 -29.36
CA LEU C 288 -35.03 72.90 -30.17
C LEU C 288 -36.29 73.67 -29.99
N LEU C 289 -37.43 72.95 -30.03
CA LEU C 289 -38.67 73.63 -29.95
C LEU C 289 -38.89 74.27 -28.61
N ASN C 290 -38.37 73.76 -27.51
CA ASN C 290 -38.65 74.56 -26.36
C ASN C 290 -37.75 75.77 -26.23
N PHE C 291 -36.49 75.70 -26.71
CA PHE C 291 -35.71 76.90 -26.53
C PHE C 291 -35.08 77.25 -27.84
N VAL C 292 -35.81 78.02 -28.66
CA VAL C 292 -35.31 78.47 -29.91
C VAL C 292 -34.71 79.79 -29.58
N GLN C 293 -34.19 80.51 -30.58
CA GLN C 293 -33.66 81.80 -30.21
C GLN C 293 -34.83 82.57 -29.71
N ASN C 294 -34.67 83.24 -28.56
CA ASN C 294 -35.79 83.88 -27.96
C ASN C 294 -36.84 82.83 -27.83
N PRO C 295 -36.46 81.84 -27.04
CA PRO C 295 -37.19 80.59 -26.93
C PRO C 295 -38.66 80.77 -26.92
N PHE C 296 -39.31 80.24 -27.97
CA PHE C 296 -40.72 80.38 -28.07
C PHE C 296 -41.28 79.12 -27.53
N ILE C 297 -41.95 79.21 -26.37
CA ILE C 297 -42.53 78.00 -25.91
C ILE C 297 -43.79 77.91 -26.70
N LYS C 298 -43.68 77.29 -27.89
CA LYS C 298 -44.83 77.26 -28.72
C LYS C 298 -45.84 76.46 -28.00
N VAL C 299 -46.91 77.17 -27.56
CA VAL C 299 -48.07 76.60 -26.95
C VAL C 299 -48.90 75.98 -28.04
N ILE C 300 -49.05 76.70 -29.17
CA ILE C 300 -49.90 76.19 -30.21
C ILE C 300 -49.27 74.90 -30.64
N ALA C 301 -47.97 74.94 -30.93
CA ALA C 301 -47.31 73.71 -31.18
C ALA C 301 -46.45 73.54 -29.98
N ASP C 302 -46.97 72.79 -28.98
CA ASP C 302 -46.23 72.63 -27.78
C ASP C 302 -45.22 71.61 -28.05
N MET C 303 -43.93 71.98 -28.16
CA MET C 303 -43.14 70.83 -28.44
C MET C 303 -42.61 70.31 -27.16
N PHE C 304 -43.34 70.49 -26.05
CA PHE C 304 -42.93 69.72 -24.93
C PHE C 304 -43.48 68.34 -25.07
N GLN C 305 -44.82 68.27 -24.94
CA GLN C 305 -45.60 67.08 -25.04
C GLN C 305 -46.33 66.76 -26.31
N PRO C 306 -46.88 67.72 -27.01
CA PRO C 306 -47.80 67.37 -28.06
C PRO C 306 -47.33 66.48 -29.16
N GLY C 307 -46.16 66.77 -29.72
CA GLY C 307 -45.56 66.01 -30.77
C GLY C 307 -45.17 64.68 -30.23
N ALA C 308 -45.21 64.55 -28.90
CA ALA C 308 -44.58 63.44 -28.23
C ALA C 308 -44.98 62.11 -28.79
N ILE C 309 -46.26 61.89 -29.15
CA ILE C 309 -46.64 60.58 -29.61
C ILE C 309 -45.82 60.21 -30.81
N PHE C 310 -45.67 61.14 -31.77
CA PHE C 310 -44.94 60.81 -32.96
C PHE C 310 -43.52 60.53 -32.59
N TYR C 311 -42.94 61.40 -31.77
CA TYR C 311 -41.56 61.29 -31.44
C TYR C 311 -41.33 60.00 -30.69
N ASN C 312 -42.24 59.61 -29.77
CA ASN C 312 -41.99 58.45 -28.98
C ASN C 312 -41.86 57.25 -29.87
N PHE C 313 -42.70 57.17 -30.92
CA PHE C 313 -42.60 56.04 -31.81
C PHE C 313 -41.22 56.08 -32.38
N LEU C 314 -40.67 57.29 -32.59
CA LEU C 314 -39.34 57.36 -33.12
C LEU C 314 -38.42 56.62 -32.22
N TYR C 315 -38.66 56.64 -30.90
CA TYR C 315 -37.76 55.93 -30.02
C TYR C 315 -37.82 54.50 -30.43
N VAL C 316 -39.03 54.00 -30.76
CA VAL C 316 -39.14 52.59 -30.98
C VAL C 316 -38.30 52.16 -32.13
N THR C 317 -38.40 52.85 -33.28
CA THR C 317 -37.69 52.41 -34.43
C THR C 317 -36.22 52.45 -34.18
N PHE C 318 -35.68 53.61 -33.73
CA PHE C 318 -34.26 53.65 -33.62
C PHE C 318 -33.67 52.71 -32.60
N ILE C 319 -34.12 52.74 -31.33
CA ILE C 319 -33.41 51.89 -30.42
C ILE C 319 -33.64 50.43 -30.73
N VAL C 320 -34.92 50.00 -30.79
CA VAL C 320 -35.28 48.62 -30.95
C VAL C 320 -34.70 48.02 -32.19
N PHE C 321 -35.11 48.54 -33.36
CA PHE C 321 -34.74 47.90 -34.60
C PHE C 321 -33.28 47.97 -34.91
N PHE C 322 -32.69 49.19 -34.92
CA PHE C 322 -31.32 49.27 -35.35
C PHE C 322 -30.42 48.56 -34.41
N THR C 323 -30.61 48.73 -33.10
CA THR C 323 -29.73 48.09 -32.17
C THR C 323 -29.84 46.61 -32.36
N TYR C 324 -31.06 46.08 -32.41
CA TYR C 324 -31.22 44.66 -32.50
C TYR C 324 -30.51 44.12 -33.68
N PHE C 325 -30.52 44.83 -34.82
CA PHE C 325 -29.83 44.25 -35.94
C PHE C 325 -28.37 44.05 -35.64
N TYR C 326 -27.62 45.11 -35.31
CA TYR C 326 -26.21 44.98 -35.07
C TYR C 326 -25.95 44.18 -33.83
N THR C 327 -26.71 44.46 -32.76
CA THR C 327 -26.53 43.86 -31.46
C THR C 327 -26.72 42.38 -31.58
N ALA C 328 -27.72 41.97 -32.37
CA ALA C 328 -28.07 40.60 -32.63
C ALA C 328 -26.92 39.99 -33.31
N VAL C 329 -26.00 40.84 -33.83
CA VAL C 329 -24.82 40.44 -34.50
C VAL C 329 -25.18 39.44 -35.55
N LEU C 330 -25.41 39.97 -36.75
CA LEU C 330 -25.94 39.25 -37.86
C LEU C 330 -25.13 38.00 -38.06
N ILE C 331 -23.82 38.07 -37.74
CA ILE C 331 -22.82 37.05 -37.92
C ILE C 331 -23.12 35.79 -37.17
N ASN C 332 -23.97 35.83 -36.14
CA ASN C 332 -24.16 34.71 -35.25
C ASN C 332 -24.32 33.38 -35.92
N PRO C 333 -25.16 33.15 -36.90
CA PRO C 333 -25.33 31.83 -37.45
C PRO C 333 -24.03 31.26 -37.93
N VAL C 334 -23.04 32.12 -38.28
CA VAL C 334 -21.80 31.64 -38.80
C VAL C 334 -21.06 30.84 -37.78
N GLU C 335 -20.70 31.46 -36.64
CA GLU C 335 -19.87 30.79 -35.68
C GLU C 335 -20.61 29.59 -35.20
N LEU C 336 -21.93 29.74 -35.01
CA LEU C 336 -22.78 28.68 -34.53
C LEU C 336 -22.87 27.55 -35.51
N ALA C 337 -23.31 27.82 -36.74
CA ALA C 337 -23.52 26.82 -37.75
C ALA C 337 -22.20 26.23 -38.08
N GLU C 338 -21.14 27.03 -37.96
CA GLU C 338 -19.81 26.62 -38.28
C GLU C 338 -19.31 25.59 -37.31
N ASN C 339 -19.46 25.82 -36.00
CA ASN C 339 -18.90 24.87 -35.07
C ASN C 339 -19.96 23.86 -34.75
N LEU C 340 -20.63 23.36 -35.81
CA LEU C 340 -21.67 22.35 -35.73
C LEU C 340 -22.71 22.65 -34.70
N HIS C 341 -23.81 23.33 -35.10
CA HIS C 341 -24.87 23.58 -34.17
C HIS C 341 -26.21 23.54 -34.86
N LYS C 342 -27.23 23.05 -34.13
CA LYS C 342 -28.60 23.01 -34.58
C LYS C 342 -29.38 23.59 -33.44
N ALA C 343 -30.08 24.71 -33.67
CA ALA C 343 -30.72 25.49 -32.64
C ALA C 343 -31.64 24.67 -31.79
N GLY C 344 -31.82 25.13 -30.53
CA GLY C 344 -32.71 24.45 -29.63
C GLY C 344 -33.64 25.46 -29.03
N ALA C 345 -34.94 25.32 -29.29
CA ALA C 345 -35.89 26.20 -28.65
C ALA C 345 -37.24 25.98 -29.27
N PHE C 346 -38.29 25.90 -28.41
CA PHE C 346 -39.66 25.83 -28.81
C PHE C 346 -39.87 24.91 -29.97
N ILE C 347 -39.55 23.61 -29.78
CA ILE C 347 -39.66 22.55 -30.75
C ILE C 347 -38.25 22.22 -31.11
N PRO C 348 -37.94 20.97 -31.37
CA PRO C 348 -36.58 20.64 -31.67
C PRO C 348 -36.11 21.38 -32.88
N GLY C 349 -34.88 21.94 -32.82
CA GLY C 349 -34.35 22.75 -33.87
C GLY C 349 -33.86 21.86 -34.97
N VAL C 350 -33.38 22.47 -36.07
CA VAL C 350 -32.97 21.69 -37.20
C VAL C 350 -32.02 22.51 -38.05
N ARG C 351 -32.45 22.85 -39.28
CA ARG C 351 -31.68 23.43 -40.35
C ARG C 351 -30.69 24.43 -39.85
N PRO C 352 -29.51 24.16 -40.34
CA PRO C 352 -28.33 24.95 -40.09
C PRO C 352 -28.20 26.04 -41.11
N GLY C 353 -26.99 26.63 -41.18
CA GLY C 353 -26.67 27.58 -42.21
C GLY C 353 -27.39 28.86 -41.97
N GLN C 354 -27.52 29.64 -43.05
CA GLN C 354 -28.15 30.92 -43.05
C GLN C 354 -29.58 30.73 -42.69
N ASP C 355 -30.14 29.57 -43.06
CA ASP C 355 -31.53 29.31 -42.85
C ASP C 355 -31.82 29.49 -41.40
N THR C 356 -30.85 29.17 -40.53
CA THR C 356 -31.02 29.31 -39.11
C THR C 356 -31.11 30.75 -38.74
N VAL C 357 -30.36 31.63 -39.42
CA VAL C 357 -30.38 33.03 -39.09
C VAL C 357 -31.78 33.43 -39.29
N LYS C 358 -32.40 32.73 -40.22
CA LYS C 358 -33.78 32.99 -40.44
C LYS C 358 -34.57 32.65 -39.23
N TYR C 359 -34.31 31.49 -38.61
CA TYR C 359 -35.06 31.02 -37.48
C TYR C 359 -34.91 32.02 -36.37
N LEU C 360 -33.66 32.47 -36.12
CA LEU C 360 -33.34 33.42 -35.10
C LEU C 360 -33.86 34.79 -35.42
N GLU C 361 -33.75 35.20 -36.70
CA GLU C 361 -34.14 36.53 -37.07
C GLU C 361 -35.56 36.70 -36.70
N ARG C 362 -36.38 35.65 -36.91
CA ARG C 362 -37.76 35.82 -36.58
C ARG C 362 -37.88 36.04 -35.11
N ILE C 363 -37.17 35.25 -34.29
CA ILE C 363 -37.29 35.42 -32.88
C ILE C 363 -36.76 36.76 -32.46
N ILE C 364 -35.62 37.24 -32.99
CA ILE C 364 -35.18 38.47 -32.41
C ILE C 364 -36.11 39.61 -32.66
N ASN C 365 -36.52 39.87 -33.91
CA ASN C 365 -37.37 41.02 -34.09
C ASN C 365 -38.68 40.80 -33.40
N ARG C 366 -39.17 39.55 -33.34
CA ARG C 366 -40.46 39.30 -32.75
C ARG C 366 -40.44 39.67 -31.29
N LEU C 367 -39.45 39.16 -30.55
CA LEU C 367 -39.35 39.35 -29.14
C LEU C 367 -39.15 40.81 -28.90
N ILE C 368 -38.45 41.47 -29.84
CA ILE C 368 -38.23 42.87 -29.64
C ILE C 368 -39.54 43.59 -29.67
N PHE C 369 -40.49 43.15 -30.53
CA PHE C 369 -41.76 43.81 -30.56
C PHE C 369 -42.33 43.75 -29.18
N PHE C 370 -42.19 42.58 -28.53
CA PHE C 370 -42.71 42.35 -27.22
C PHE C 370 -42.04 43.32 -26.28
N GLY C 371 -40.71 43.49 -26.41
CA GLY C 371 -40.00 44.36 -25.53
C GLY C 371 -40.52 45.75 -25.67
N ALA C 372 -40.82 46.17 -26.92
CA ALA C 372 -41.27 47.51 -27.17
C ALA C 372 -42.52 47.72 -26.39
N LEU C 373 -43.36 46.67 -26.30
CA LEU C 373 -44.62 46.83 -25.64
C LEU C 373 -44.38 47.29 -24.24
N PHE C 374 -43.47 46.64 -23.50
CA PHE C 374 -43.25 47.01 -22.13
C PHE C 374 -42.52 48.32 -21.95
N LEU C 375 -41.36 48.51 -22.60
CA LEU C 375 -40.61 49.70 -22.31
C LEU C 375 -41.39 50.90 -22.70
N SER C 376 -42.00 50.85 -23.90
CA SER C 376 -42.76 51.96 -24.36
C SER C 376 -43.87 52.18 -23.39
N VAL C 377 -44.34 51.10 -22.73
CA VAL C 377 -45.43 51.22 -21.82
C VAL C 377 -44.98 52.01 -20.63
N ILE C 378 -43.66 52.09 -20.40
CA ILE C 378 -43.17 52.81 -19.25
C ILE C 378 -43.48 54.28 -19.38
N ALA C 379 -42.98 54.91 -20.46
CA ALA C 379 -43.15 56.32 -20.64
C ALA C 379 -44.60 56.55 -20.80
N LEU C 380 -45.26 55.60 -21.47
CA LEU C 380 -46.65 55.62 -21.77
C LEU C 380 -47.39 55.54 -20.47
N ILE C 381 -46.87 54.83 -19.46
CA ILE C 381 -47.68 54.60 -18.29
C ILE C 381 -48.08 55.88 -17.63
N PRO C 382 -47.26 56.84 -17.31
CA PRO C 382 -47.76 58.07 -16.74
C PRO C 382 -48.68 58.68 -17.75
N ILE C 383 -48.42 58.43 -19.04
CA ILE C 383 -49.22 58.97 -20.11
C ILE C 383 -50.62 58.42 -20.12
N LEU C 384 -50.79 57.12 -19.81
CA LEU C 384 -52.09 56.51 -19.82
C LEU C 384 -52.93 57.00 -18.67
N ILE C 385 -52.34 57.08 -17.47
CA ILE C 385 -53.00 57.44 -16.24
C ILE C 385 -53.44 58.87 -16.23
N SER C 386 -52.60 59.76 -16.78
CA SER C 386 -52.80 61.18 -16.72
C SER C 386 -53.94 61.62 -17.58
N VAL C 387 -54.93 60.75 -17.85
CA VAL C 387 -56.08 61.16 -18.61
C VAL C 387 -57.03 62.03 -17.81
N TRP C 388 -57.44 61.58 -16.60
CA TRP C 388 -58.41 62.29 -15.81
C TRP C 388 -57.84 63.57 -15.27
N PHE C 389 -56.81 63.46 -14.39
CA PHE C 389 -56.23 64.63 -13.82
C PHE C 389 -54.77 64.56 -14.09
N ASN C 390 -54.30 65.45 -14.98
CA ASN C 390 -52.93 65.43 -15.39
C ASN C 390 -52.13 66.12 -14.34
N ILE C 391 -50.80 65.89 -14.36
CA ILE C 391 -49.91 66.48 -13.42
C ILE C 391 -48.77 67.10 -14.17
N PRO C 392 -48.40 68.28 -13.75
CA PRO C 392 -47.25 68.98 -14.28
C PRO C 392 -45.99 68.44 -13.71
N PHE C 393 -46.06 67.47 -12.78
CA PHE C 393 -44.89 66.95 -12.14
C PHE C 393 -44.66 65.58 -12.69
N TYR C 394 -44.03 65.53 -13.88
CA TYR C 394 -43.71 64.34 -14.60
C TYR C 394 -42.60 63.58 -13.92
N PHE C 395 -41.69 64.32 -13.27
CA PHE C 395 -40.46 63.81 -12.68
C PHE C 395 -40.67 62.44 -12.07
N GLY C 396 -39.94 61.42 -12.61
CA GLY C 396 -40.03 60.02 -12.24
C GLY C 396 -39.73 59.16 -13.49
N GLY C 397 -40.43 57.99 -13.73
CA GLY C 397 -40.54 57.19 -14.97
C GLY C 397 -39.25 56.61 -15.48
N THR C 398 -38.54 57.42 -16.30
CA THR C 398 -37.32 57.03 -16.95
C THR C 398 -36.29 56.81 -15.91
N THR C 399 -36.27 57.70 -14.90
CA THR C 399 -35.29 57.61 -13.88
C THR C 399 -35.42 56.26 -13.24
N ALA C 400 -36.66 55.74 -13.12
CA ALA C 400 -36.89 54.45 -12.54
C ALA C 400 -36.32 53.37 -13.40
N LEU C 401 -36.50 53.50 -14.72
CA LEU C 401 -36.07 52.44 -15.61
C LEU C 401 -34.59 52.28 -15.41
N ILE C 402 -33.89 53.42 -15.23
CA ILE C 402 -32.48 53.34 -15.01
C ILE C 402 -32.13 52.88 -13.62
N VAL C 403 -32.80 53.41 -12.58
CA VAL C 403 -32.46 53.08 -11.23
C VAL C 403 -32.59 51.60 -11.05
N VAL C 404 -33.69 51.01 -11.53
CA VAL C 404 -33.89 49.60 -11.37
C VAL C 404 -32.83 48.89 -12.15
N GLY C 405 -32.47 49.44 -13.32
CA GLY C 405 -31.57 48.72 -14.18
C GLY C 405 -30.29 48.42 -13.49
N VAL C 406 -29.65 49.44 -12.89
CA VAL C 406 -28.40 49.20 -12.23
C VAL C 406 -28.69 48.37 -11.03
N ALA C 407 -29.88 48.54 -10.44
CA ALA C 407 -30.19 47.82 -9.24
C ALA C 407 -30.12 46.35 -9.53
N LEU C 408 -30.78 45.89 -10.62
CA LEU C 408 -30.78 44.50 -10.92
C LEU C 408 -29.38 44.08 -11.22
N ASP C 409 -28.58 44.98 -11.83
CA ASP C 409 -27.23 44.68 -12.19
C ASP C 409 -26.44 44.36 -10.95
N THR C 410 -26.62 45.16 -9.88
CA THR C 410 -25.89 44.94 -8.66
C THR C 410 -26.33 43.61 -8.14
N PHE C 411 -27.58 43.25 -8.42
CA PHE C 411 -28.04 41.96 -7.97
C PHE C 411 -27.15 40.92 -8.60
N ARG C 412 -26.71 41.17 -9.84
CA ARG C 412 -25.86 40.25 -10.52
C ARG C 412 -24.61 40.08 -9.71
N GLN C 413 -24.06 41.19 -9.15
CA GLN C 413 -22.81 41.10 -8.45
C GLN C 413 -22.96 40.22 -7.25
N ILE C 414 -24.09 40.34 -6.53
CA ILE C 414 -24.30 39.52 -5.38
C ILE C 414 -24.53 38.11 -5.78
N GLU C 415 -25.26 37.88 -6.90
CA GLU C 415 -25.65 36.54 -7.22
C GLU C 415 -24.44 35.65 -7.34
N THR C 416 -23.43 36.05 -8.12
CA THR C 416 -22.27 35.22 -8.27
C THR C 416 -21.46 35.17 -7.01
N TYR C 417 -21.32 36.32 -6.33
CA TYR C 417 -20.47 36.51 -5.20
C TYR C 417 -20.96 35.63 -4.09
N LEU C 418 -22.30 35.47 -3.99
CA LEU C 418 -22.92 34.79 -2.89
C LEU C 418 -22.69 33.31 -2.93
N ILE C 419 -23.07 32.67 -1.80
CA ILE C 419 -22.99 31.28 -1.47
C ILE C 419 -21.59 30.80 -1.64
N GLN C 420 -21.00 30.45 -0.48
CA GLN C 420 -19.67 29.92 -0.39
C GLN C 420 -19.87 28.45 -0.41
N LYS C 421 -18.82 27.67 -0.08
CA LYS C 421 -18.98 26.25 -0.13
C LYS C 421 -20.02 25.85 0.85
N LYS C 422 -21.25 25.60 0.34
CA LYS C 422 -22.36 25.18 1.13
C LYS C 422 -22.14 23.81 1.67
N TYR C 423 -21.44 22.96 0.89
CA TYR C 423 -21.37 21.56 1.21
C TYR C 423 -20.74 21.21 2.52
N LYS C 424 -19.54 21.70 2.87
CA LYS C 424 -19.00 21.23 4.12
C LYS C 424 -19.53 22.10 5.19
N SER C 425 -20.86 22.25 5.20
CA SER C 425 -21.43 23.08 6.21
C SER C 425 -21.20 22.34 7.48
N TYR C 426 -21.51 22.98 8.61
CA TYR C 426 -21.30 22.30 9.84
C TYR C 426 -22.16 21.08 9.81
N VAL C 427 -23.39 21.25 9.28
CA VAL C 427 -24.28 20.13 9.20
C VAL C 427 -23.69 19.15 8.23
N ARG C 428 -23.82 17.85 8.53
CA ARG C 428 -23.30 16.86 7.64
C ARG C 428 -23.98 17.06 6.30
N LEU D 8 -3.83 -49.47 -9.73
CA LEU D 8 -4.89 -50.38 -9.26
C LEU D 8 -5.08 -50.18 -7.80
N PHE D 9 -5.13 -51.27 -7.02
CA PHE D 9 -5.28 -51.21 -5.59
C PHE D 9 -4.03 -50.67 -4.99
N GLU D 10 -2.87 -51.04 -5.55
CA GLU D 10 -1.62 -50.67 -4.97
C GLU D 10 -1.46 -49.19 -4.91
N LEU D 11 -1.85 -48.46 -5.98
CA LEU D 11 -1.66 -47.02 -6.00
C LEU D 11 -0.24 -46.73 -5.62
N LYS D 12 0.74 -47.18 -6.43
CA LYS D 12 2.13 -47.04 -6.12
C LYS D 12 2.42 -45.60 -5.80
N GLU D 13 3.31 -45.42 -4.80
CA GLU D 13 3.70 -44.12 -4.38
C GLU D 13 4.85 -44.35 -3.45
N LEU D 14 4.60 -45.16 -2.42
CA LEU D 14 5.59 -45.41 -1.41
C LEU D 14 6.83 -45.94 -2.02
N ARG D 15 7.84 -45.07 -2.09
CA ARG D 15 9.09 -45.45 -2.69
C ARG D 15 9.70 -46.51 -1.83
N GLN D 16 9.45 -46.41 -0.51
CA GLN D 16 10.00 -47.25 0.52
C GLN D 16 9.48 -48.66 0.55
N LYS D 17 8.20 -48.89 0.23
CA LYS D 17 7.56 -50.15 0.53
C LYS D 17 8.32 -51.36 0.03
N PHE D 18 8.51 -51.49 -1.29
CA PHE D 18 9.15 -52.65 -1.83
C PHE D 18 10.56 -52.68 -1.36
N ILE D 19 11.13 -51.48 -1.16
CA ILE D 19 12.53 -51.37 -0.88
C ILE D 19 12.91 -52.15 0.35
N PHE D 20 12.22 -51.90 1.48
CA PHE D 20 12.62 -52.58 2.68
C PHE D 20 12.32 -54.03 2.53
N THR D 21 11.20 -54.34 1.85
CA THR D 21 10.78 -55.71 1.75
C THR D 21 11.83 -56.54 1.07
N LEU D 22 12.28 -56.14 -0.14
CA LEU D 22 13.22 -56.96 -0.86
C LEU D 22 14.50 -57.03 -0.08
N LEU D 23 14.91 -55.89 0.49
CA LEU D 23 16.15 -55.80 1.17
C LEU D 23 16.12 -56.78 2.31
N MET D 24 14.97 -56.88 3.00
CA MET D 24 14.90 -57.73 4.14
C MET D 24 15.11 -59.16 3.75
N PHE D 25 14.51 -59.60 2.62
CA PHE D 25 14.61 -60.99 2.27
C PHE D 25 16.04 -61.37 2.11
N VAL D 26 16.85 -60.52 1.47
CA VAL D 26 18.20 -60.93 1.21
C VAL D 26 18.94 -61.20 2.50
N ILE D 27 18.83 -60.29 3.49
CA ILE D 27 19.60 -60.40 4.69
C ILE D 27 19.26 -61.65 5.44
N TYR D 28 17.96 -62.00 5.51
CA TYR D 28 17.49 -63.11 6.29
C TYR D 28 17.89 -64.47 5.79
N ARG D 29 17.91 -64.68 4.46
CA ARG D 29 18.17 -66.01 3.99
C ARG D 29 19.51 -66.42 4.47
N LEU D 30 20.50 -65.53 4.30
CA LEU D 30 21.85 -65.82 4.69
C LEU D 30 21.88 -65.98 6.17
N GLY D 31 21.08 -65.16 6.88
CA GLY D 31 21.15 -65.15 8.32
C GLY D 31 20.89 -66.50 8.92
N SER D 32 19.90 -67.27 8.40
CA SER D 32 19.57 -68.57 8.94
C SER D 32 20.56 -69.63 8.58
N HIS D 33 20.99 -69.64 7.32
CA HIS D 33 21.86 -70.65 6.78
C HIS D 33 23.21 -70.59 7.41
N ILE D 34 23.57 -69.40 7.95
CA ILE D 34 24.82 -69.01 8.54
C ILE D 34 25.64 -70.18 9.04
N PRO D 35 26.91 -70.15 8.65
CA PRO D 35 27.83 -71.17 9.09
C PRO D 35 28.34 -70.98 10.49
N ILE D 36 28.39 -72.07 11.27
CA ILE D 36 28.90 -72.13 12.61
C ILE D 36 27.71 -72.32 13.53
N PRO D 37 26.70 -71.52 13.34
CA PRO D 37 25.48 -71.67 14.09
C PRO D 37 24.45 -72.31 13.21
N GLY D 38 23.35 -71.58 12.96
CA GLY D 38 22.35 -72.03 12.04
C GLY D 38 21.81 -73.32 12.59
N ILE D 39 21.44 -73.30 13.88
CA ILE D 39 20.97 -74.44 14.61
C ILE D 39 19.88 -75.06 13.82
N ASN D 40 19.15 -74.25 13.04
CA ASN D 40 18.21 -74.75 12.07
C ASN D 40 19.01 -74.70 10.80
N PHE D 56 10.93 -74.43 15.14
CA PHE D 56 11.81 -75.11 16.10
C PHE D 56 11.43 -74.75 17.53
N ALA D 57 10.15 -74.45 17.75
CA ALA D 57 9.65 -74.10 19.07
C ALA D 57 8.54 -75.03 19.52
N LEU D 58 7.51 -75.16 18.69
CA LEU D 58 6.38 -76.03 18.99
C LEU D 58 6.23 -76.21 20.49
N TYR D 59 6.94 -77.19 21.04
CA TYR D 59 6.88 -77.49 22.46
C TYR D 59 8.26 -77.85 23.01
N ASP D 60 8.58 -79.14 22.98
CA ASP D 60 9.88 -79.62 23.47
C ASP D 60 10.73 -80.17 22.33
N ILE D 61 10.28 -81.27 21.74
CA ILE D 61 10.99 -81.90 20.64
C ILE D 61 11.15 -80.94 19.47
N PHE D 62 10.04 -80.37 19.02
CA PHE D 62 10.05 -79.43 17.90
C PHE D 62 10.84 -78.17 18.24
N SER D 63 10.66 -77.68 19.47
CA SER D 63 11.36 -76.49 19.93
C SER D 63 12.87 -76.64 19.80
N GLY D 64 13.56 -76.53 20.93
CA GLY D 64 15.01 -76.67 20.94
C GLY D 64 15.69 -75.58 21.76
N GLY D 65 17.02 -75.62 21.81
CA GLY D 65 17.78 -74.64 22.56
C GLY D 65 18.39 -75.22 23.82
N ASN D 66 19.47 -74.61 24.29
CA ASN D 66 20.15 -75.07 25.50
C ASN D 66 19.39 -74.70 26.76
N LEU D 67 18.92 -73.47 26.83
CA LEU D 67 18.16 -72.99 27.99
C LEU D 67 16.67 -73.15 27.78
N GLY D 68 16.18 -72.69 26.63
CA GLY D 68 14.77 -72.79 26.30
C GLY D 68 14.30 -71.66 25.40
N ARG D 69 15.21 -71.17 24.56
CA ARG D 69 14.89 -70.11 23.66
C ARG D 69 14.86 -70.69 22.30
N LEU D 70 13.67 -70.61 21.64
CA LEU D 70 13.57 -71.06 20.30
C LEU D 70 14.37 -70.10 19.53
N THR D 71 15.38 -70.58 18.78
CA THR D 71 16.17 -69.61 18.09
C THR D 71 16.26 -70.02 16.66
N VAL D 72 15.67 -69.20 15.78
CA VAL D 72 15.69 -69.49 14.37
C VAL D 72 17.14 -69.52 14.02
N PHE D 73 17.91 -68.61 14.68
CA PHE D 73 19.32 -68.37 14.51
C PHE D 73 19.93 -68.27 15.90
N ALA D 74 21.28 -68.22 16.03
CA ALA D 74 21.91 -68.31 17.34
C ALA D 74 21.46 -67.29 18.43
N LEU D 75 21.68 -65.93 18.37
CA LEU D 75 21.35 -64.94 19.42
C LEU D 75 20.99 -63.62 18.79
N GLY D 76 19.71 -63.20 18.79
CA GLY D 76 19.35 -61.98 18.12
C GLY D 76 17.94 -61.67 18.48
N VAL D 77 16.99 -62.58 18.24
CA VAL D 77 15.64 -62.36 18.67
C VAL D 77 15.67 -62.45 20.17
N MET D 78 16.57 -63.31 20.69
CA MET D 78 16.70 -63.56 22.10
C MET D 78 17.18 -62.32 22.80
N PRO D 79 18.19 -61.65 22.31
CA PRO D 79 18.64 -60.44 22.94
C PRO D 79 17.56 -59.43 22.76
N TYR D 80 16.70 -59.58 21.73
CA TYR D 80 15.67 -58.59 21.59
C TYR D 80 14.74 -58.72 22.76
N ILE D 81 14.25 -59.95 23.00
CA ILE D 81 13.33 -60.19 24.07
C ILE D 81 14.05 -59.84 25.32
N SER D 82 15.35 -60.18 25.38
CA SER D 82 16.10 -59.89 26.57
C SER D 82 16.12 -58.41 26.77
N ALA D 83 16.42 -57.63 25.72
CA ALA D 83 16.54 -56.21 25.86
C ALA D 83 15.25 -55.68 26.38
N SER D 84 14.14 -56.09 25.75
CA SER D 84 12.85 -55.57 26.09
C SER D 84 12.56 -55.87 27.52
N ILE D 85 12.72 -57.15 27.90
CA ILE D 85 12.44 -57.56 29.24
C ILE D 85 13.36 -56.89 30.22
N MET D 86 14.65 -56.67 29.85
CA MET D 86 15.57 -56.12 30.81
C MET D 86 15.03 -54.81 31.28
N MET D 87 14.69 -53.90 30.35
CA MET D 87 14.16 -52.63 30.74
C MET D 87 12.82 -52.82 31.36
N GLN D 88 12.02 -53.78 30.84
CA GLN D 88 10.67 -53.87 31.30
C GLN D 88 10.59 -54.15 32.77
N LEU D 89 11.11 -55.30 33.21
CA LEU D 89 10.94 -55.67 34.59
C LEU D 89 11.69 -54.71 35.46
N LEU D 90 12.90 -54.30 35.01
CA LEU D 90 13.72 -53.48 35.85
C LEU D 90 13.00 -52.22 36.17
N THR D 91 12.48 -51.52 35.15
CA THR D 91 11.79 -50.29 35.41
C THR D 91 10.57 -50.63 36.20
N VAL D 92 9.95 -51.79 35.91
CA VAL D 92 8.71 -52.07 36.57
C VAL D 92 8.85 -52.16 38.06
N ALA D 93 9.52 -53.22 38.56
CA ALA D 93 9.56 -53.44 39.97
C ALA D 93 10.24 -52.25 40.60
N ILE D 94 11.35 -51.80 39.99
CA ILE D 94 12.00 -50.65 40.53
C ILE D 94 11.93 -49.56 39.51
N PRO D 95 11.07 -48.62 39.77
CA PRO D 95 10.90 -47.51 38.86
C PRO D 95 12.07 -46.62 38.64
N SER D 96 12.67 -46.05 39.71
CA SER D 96 13.75 -45.14 39.44
C SER D 96 14.94 -45.49 40.27
N LEU D 97 15.88 -46.24 39.65
CA LEU D 97 17.13 -46.53 40.28
C LEU D 97 18.00 -45.32 40.21
N GLN D 98 18.06 -44.67 39.01
CA GLN D 98 18.96 -43.57 38.96
C GLN D 98 18.52 -42.51 37.99
N ARG D 99 17.81 -41.50 38.52
CA ARG D 99 17.50 -40.25 37.89
C ARG D 99 16.85 -40.31 36.54
N LEU D 100 16.33 -41.45 36.06
CA LEU D 100 15.71 -41.31 34.77
C LEU D 100 14.41 -42.04 34.75
N ALA D 101 13.33 -41.45 35.31
CA ALA D 101 12.06 -42.07 35.06
C ALA D 101 11.66 -41.72 33.66
N LYS D 102 11.60 -40.39 33.42
CA LYS D 102 11.30 -39.81 32.14
C LYS D 102 11.59 -38.35 32.31
N GLU D 103 12.56 -37.81 31.53
CA GLU D 103 12.92 -36.44 31.73
C GLU D 103 11.79 -35.55 31.35
N GLU D 104 11.31 -35.67 30.09
CA GLU D 104 10.22 -34.87 29.65
C GLU D 104 9.53 -35.72 28.65
N GLY D 105 9.96 -36.99 28.62
CA GLY D 105 9.45 -37.97 27.72
C GLY D 105 10.50 -38.20 26.71
N ASP D 106 10.92 -37.15 25.96
CA ASP D 106 11.98 -37.32 25.00
C ASP D 106 13.31 -37.43 25.66
N TYR D 107 13.62 -36.47 26.57
CA TYR D 107 14.93 -36.44 27.15
C TYR D 107 15.08 -37.69 27.94
N GLY D 108 14.01 -38.03 28.67
CA GLY D 108 14.01 -39.21 29.48
C GLY D 108 14.11 -40.42 28.57
N ARG D 109 13.40 -40.42 27.41
CA ARG D 109 13.34 -41.56 26.52
C ARG D 109 14.62 -41.88 25.79
N TYR D 110 15.29 -40.88 25.18
CA TYR D 110 16.48 -41.18 24.41
C TYR D 110 17.51 -41.73 25.33
N LYS D 111 17.63 -41.10 26.52
CA LYS D 111 18.60 -41.55 27.46
C LYS D 111 18.27 -42.97 27.80
N ILE D 112 16.97 -43.27 27.95
CA ILE D 112 16.55 -44.59 28.31
C ILE D 112 16.92 -45.56 27.22
N ASN D 113 16.69 -45.19 25.95
CA ASN D 113 16.95 -46.11 24.87
C ASN D 113 18.42 -46.41 24.77
N GLU D 114 19.29 -45.41 24.97
CA GLU D 114 20.69 -45.67 24.84
C GLU D 114 21.03 -46.69 25.88
N TYR D 115 20.47 -46.53 27.08
CA TYR D 115 20.76 -47.47 28.12
C TYR D 115 20.28 -48.81 27.68
N THR D 116 19.14 -48.87 26.97
CA THR D 116 18.65 -50.16 26.59
C THR D 116 19.60 -50.81 25.62
N LYS D 117 20.22 -50.02 24.70
CA LYS D 117 21.04 -50.65 23.70
C LYS D 117 22.15 -51.43 24.33
N TYR D 118 22.97 -50.78 25.17
CA TYR D 118 24.11 -51.44 25.73
C TYR D 118 23.63 -52.57 26.59
N LEU D 119 22.51 -52.37 27.29
CA LEU D 119 22.05 -53.32 28.28
C LEU D 119 21.78 -54.65 27.63
N THR D 120 20.99 -54.67 26.54
CA THR D 120 20.60 -55.86 25.81
C THR D 120 21.79 -56.48 25.17
N LEU D 121 22.77 -55.64 24.79
CA LEU D 121 23.91 -56.11 24.07
C LEU D 121 24.68 -57.08 24.93
N PHE D 122 24.98 -56.67 26.18
CA PHE D 122 25.76 -57.50 27.07
C PHE D 122 24.98 -58.72 27.40
N VAL D 123 23.65 -58.58 27.60
CA VAL D 123 22.91 -59.74 27.98
C VAL D 123 23.00 -60.76 26.90
N ALA D 124 23.01 -60.31 25.64
CA ALA D 124 23.09 -61.24 24.55
C ALA D 124 24.37 -62.02 24.71
N THR D 125 25.44 -61.38 25.17
CA THR D 125 26.69 -62.09 25.25
C THR D 125 26.56 -63.24 26.22
N VAL D 126 25.88 -63.02 27.36
CA VAL D 126 25.80 -64.05 28.35
C VAL D 126 25.16 -65.26 27.73
N GLN D 127 24.05 -65.06 27.01
CA GLN D 127 23.32 -66.12 26.38
C GLN D 127 24.21 -66.78 25.37
N SER D 128 25.14 -66.00 24.79
CA SER D 128 26.04 -66.48 23.78
C SER D 128 26.79 -67.70 24.24
N LEU D 129 27.65 -67.56 25.25
CA LEU D 129 28.49 -68.66 25.62
C LEU D 129 27.66 -69.84 26.05
N GLY D 130 26.57 -69.62 26.81
CA GLY D 130 25.81 -70.73 27.34
C GLY D 130 25.20 -71.58 26.27
N ILE D 131 24.48 -70.99 25.31
CA ILE D 131 23.80 -71.75 24.29
C ILE D 131 24.85 -72.48 23.51
N ALA D 132 25.99 -71.82 23.32
CA ALA D 132 27.07 -72.35 22.55
C ALA D 132 27.52 -73.66 23.12
N PHE D 133 27.79 -73.67 24.44
CA PHE D 133 28.35 -74.85 25.06
C PHE D 133 27.43 -76.01 24.97
N TRP D 134 26.18 -75.84 25.43
CA TRP D 134 25.30 -76.97 25.52
C TRP D 134 25.03 -77.51 24.16
N ILE D 135 24.75 -76.62 23.19
CA ILE D 135 24.34 -77.08 21.89
C ILE D 135 25.43 -77.84 21.19
N ARG D 136 26.66 -77.30 21.15
CA ARG D 136 27.70 -77.89 20.37
C ARG D 136 27.94 -79.29 20.84
N GLY D 137 27.89 -79.50 22.17
CA GLY D 137 28.19 -80.77 22.77
C GLY D 137 27.19 -81.86 22.51
N GLN D 138 25.87 -81.60 22.59
CA GLN D 138 25.05 -82.77 22.41
C GLN D 138 23.72 -82.44 21.83
N VAL D 139 23.62 -82.36 20.49
CA VAL D 139 22.37 -82.05 19.87
C VAL D 139 22.17 -82.95 18.70
N SER D 140 20.89 -83.13 18.28
CA SER D 140 20.47 -83.95 17.18
C SER D 140 21.27 -83.50 16.00
N PRO D 141 21.33 -84.29 14.94
CA PRO D 141 22.33 -84.16 13.92
C PRO D 141 22.87 -82.81 13.64
N LYS D 142 24.17 -82.69 13.96
CA LYS D 142 24.90 -81.48 13.84
C LYS D 142 26.18 -81.83 13.15
N GLY D 143 26.49 -81.12 12.06
CA GLY D 143 27.67 -81.39 11.28
C GLY D 143 28.91 -81.09 12.07
N ILE D 144 28.82 -80.17 13.05
CA ILE D 144 29.95 -79.61 13.74
C ILE D 144 31.02 -80.60 14.07
N PRO D 145 32.17 -80.25 13.52
CA PRO D 145 33.37 -81.03 13.72
C PRO D 145 33.96 -80.74 15.05
N VAL D 146 34.85 -81.62 15.56
CA VAL D 146 35.46 -81.27 16.80
C VAL D 146 36.91 -81.60 16.74
N VAL D 147 37.77 -80.56 16.71
CA VAL D 147 39.17 -80.84 16.81
C VAL D 147 39.61 -80.08 18.00
N GLU D 148 39.66 -80.74 19.18
CA GLU D 148 39.94 -79.99 20.37
C GLU D 148 38.86 -78.96 20.36
N ASN D 149 39.10 -77.78 20.96
CA ASN D 149 38.15 -76.78 20.68
C ASN D 149 38.60 -76.26 19.35
N PRO D 150 38.06 -76.86 18.31
CA PRO D 150 38.56 -76.66 16.97
C PRO D 150 38.78 -75.23 16.59
N GLY D 151 40.01 -74.73 16.77
CA GLY D 151 40.39 -73.41 16.38
C GLY D 151 40.30 -72.51 17.56
N ILE D 152 39.19 -71.75 17.68
CA ILE D 152 39.13 -70.89 18.83
C ILE D 152 37.99 -71.40 19.65
N SER D 153 37.88 -72.73 19.75
CA SER D 153 36.82 -73.32 20.51
C SER D 153 35.55 -73.01 19.84
N PHE D 154 34.62 -73.95 19.89
CA PHE D 154 33.33 -73.59 19.43
C PHE D 154 32.93 -72.67 20.53
N ILE D 155 33.59 -72.80 21.71
CA ILE D 155 33.31 -71.86 22.74
C ILE D 155 33.79 -70.48 22.40
N LEU D 156 35.10 -70.26 22.14
CA LEU D 156 35.50 -68.91 21.89
C LEU D 156 35.06 -68.48 20.52
N ILE D 157 35.10 -69.42 19.56
CA ILE D 157 34.71 -69.22 18.19
C ILE D 157 33.24 -69.08 18.15
N THR D 158 32.47 -69.90 18.89
CA THR D 158 31.08 -69.64 18.73
C THR D 158 30.77 -68.38 19.44
N VAL D 159 31.53 -68.04 20.51
CA VAL D 159 31.26 -66.79 21.17
C VAL D 159 31.45 -65.74 20.13
N LEU D 160 32.37 -65.98 19.18
CA LEU D 160 32.60 -65.02 18.15
C LEU D 160 31.36 -64.84 17.31
N THR D 161 30.79 -65.96 16.80
CA THR D 161 29.64 -65.92 15.94
C THR D 161 28.46 -65.44 16.72
N LEU D 162 28.43 -65.74 18.03
CA LEU D 162 27.35 -65.34 18.86
C LEU D 162 27.34 -63.85 19.11
N VAL D 163 28.51 -63.27 19.48
CA VAL D 163 28.57 -61.86 19.70
C VAL D 163 28.50 -61.14 18.40
N ALA D 164 29.33 -61.58 17.43
CA ALA D 164 29.40 -60.97 16.13
C ALA D 164 28.07 -61.15 15.50
N GLY D 165 27.48 -62.34 15.70
CA GLY D 165 26.20 -62.66 15.16
C GLY D 165 25.21 -61.70 15.72
N THR D 166 25.33 -61.37 17.02
CA THR D 166 24.39 -60.49 17.65
C THR D 166 24.42 -59.21 16.88
N MET D 167 25.62 -58.82 16.42
CA MET D 167 25.76 -57.60 15.68
C MET D 167 25.13 -57.65 14.32
N PHE D 168 25.33 -58.73 13.53
CA PHE D 168 24.83 -58.65 12.18
C PHE D 168 23.34 -58.57 12.23
N LEU D 169 22.69 -59.31 13.15
CA LEU D 169 21.27 -59.20 13.27
C LEU D 169 20.89 -57.86 13.82
N VAL D 170 21.57 -57.40 14.91
CA VAL D 170 21.17 -56.16 15.53
C VAL D 170 21.30 -55.05 14.54
N TRP D 171 22.44 -55.03 13.82
CA TRP D 171 22.70 -53.99 12.86
C TRP D 171 21.60 -54.06 11.86
N ILE D 172 21.22 -55.29 11.46
CA ILE D 172 20.19 -55.43 10.48
C ILE D 172 18.90 -54.92 11.05
N ALA D 173 18.58 -55.24 12.31
CA ALA D 173 17.32 -54.87 12.88
C ALA D 173 17.17 -53.39 12.85
N ASP D 174 18.22 -52.64 13.24
CA ASP D 174 18.10 -51.21 13.31
C ASP D 174 17.78 -50.69 11.95
N ARG D 175 18.50 -51.15 10.91
CA ARG D 175 18.26 -50.67 9.58
C ARG D 175 16.86 -51.03 9.22
N ILE D 176 16.44 -52.23 9.63
CA ILE D 176 15.11 -52.70 9.35
C ILE D 176 14.18 -51.72 9.97
N THR D 177 14.58 -51.17 11.12
CA THR D 177 13.79 -50.23 11.85
C THR D 177 13.62 -49.01 10.99
N GLU D 178 14.59 -48.72 10.12
CA GLU D 178 14.44 -47.54 9.30
C GLU D 178 13.29 -47.70 8.35
N LYS D 179 13.33 -48.72 7.48
CA LYS D 179 12.26 -48.93 6.56
C LYS D 179 11.10 -49.78 7.05
N GLY D 180 11.37 -51.05 7.46
CA GLY D 180 10.30 -51.91 7.90
C GLY D 180 9.88 -51.71 9.30
N ILE D 181 10.71 -52.21 10.25
CA ILE D 181 10.47 -51.93 11.61
C ILE D 181 11.28 -52.63 12.56
N GLY D 182 11.15 -52.02 13.73
CA GLY D 182 11.85 -52.52 14.82
C GLY D 182 11.32 -53.89 14.97
N ASN D 183 10.01 -54.06 14.67
CA ASN D 183 9.42 -55.35 14.85
C ASN D 183 9.10 -55.94 13.51
N GLY D 184 9.53 -55.27 12.43
CA GLY D 184 9.25 -55.72 11.10
C GLY D 184 10.06 -56.95 10.91
N ALA D 185 11.26 -56.90 11.49
CA ALA D 185 12.19 -57.99 11.44
C ALA D 185 11.55 -59.16 12.11
N SER D 186 10.82 -58.92 13.21
CA SER D 186 10.22 -60.01 13.92
C SER D 186 9.16 -60.63 13.07
N LEU D 187 8.31 -59.79 12.46
CA LEU D 187 7.19 -60.28 11.69
C LEU D 187 7.74 -61.09 10.58
N ILE D 188 8.91 -60.70 10.03
CA ILE D 188 9.39 -61.48 8.93
C ILE D 188 9.64 -62.87 9.43
N ILE D 189 10.14 -62.99 10.67
CA ILE D 189 10.43 -64.27 11.23
C ILE D 189 9.17 -65.05 11.21
N PHE D 190 8.06 -64.37 11.54
CA PHE D 190 6.79 -65.02 11.55
C PHE D 190 6.40 -65.36 10.16
N ALA D 191 6.67 -64.45 9.19
CA ALA D 191 6.26 -64.68 7.84
C ALA D 191 6.89 -65.94 7.39
N GLY D 192 8.18 -66.15 7.73
CA GLY D 192 8.86 -67.34 7.30
C GLY D 192 8.33 -68.57 7.94
N ILE D 193 8.21 -68.59 9.29
CA ILE D 193 7.79 -69.77 9.96
C ILE D 193 6.39 -70.06 9.50
N VAL D 194 5.53 -69.03 9.52
CA VAL D 194 4.15 -69.13 9.20
C VAL D 194 4.02 -69.59 7.79
N ALA D 195 4.96 -69.18 6.92
CA ALA D 195 5.05 -69.53 5.53
C ALA D 195 5.47 -70.94 5.34
N ASN D 196 6.32 -71.46 6.24
CA ASN D 196 6.90 -72.75 6.01
C ASN D 196 5.85 -73.81 5.94
N PHE D 197 4.90 -73.82 6.90
CA PHE D 197 3.88 -74.84 6.93
C PHE D 197 2.79 -74.79 5.88
N PRO D 198 2.16 -73.70 5.50
CA PRO D 198 1.09 -73.69 4.54
C PRO D 198 1.53 -74.16 3.18
N ASN D 199 2.83 -74.04 2.88
CA ASN D 199 3.45 -74.42 1.65
C ASN D 199 3.34 -75.90 1.53
N ALA D 200 3.00 -76.56 2.65
CA ALA D 200 2.95 -77.99 2.73
C ALA D 200 4.32 -78.57 2.67
N VAL D 201 5.25 -78.04 3.50
CA VAL D 201 6.54 -78.65 3.59
C VAL D 201 6.34 -80.02 4.16
N ILE D 202 5.82 -80.09 5.42
CA ILE D 202 5.52 -81.38 5.97
C ILE D 202 4.25 -81.30 6.76
N GLN D 203 3.10 -81.17 6.08
CA GLN D 203 1.89 -81.22 6.82
C GLN D 203 0.98 -82.15 6.09
N PHE D 204 1.32 -83.45 6.15
CA PHE D 204 0.51 -84.49 5.61
C PHE D 204 0.97 -85.71 6.32
N TYR D 205 0.37 -86.02 7.47
CA TYR D 205 0.85 -87.18 8.16
C TYR D 205 -0.22 -87.73 9.05
N GLU D 206 0.08 -87.82 10.35
CA GLU D 206 -0.76 -88.44 11.34
C GLU D 206 -2.10 -87.78 11.40
N LYS D 207 -3.11 -88.66 11.52
CA LYS D 207 -4.50 -88.36 11.67
C LYS D 207 -5.20 -89.65 11.38
N VAL D 208 -6.52 -89.71 11.64
CA VAL D 208 -7.15 -90.96 11.32
C VAL D 208 -7.35 -90.96 9.84
N LYS D 209 -6.29 -91.40 9.13
CA LYS D 209 -6.31 -91.44 7.70
C LYS D 209 -6.72 -90.09 7.22
N THR D 210 -6.33 -89.03 7.95
CA THR D 210 -6.71 -87.71 7.56
C THR D 210 -5.56 -86.79 7.85
N GLY D 211 -5.85 -85.51 8.14
CA GLY D 211 -4.81 -84.54 8.31
C GLY D 211 -4.61 -83.95 6.95
N ASP D 212 -5.47 -84.34 5.99
CA ASP D 212 -5.31 -83.80 4.67
C ASP D 212 -6.66 -83.42 4.19
N ILE D 213 -7.70 -83.85 4.92
CA ILE D 213 -9.03 -83.49 4.54
C ILE D 213 -9.53 -82.74 5.71
N GLY D 214 -10.63 -82.01 5.52
CA GLY D 214 -11.09 -81.15 6.56
C GLY D 214 -10.33 -79.85 6.51
N PRO D 215 -10.02 -79.34 5.32
CA PRO D 215 -9.31 -78.09 5.17
C PRO D 215 -10.24 -77.00 5.55
N LEU D 216 -11.46 -77.34 6.01
CA LEU D 216 -12.41 -76.36 6.47
C LEU D 216 -11.67 -75.62 7.54
N THR D 217 -10.71 -76.33 8.17
CA THR D 217 -9.86 -75.82 9.18
C THR D 217 -9.25 -74.55 8.69
N LEU D 218 -8.88 -74.46 7.40
CA LEU D 218 -8.34 -73.25 6.85
C LEU D 218 -9.37 -72.17 6.94
N LEU D 219 -10.63 -72.47 6.59
CA LEU D 219 -11.65 -71.46 6.63
C LEU D 219 -11.85 -71.05 8.05
N LEU D 220 -11.86 -72.02 8.98
CA LEU D 220 -12.11 -71.72 10.36
C LEU D 220 -11.03 -70.84 10.90
N ILE D 221 -9.76 -71.08 10.52
CA ILE D 221 -8.71 -70.27 11.07
C ILE D 221 -8.98 -68.86 10.66
N ILE D 222 -9.54 -68.70 9.44
CA ILE D 222 -9.86 -67.40 8.92
C ILE D 222 -10.77 -66.73 9.90
N ALA D 223 -11.71 -67.50 10.48
CA ALA D 223 -12.64 -66.93 11.41
C ALA D 223 -11.83 -66.34 12.52
N LEU D 224 -10.70 -66.98 12.85
CA LEU D 224 -9.84 -66.56 13.92
C LEU D 224 -9.28 -65.20 13.60
N ILE D 225 -9.00 -64.92 12.30
CA ILE D 225 -8.41 -63.65 11.96
C ILE D 225 -9.36 -62.52 12.30
N ILE D 226 -10.67 -62.68 11.99
CA ILE D 226 -11.62 -61.63 12.23
C ILE D 226 -11.67 -61.35 13.70
N ALA D 227 -11.59 -62.39 14.53
CA ALA D 227 -11.70 -62.17 15.93
C ALA D 227 -10.57 -61.29 16.37
N ILE D 228 -9.35 -61.50 15.83
CA ILE D 228 -8.21 -60.79 16.32
C ILE D 228 -8.40 -59.31 16.15
N ILE D 229 -8.90 -58.87 14.98
CA ILE D 229 -9.00 -57.45 14.77
C ILE D 229 -9.85 -56.80 15.82
N VAL D 230 -10.85 -57.51 16.36
CA VAL D 230 -11.77 -56.92 17.31
C VAL D 230 -11.09 -56.40 18.57
N GLY D 231 -10.20 -57.17 19.23
CA GLY D 231 -9.64 -56.84 20.53
C GLY D 231 -8.82 -55.57 20.52
N ILE D 232 -8.14 -55.28 19.39
CA ILE D 232 -7.10 -54.27 19.40
C ILE D 232 -7.58 -52.89 19.11
N VAL D 233 -8.88 -52.67 18.78
CA VAL D 233 -9.42 -51.35 18.48
C VAL D 233 -9.19 -50.51 19.69
N TYR D 234 -8.95 -51.22 20.80
CA TYR D 234 -8.61 -50.70 22.05
C TYR D 234 -9.92 -50.69 22.68
N VAL D 235 -9.93 -50.95 23.97
CA VAL D 235 -11.14 -50.82 24.69
C VAL D 235 -11.53 -49.35 24.66
N GLN D 236 -10.64 -48.46 24.09
CA GLN D 236 -10.66 -47.04 23.82
C GLN D 236 -11.72 -46.17 24.45
N GLU D 237 -11.30 -44.94 24.86
CA GLU D 237 -12.13 -43.87 25.42
C GLU D 237 -11.36 -42.79 26.17
N ALA D 238 -11.85 -41.49 26.16
CA ALA D 238 -11.13 -40.41 26.84
C ALA D 238 -11.93 -39.17 27.25
N GLU D 239 -11.19 -38.19 27.86
CA GLU D 239 -11.58 -36.98 28.58
C GLU D 239 -11.56 -35.68 27.81
N ARG D 240 -10.80 -34.66 28.33
CA ARG D 240 -10.79 -33.33 27.76
C ARG D 240 -9.64 -32.48 28.28
N ARG D 241 -9.57 -31.21 27.80
CA ARG D 241 -8.66 -30.16 28.24
C ARG D 241 -7.31 -30.22 27.60
N ILE D 242 -6.72 -29.05 27.23
CA ILE D 242 -5.39 -29.03 26.67
C ILE D 242 -4.60 -27.87 27.21
N PRO D 243 -3.46 -28.17 27.81
CA PRO D 243 -2.55 -27.11 28.22
C PRO D 243 -1.28 -27.24 27.43
N ILE D 244 -0.42 -26.20 27.46
CA ILE D 244 0.88 -26.33 26.85
C ILE D 244 1.82 -25.42 27.60
N GLN D 245 2.95 -25.96 28.10
CA GLN D 245 3.84 -25.08 28.80
C GLN D 245 5.14 -25.05 28.07
N TYR D 246 5.56 -23.84 27.67
CA TYR D 246 6.82 -23.68 27.03
C TYR D 246 7.73 -23.50 28.18
N PRO D 247 8.96 -23.97 28.12
CA PRO D 247 9.83 -23.80 29.24
C PRO D 247 9.93 -22.34 29.47
N GLY D 248 9.62 -21.89 30.69
CA GLY D 248 9.63 -20.47 30.87
C GLY D 248 8.66 -20.14 31.97
N ARG D 249 8.38 -18.83 32.08
CA ARG D 249 7.55 -18.28 33.09
C ARG D 249 6.10 -18.65 32.95
N GLN D 250 5.58 -18.78 31.71
CA GLN D 250 4.14 -18.85 31.68
C GLN D 250 3.62 -19.96 30.81
N VAL D 251 2.28 -20.15 30.90
CA VAL D 251 1.49 -21.10 30.18
C VAL D 251 0.23 -20.40 29.77
N GLY D 252 -0.60 -21.01 28.90
CA GLY D 252 -1.79 -20.33 28.44
C GLY D 252 -2.99 -21.17 28.69
N ARG D 253 -4.18 -20.63 28.35
CA ARG D 253 -5.43 -21.34 28.49
C ARG D 253 -6.38 -20.83 27.45
N GLN D 254 -7.48 -21.60 27.19
CA GLN D 254 -8.44 -21.16 26.20
C GLN D 254 -9.83 -21.59 26.60
N LEU D 255 -10.81 -20.66 26.57
CA LEU D 255 -12.16 -21.04 26.92
C LEU D 255 -12.87 -21.87 25.87
N TYR D 256 -13.14 -21.32 24.66
CA TYR D 256 -13.84 -22.10 23.69
C TYR D 256 -13.76 -21.45 22.34
N ALA D 257 -13.94 -22.26 21.28
CA ALA D 257 -13.98 -21.76 19.93
C ALA D 257 -13.73 -22.94 19.05
N GLY D 258 -14.06 -22.80 17.76
CA GLY D 258 -13.77 -23.85 16.83
C GLY D 258 -14.97 -24.76 16.74
N ARG D 259 -15.14 -25.40 15.57
CA ARG D 259 -16.20 -26.33 15.38
C ARG D 259 -15.61 -27.47 14.62
N LYS D 260 -15.80 -28.71 15.10
CA LYS D 260 -15.25 -29.83 14.40
C LYS D 260 -15.72 -31.07 15.10
N THR D 261 -15.43 -32.23 14.51
CA THR D 261 -15.78 -33.49 15.09
C THR D 261 -14.54 -33.91 15.83
N TYR D 262 -14.42 -35.20 16.20
CA TYR D 262 -13.25 -35.72 16.85
C TYR D 262 -13.29 -35.38 18.31
N LEU D 263 -13.06 -36.40 19.16
CA LEU D 263 -13.05 -36.23 20.60
C LEU D 263 -11.89 -37.02 21.15
N PRO D 264 -11.58 -36.83 22.41
CA PRO D 264 -10.47 -37.54 23.02
C PRO D 264 -10.65 -39.00 23.34
N ILE D 265 -9.58 -39.81 23.12
CA ILE D 265 -9.61 -41.24 23.39
C ILE D 265 -8.34 -41.69 24.08
N LYS D 266 -8.44 -42.13 25.36
CA LYS D 266 -7.37 -42.69 26.17
C LYS D 266 -7.23 -44.19 26.34
N ILE D 267 -8.33 -44.97 26.51
CA ILE D 267 -8.15 -46.32 27.00
C ILE D 267 -7.52 -47.22 25.96
N ASN D 268 -7.09 -48.45 26.37
CA ASN D 268 -6.35 -49.28 25.43
C ASN D 268 -6.58 -50.75 25.66
N PRO D 269 -5.99 -51.54 24.80
CA PRO D 269 -6.03 -52.98 24.90
C PRO D 269 -4.63 -53.50 25.11
N ALA D 270 -4.47 -54.79 25.42
CA ALA D 270 -3.18 -55.38 25.68
C ALA D 270 -2.26 -55.19 24.52
N GLY D 271 -0.95 -55.06 24.82
CA GLY D 271 0.08 -54.75 23.88
C GLY D 271 0.34 -55.91 22.99
N VAL D 272 1.43 -55.82 22.21
CA VAL D 272 1.64 -56.72 21.12
C VAL D 272 1.71 -58.17 21.47
N ILE D 273 2.81 -58.69 22.06
CA ILE D 273 2.82 -60.12 22.18
C ILE D 273 2.63 -60.49 23.65
N PRO D 274 1.68 -59.95 24.45
CA PRO D 274 1.55 -60.30 25.84
C PRO D 274 1.34 -61.77 26.05
N ILE D 275 0.43 -62.40 25.28
CA ILE D 275 0.12 -63.78 25.49
C ILE D 275 1.39 -64.55 25.37
N ILE D 276 2.23 -64.21 24.38
CA ILE D 276 3.44 -64.96 24.21
C ILE D 276 4.31 -64.82 25.41
N PHE D 277 4.38 -63.63 26.03
CA PHE D 277 5.26 -63.51 27.16
C PHE D 277 4.82 -64.46 28.24
N ALA D 278 3.51 -64.44 28.60
CA ALA D 278 2.99 -65.27 29.66
C ALA D 278 3.09 -66.71 29.28
N GLN D 279 2.87 -67.01 27.98
CA GLN D 279 2.87 -68.36 27.49
C GLN D 279 4.20 -68.99 27.75
N ALA D 280 5.29 -68.23 27.51
CA ALA D 280 6.62 -68.73 27.66
C ALA D 280 6.82 -69.14 29.09
N LEU D 281 6.23 -68.40 30.04
CA LEU D 281 6.44 -68.77 31.42
C LEU D 281 5.97 -70.18 31.61
N LEU D 282 4.81 -70.51 31.02
CA LEU D 282 4.28 -71.83 31.12
C LEU D 282 5.24 -72.80 30.56
N LEU D 283 5.88 -72.41 29.47
CA LEU D 283 6.71 -73.34 28.78
C LEU D 283 7.83 -73.73 29.68
N ILE D 284 8.17 -72.88 30.67
CA ILE D 284 9.28 -73.20 31.52
C ILE D 284 9.04 -74.45 32.33
N PRO D 285 7.96 -74.61 33.05
CA PRO D 285 7.84 -75.83 33.79
C PRO D 285 7.63 -76.99 32.87
N SER D 286 6.95 -76.76 31.74
CA SER D 286 6.65 -77.82 30.81
C SER D 286 7.89 -78.27 30.14
N THR D 287 8.84 -77.35 29.99
CA THR D 287 10.02 -77.75 29.31
C THR D 287 10.80 -78.67 30.15
N LEU D 288 10.83 -78.40 31.47
CA LEU D 288 11.62 -79.21 32.33
C LEU D 288 11.06 -80.57 32.21
N LEU D 289 9.72 -80.67 32.25
CA LEU D 289 9.11 -81.96 32.22
C LEU D 289 9.33 -82.67 30.92
N ASN D 290 9.46 -82.00 29.78
CA ASN D 290 9.73 -82.86 28.67
C ASN D 290 11.16 -83.32 28.59
N PHE D 291 12.14 -82.50 29.03
CA PHE D 291 13.47 -83.00 28.90
C PHE D 291 14.18 -82.86 30.20
N VAL D 292 14.02 -83.86 31.07
CA VAL D 292 14.69 -83.87 32.34
C VAL D 292 15.96 -84.60 32.06
N GLN D 293 16.79 -84.82 33.08
CA GLN D 293 17.98 -85.55 32.76
C GLN D 293 17.49 -86.90 32.32
N ASN D 294 18.04 -87.40 31.19
CA ASN D 294 17.52 -88.62 30.63
C ASN D 294 16.06 -88.38 30.49
N PRO D 295 15.77 -87.40 29.65
CA PRO D 295 14.47 -86.84 29.49
C PRO D 295 13.38 -87.85 29.52
N PHE D 296 12.54 -87.76 30.56
CA PHE D 296 11.48 -88.69 30.69
C PHE D 296 10.28 -88.04 30.10
N ILE D 297 9.81 -88.56 28.96
CA ILE D 297 8.62 -87.96 28.46
C ILE D 297 7.55 -88.58 29.27
N LYS D 298 7.26 -87.97 30.43
CA LYS D 298 6.31 -88.58 31.28
C LYS D 298 5.03 -88.57 30.54
N VAL D 299 4.60 -89.79 30.15
CA VAL D 299 3.33 -90.04 29.56
C VAL D 299 2.28 -89.99 30.61
N ILE D 300 2.56 -90.60 31.78
CA ILE D 300 1.58 -90.63 32.82
C ILE D 300 1.31 -89.21 33.17
N ALA D 301 2.39 -88.46 33.44
CA ALA D 301 2.18 -87.07 33.62
C ALA D 301 2.78 -86.48 32.40
N ASP D 302 1.94 -86.23 31.38
CA ASP D 302 2.45 -85.73 30.14
C ASP D 302 2.66 -84.28 30.35
N MET D 303 3.93 -83.82 30.46
CA MET D 303 3.88 -82.42 30.66
C MET D 303 4.01 -81.74 29.36
N PHE D 304 3.54 -82.38 28.27
CA PHE D 304 3.43 -81.58 27.10
C PHE D 304 2.17 -80.77 27.19
N GLN D 305 1.04 -81.52 27.09
CA GLN D 305 -0.29 -81.02 27.14
C GLN D 305 -1.08 -81.13 28.42
N PRO D 306 -0.97 -82.20 29.17
CA PRO D 306 -1.93 -82.40 30.22
C PRO D 306 -2.09 -81.35 31.27
N GLY D 307 -0.98 -80.86 31.82
CA GLY D 307 -0.96 -79.85 32.82
C GLY D 307 -1.42 -78.57 32.22
N ALA D 308 -1.51 -78.56 30.87
CA ALA D 308 -1.66 -77.33 30.14
C ALA D 308 -2.76 -76.47 30.66
N ILE D 309 -3.93 -77.03 31.03
CA ILE D 309 -5.01 -76.17 31.43
C ILE D 309 -4.59 -75.34 32.60
N PHE D 310 -3.93 -75.94 33.60
CA PHE D 310 -3.55 -75.19 34.75
C PHE D 310 -2.57 -74.14 34.35
N TYR D 311 -1.57 -74.54 33.56
CA TYR D 311 -0.52 -73.65 33.20
C TYR D 311 -1.09 -72.52 32.38
N ASN D 312 -2.05 -72.79 31.47
CA ASN D 312 -2.52 -71.73 30.62
C ASN D 312 -3.14 -70.65 31.45
N PHE D 313 -3.87 -71.03 32.51
CA PHE D 313 -4.46 -70.02 33.34
C PHE D 313 -3.35 -69.22 33.89
N LEU D 314 -2.18 -69.85 34.14
CA LEU D 314 -1.08 -69.10 34.66
C LEU D 314 -0.77 -68.00 33.70
N TYR D 315 -0.92 -68.22 32.39
CA TYR D 315 -0.61 -67.17 31.46
C TYR D 315 -1.51 -66.02 31.81
N VAL D 316 -2.79 -66.32 32.13
CA VAL D 316 -3.71 -65.24 32.28
C VAL D 316 -3.30 -64.35 33.40
N THR D 317 -2.98 -64.91 34.59
CA THR D 317 -2.68 -64.07 35.70
C THR D 317 -1.47 -63.25 35.42
N PHE D 318 -0.35 -63.88 35.02
CA PHE D 318 0.83 -63.08 34.87
C PHE D 318 0.75 -62.04 33.81
N ILE D 319 0.43 -62.38 32.55
CA ILE D 319 0.50 -61.32 31.59
C ILE D 319 -0.55 -60.27 31.82
N VAL D 320 -1.83 -60.67 31.90
CA VAL D 320 -2.94 -59.77 32.00
C VAL D 320 -2.85 -58.88 33.20
N PHE D 321 -2.88 -59.47 34.41
CA PHE D 321 -2.97 -58.69 35.61
C PHE D 321 -1.76 -57.86 35.88
N PHE D 322 -0.56 -58.50 35.95
CA PHE D 322 0.58 -57.73 36.36
C PHE D 322 0.91 -56.66 35.36
N THR D 323 0.86 -56.99 34.06
CA THR D 323 1.20 -56.00 33.09
C THR D 323 0.25 -54.86 33.21
N TYR D 324 -1.06 -55.15 33.26
CA TYR D 324 -2.04 -54.10 33.29
C TYR D 324 -1.79 -53.19 34.43
N PHE D 325 -1.38 -53.70 35.60
CA PHE D 325 -1.18 -52.78 36.67
C PHE D 325 -0.12 -51.76 36.34
N TYR D 326 1.12 -52.20 36.04
CA TYR D 326 2.18 -51.26 35.77
C TYR D 326 1.92 -50.53 34.49
N THR D 327 1.49 -51.27 33.44
CA THR D 327 1.30 -50.74 32.13
C THR D 327 0.27 -49.65 32.18
N ALA D 328 -0.80 -49.86 32.96
CA ALA D 328 -1.90 -48.97 33.16
C ALA D 328 -1.33 -47.76 33.80
N VAL D 329 -0.09 -47.88 34.32
CA VAL D 329 0.62 -46.82 34.97
C VAL D 329 -0.28 -46.17 35.96
N LEU D 330 -0.16 -46.69 37.20
CA LEU D 330 -1.03 -46.37 38.29
C LEU D 330 -1.11 -44.87 38.42
N ILE D 331 -0.01 -44.16 38.08
CA ILE D 331 0.20 -42.74 38.19
C ILE D 331 -0.79 -41.94 37.39
N ASN D 332 -1.43 -42.52 36.36
CA ASN D 332 -2.24 -41.77 35.43
C ASN D 332 -3.17 -40.77 36.05
N PRO D 333 -4.00 -41.04 37.03
CA PRO D 333 -4.91 -40.04 37.52
C PRO D 333 -4.21 -38.79 37.95
N VAL D 334 -2.90 -38.89 38.33
CA VAL D 334 -2.20 -37.74 38.79
C VAL D 334 -2.06 -36.70 37.71
N GLU D 335 -1.38 -37.05 36.61
CA GLU D 335 -1.10 -36.07 35.60
C GLU D 335 -2.41 -35.56 35.09
N LEU D 336 -3.39 -36.47 34.93
CA LEU D 336 -4.69 -36.16 34.42
C LEU D 336 -5.44 -35.24 35.34
N ALA D 337 -5.65 -35.67 36.59
CA ALA D 337 -6.42 -34.94 37.55
C ALA D 337 -5.71 -33.66 37.84
N GLU D 338 -4.37 -33.69 37.74
CA GLU D 338 -3.54 -32.55 38.01
C GLU D 338 -3.74 -31.47 36.98
N ASN D 339 -3.71 -31.80 35.68
CA ASN D 339 -3.83 -30.76 34.70
C ASN D 339 -5.27 -30.58 34.36
N LEU D 340 -6.12 -30.52 35.41
CA LEU D 340 -7.54 -30.34 35.30
C LEU D 340 -8.20 -31.24 34.30
N HIS D 341 -8.69 -32.42 34.76
CA HIS D 341 -9.39 -33.29 33.86
C HIS D 341 -10.50 -34.01 34.57
N LYS D 342 -11.61 -34.26 33.84
CA LYS D 342 -12.73 -35.01 34.31
C LYS D 342 -13.01 -36.00 33.21
N ALA D 343 -12.91 -37.31 33.52
CA ALA D 343 -12.95 -38.36 32.54
C ALA D 343 -14.17 -38.28 31.66
N GLY D 344 -14.04 -38.83 30.43
CA GLY D 344 -15.14 -38.84 29.53
C GLY D 344 -15.29 -40.23 28.99
N ALA D 345 -16.42 -40.89 29.26
CA ALA D 345 -16.67 -42.17 28.69
C ALA D 345 -17.89 -42.76 29.32
N PHE D 346 -18.76 -43.37 28.48
CA PHE D 346 -19.93 -44.11 28.90
C PHE D 346 -20.65 -43.44 30.03
N ILE D 347 -21.16 -42.21 29.78
CA ILE D 347 -21.88 -41.36 30.70
C ILE D 347 -20.95 -40.24 31.01
N PRO D 348 -21.43 -39.05 31.21
CA PRO D 348 -20.53 -37.97 31.46
C PRO D 348 -19.74 -38.23 32.69
N GLY D 349 -18.41 -37.94 32.63
CA GLY D 349 -17.52 -38.23 33.71
C GLY D 349 -17.66 -37.18 34.76
N VAL D 350 -16.93 -37.33 35.88
CA VAL D 350 -17.06 -36.41 36.97
C VAL D 350 -15.83 -36.46 37.82
N ARG D 351 -15.99 -36.93 39.08
CA ARG D 351 -15.04 -36.89 40.16
C ARG D 351 -13.64 -37.14 39.69
N PRO D 352 -12.85 -36.19 40.14
CA PRO D 352 -11.43 -36.16 39.90
C PRO D 352 -10.69 -36.90 40.96
N GLY D 353 -9.36 -36.66 41.05
CA GLY D 353 -8.56 -37.18 42.11
C GLY D 353 -8.38 -38.65 41.94
N GLN D 354 -8.04 -39.30 43.07
CA GLN D 354 -7.78 -40.71 43.13
C GLN D 354 -9.05 -41.41 42.79
N ASP D 355 -10.19 -40.79 43.11
CA ASP D 355 -11.46 -41.42 42.93
C ASP D 355 -11.57 -41.80 41.49
N THR D 356 -10.97 -41.01 40.59
CA THR D 356 -11.02 -41.29 39.18
C THR D 356 -10.23 -42.53 38.87
N VAL D 357 -9.11 -42.76 39.59
CA VAL D 357 -8.30 -43.92 39.31
C VAL D 357 -9.18 -45.06 39.57
N LYS D 358 -10.12 -44.82 40.48
CA LYS D 358 -11.07 -45.83 40.74
C LYS D 358 -11.90 -46.09 39.52
N TYR D 359 -12.37 -45.02 38.84
CA TYR D 359 -13.24 -45.13 37.71
C TYR D 359 -12.52 -45.91 36.64
N LEU D 360 -11.24 -45.55 36.40
CA LEU D 360 -10.40 -46.18 35.41
C LEU D 360 -10.03 -47.57 35.80
N GLU D 361 -9.71 -47.78 37.09
CA GLU D 361 -9.24 -49.06 37.54
C GLU D 361 -10.28 -50.06 37.20
N ARG D 362 -11.56 -49.69 37.39
CA ARG D 362 -12.57 -50.65 37.09
C ARG D 362 -12.52 -50.98 35.63
N ILE D 363 -12.41 -49.95 34.77
CA ILE D 363 -12.38 -50.23 33.36
C ILE D 363 -11.16 -51.01 32.99
N ILE D 364 -9.96 -50.70 33.53
CA ILE D 364 -8.88 -51.46 32.99
C ILE D 364 -8.95 -52.91 33.31
N ASN D 365 -9.15 -53.31 34.59
CA ASN D 365 -9.15 -54.73 34.84
C ASN D 365 -10.33 -55.36 34.15
N ARG D 366 -11.46 -54.64 34.05
CA ARG D 366 -12.64 -55.23 33.47
C ARG D 366 -12.40 -55.60 32.04
N LEU D 367 -11.89 -54.63 31.26
CA LEU D 367 -11.69 -54.79 29.85
C LEU D 367 -10.66 -55.86 29.68
N ILE D 368 -9.71 -55.94 30.62
CA ILE D 368 -8.71 -56.94 30.48
C ILE D 368 -9.34 -58.29 30.58
N PHE D 369 -10.37 -58.46 31.44
CA PHE D 369 -11.01 -59.75 31.52
C PHE D 369 -11.49 -60.08 30.15
N PHE D 370 -12.06 -59.10 29.45
CA PHE D 370 -12.59 -59.29 28.13
C PHE D 370 -11.47 -59.72 27.23
N GLY D 371 -10.30 -59.06 27.34
CA GLY D 371 -9.19 -59.38 26.49
C GLY D 371 -8.81 -60.82 26.71
N ALA D 372 -8.81 -61.26 27.97
CA ALA D 372 -8.40 -62.59 28.30
C ALA D 372 -9.27 -63.54 27.55
N LEU D 373 -10.56 -63.19 27.42
CA LEU D 373 -11.47 -64.10 26.81
C LEU D 373 -10.99 -64.41 25.42
N PHE D 374 -10.64 -63.37 24.63
CA PHE D 374 -10.21 -63.60 23.28
C PHE D 374 -8.86 -64.24 23.15
N LEU D 375 -7.83 -63.67 23.78
CA LEU D 375 -6.50 -64.19 23.53
C LEU D 375 -6.44 -65.62 23.99
N SER D 376 -6.98 -65.88 25.20
CA SER D 376 -6.92 -67.20 25.73
C SER D 376 -7.68 -68.08 24.79
N VAL D 377 -8.69 -67.51 24.10
CA VAL D 377 -9.50 -68.30 23.20
C VAL D 377 -8.65 -68.73 22.04
N ILE D 378 -7.53 -68.03 21.78
CA ILE D 378 -6.70 -68.38 20.66
C ILE D 378 -6.08 -69.73 20.87
N ALA D 379 -5.32 -69.89 21.96
CA ALA D 379 -4.63 -71.12 22.22
C ALA D 379 -5.66 -72.15 22.42
N LEU D 380 -6.76 -71.74 23.05
CA LEU D 380 -7.87 -72.57 23.38
C LEU D 380 -8.50 -73.00 22.09
N ILE D 381 -8.48 -72.17 21.03
CA ILE D 381 -9.26 -72.52 19.88
C ILE D 381 -8.83 -73.83 19.29
N PRO D 382 -7.59 -74.13 19.00
CA PRO D 382 -7.27 -75.43 18.49
C PRO D 382 -7.65 -76.43 19.54
N ILE D 383 -7.61 -76.02 20.82
CA ILE D 383 -7.96 -76.86 21.93
C ILE D 383 -9.40 -77.25 21.94
N LEU D 384 -10.31 -76.32 21.58
CA LEU D 384 -11.72 -76.59 21.57
C LEU D 384 -12.09 -77.53 20.48
N ILE D 385 -11.55 -77.32 19.26
CA ILE D 385 -11.86 -78.05 18.07
C ILE D 385 -11.36 -79.47 18.13
N SER D 386 -10.16 -79.66 18.70
CA SER D 386 -9.48 -80.93 18.71
C SER D 386 -10.16 -81.91 19.61
N VAL D 387 -11.48 -81.77 19.86
CA VAL D 387 -12.17 -82.75 20.66
C VAL D 387 -12.41 -84.05 19.92
N TRP D 388 -12.99 -83.99 18.71
CA TRP D 388 -13.34 -85.18 17.97
C TRP D 388 -12.13 -85.90 17.47
N PHE D 389 -11.36 -85.24 16.58
CA PHE D 389 -10.19 -85.87 16.05
C PHE D 389 -9.06 -84.94 16.28
N ASN D 390 -8.16 -85.32 17.20
CA ASN D 390 -7.06 -84.50 17.59
C ASN D 390 -6.01 -84.62 16.54
N ILE D 391 -5.07 -83.66 16.53
CA ILE D 391 -3.99 -83.65 15.59
C ILE D 391 -2.71 -83.43 16.36
N PRO D 392 -1.71 -84.19 15.98
CA PRO D 392 -0.38 -84.04 16.52
C PRO D 392 0.33 -82.88 15.90
N PHE D 393 -0.29 -82.20 14.94
CA PHE D 393 0.35 -81.12 14.25
C PHE D 393 -0.27 -79.85 14.74
N TYR D 394 0.19 -79.38 15.91
CA TYR D 394 -0.27 -78.19 16.56
C TYR D 394 0.18 -76.97 15.83
N PHE D 395 1.37 -77.05 15.19
CA PHE D 395 2.06 -75.95 14.55
C PHE D 395 1.09 -75.00 13.89
N GLY D 396 1.07 -73.72 14.37
CA GLY D 396 0.18 -72.66 13.93
C GLY D 396 -0.11 -71.73 15.15
N GLY D 397 -1.37 -71.19 15.34
CA GLY D 397 -1.94 -70.55 16.54
C GLY D 397 -1.24 -69.29 16.99
N THR D 398 -0.21 -69.50 17.84
CA THR D 398 0.54 -68.43 18.45
C THR D 398 1.26 -67.69 17.37
N THR D 399 1.80 -68.44 16.41
CA THR D 399 2.55 -67.84 15.36
C THR D 399 1.66 -66.86 14.66
N ALA D 400 0.36 -67.18 14.55
CA ALA D 400 -0.59 -66.31 13.91
C ALA D 400 -0.78 -65.06 14.71
N LEU D 401 -0.87 -65.20 16.04
CA LEU D 401 -1.15 -64.05 16.86
C LEU D 401 -0.05 -63.07 16.64
N ILE D 402 1.19 -63.58 16.50
CA ILE D 402 2.29 -62.69 16.24
C ILE D 402 2.31 -62.18 14.83
N VAL D 403 2.09 -63.06 13.82
CA VAL D 403 2.18 -62.65 12.45
C VAL D 403 1.22 -61.53 12.21
N VAL D 404 -0.03 -61.69 12.68
CA VAL D 404 -1.03 -60.68 12.47
C VAL D 404 -0.60 -59.45 13.19
N GLY D 405 0.01 -59.61 14.37
CA GLY D 405 0.30 -58.47 15.19
C GLY D 405 1.16 -57.51 14.45
N VAL D 406 2.29 -57.98 13.87
CA VAL D 406 3.16 -57.08 13.19
C VAL D 406 2.45 -56.63 11.97
N ALA D 407 1.60 -57.51 11.40
CA ALA D 407 0.93 -57.16 10.18
C ALA D 407 0.12 -55.93 10.41
N LEU D 408 -0.70 -55.90 11.48
CA LEU D 408 -1.53 -54.76 11.72
C LEU D 408 -0.65 -53.58 11.97
N ASP D 409 0.52 -53.81 12.60
CA ASP D 409 1.43 -52.75 12.92
C ASP D 409 1.90 -52.09 11.66
N THR D 410 2.23 -52.89 10.63
CA THR D 410 2.71 -52.34 9.38
C THR D 410 1.57 -51.55 8.82
N PHE D 411 0.34 -51.98 9.10
CA PHE D 411 -0.78 -51.24 8.60
C PHE D 411 -0.69 -49.87 9.16
N ARG D 412 -0.20 -49.74 10.41
CA ARG D 412 -0.07 -48.44 11.02
C ARG D 412 0.86 -47.62 10.18
N GLN D 413 1.96 -48.21 9.67
CA GLN D 413 2.93 -47.43 8.95
C GLN D 413 2.30 -46.87 7.71
N ILE D 414 1.47 -47.67 7.01
CA ILE D 414 0.82 -47.20 5.82
C ILE D 414 -0.21 -46.17 6.16
N GLU D 415 -0.94 -46.37 7.28
CA GLU D 415 -2.05 -45.50 7.57
C GLU D 415 -1.60 -44.07 7.61
N THR D 416 -0.56 -43.75 8.39
CA THR D 416 -0.11 -42.39 8.48
C THR D 416 0.53 -41.93 7.20
N TYR D 417 1.32 -42.81 6.58
CA TYR D 417 2.13 -42.52 5.43
C TYR D 417 1.23 -42.15 4.29
N LEU D 418 0.06 -42.82 4.21
CA LEU D 418 -0.83 -42.69 3.09
C LEU D 418 -1.53 -41.37 3.06
N ILE D 419 -2.20 -41.13 1.92
CA ILE D 419 -2.95 -39.98 1.53
C ILE D 419 -2.10 -38.76 1.64
N GLN D 420 -1.82 -38.18 0.46
CA GLN D 420 -1.07 -36.98 0.32
C GLN D 420 -2.09 -35.90 0.27
N LYS D 421 -1.70 -34.67 -0.12
CA LYS D 421 -2.68 -33.62 -0.12
C LYS D 421 -3.74 -33.96 -1.11
N LYS D 422 -4.88 -34.45 -0.58
CA LYS D 422 -6.02 -34.82 -1.37
C LYS D 422 -6.65 -33.60 -1.97
N TYR D 423 -6.59 -32.47 -1.25
CA TYR D 423 -7.36 -31.31 -1.63
C TYR D 423 -7.04 -30.74 -2.97
N LYS D 424 -5.78 -30.43 -3.32
CA LYS D 424 -5.61 -29.79 -4.60
C LYS D 424 -5.51 -30.87 -5.62
N SER D 425 -6.50 -31.77 -5.61
CA SER D 425 -6.46 -32.83 -6.57
C SER D 425 -6.70 -32.15 -7.87
N TYR D 426 -6.55 -32.90 -8.97
CA TYR D 426 -6.77 -32.29 -10.23
C TYR D 426 -8.18 -31.83 -10.22
N VAL D 427 -9.08 -32.65 -9.67
CA VAL D 427 -10.46 -32.27 -9.62
C VAL D 427 -10.57 -31.09 -8.71
N ARG D 428 -11.44 -30.14 -9.07
CA ARG D 428 -11.62 -28.98 -8.24
C ARG D 428 -12.05 -29.49 -6.88
N LYS E 28 -42.53 35.42 -6.91
CA LYS E 28 -41.32 34.67 -7.31
C LYS E 28 -40.12 35.30 -6.68
N ALA E 29 -38.97 35.26 -7.37
CA ALA E 29 -37.77 35.87 -6.88
C ALA E 29 -38.06 37.33 -6.82
N THR E 30 -38.90 37.78 -7.77
CA THR E 30 -39.25 39.14 -7.96
C THR E 30 -39.87 39.69 -6.71
N ILE E 31 -40.68 38.91 -5.99
CA ILE E 31 -41.28 39.50 -4.82
C ILE E 31 -40.21 39.94 -3.88
N SER E 32 -39.20 39.08 -3.66
CA SER E 32 -38.14 39.46 -2.78
C SER E 32 -37.35 40.52 -3.47
N VAL E 33 -37.36 40.57 -4.81
CA VAL E 33 -36.55 41.58 -5.40
C VAL E 33 -37.14 42.90 -5.05
N ILE E 34 -38.49 42.98 -5.00
CA ILE E 34 -39.08 44.25 -4.68
C ILE E 34 -38.76 44.63 -3.28
N ILE E 35 -38.77 43.67 -2.32
CA ILE E 35 -38.50 44.05 -0.96
C ILE E 35 -37.12 44.64 -0.96
N PHE E 36 -36.21 44.01 -1.73
CA PHE E 36 -34.85 44.45 -1.82
C PHE E 36 -34.86 45.83 -2.41
N SER E 37 -35.72 46.06 -3.43
CA SER E 37 -35.69 47.33 -4.11
C SER E 37 -35.97 48.39 -3.10
N LEU E 38 -36.91 48.15 -2.17
CA LEU E 38 -37.18 49.16 -1.17
C LEU E 38 -35.96 49.32 -0.34
N ALA E 39 -35.27 48.21 0.00
CA ALA E 39 -34.13 48.26 0.86
C ALA E 39 -33.04 49.06 0.22
N ILE E 40 -32.80 48.82 -1.07
CA ILE E 40 -31.74 49.49 -1.76
C ILE E 40 -32.03 50.96 -1.74
N GLY E 41 -33.32 51.30 -1.92
CA GLY E 41 -33.73 52.66 -1.97
C GLY E 41 -33.43 53.30 -0.64
N VAL E 42 -33.57 52.53 0.45
CA VAL E 42 -33.36 53.11 1.74
C VAL E 42 -31.96 53.62 1.78
N TYR E 43 -31.04 52.87 1.16
CA TYR E 43 -29.66 53.27 1.12
C TYR E 43 -29.55 54.57 0.39
N LEU E 44 -30.23 54.73 -0.76
CA LEU E 44 -30.05 55.98 -1.45
C LEU E 44 -30.50 57.11 -0.60
N TRP E 45 -31.64 56.96 0.09
CA TRP E 45 -32.14 58.04 0.88
C TRP E 45 -31.10 58.35 1.91
N ILE E 46 -30.59 57.29 2.57
CA ILE E 46 -29.67 57.47 3.65
C ILE E 46 -28.36 58.06 3.17
N LEU E 47 -27.80 57.53 2.07
CA LEU E 47 -26.54 58.01 1.57
C LEU E 47 -26.72 59.42 1.11
N ASP E 48 -27.88 59.73 0.52
CA ASP E 48 -28.11 61.03 -0.03
C ASP E 48 -27.96 62.03 1.08
N LEU E 49 -28.45 61.67 2.28
CA LEU E 49 -28.41 62.54 3.40
C LEU E 49 -26.98 62.86 3.70
N THR E 50 -26.09 61.85 3.61
CA THR E 50 -24.74 62.11 3.96
C THR E 50 -24.16 63.12 3.01
N PHE E 51 -24.43 62.98 1.70
CA PHE E 51 -23.82 63.84 0.71
C PHE E 51 -24.16 65.26 1.01
N THR E 52 -25.45 65.53 1.19
CA THR E 52 -25.91 66.86 1.37
C THR E 52 -25.28 67.42 2.60
N LYS E 53 -25.16 66.57 3.64
CA LYS E 53 -24.61 66.97 4.90
C LYS E 53 -23.16 67.37 4.78
N ILE E 54 -22.29 66.45 4.29
CA ILE E 54 -20.88 66.68 4.24
C ILE E 54 -20.55 67.73 3.24
N ILE E 55 -21.20 67.64 2.06
CA ILE E 55 -20.89 68.52 0.97
C ILE E 55 -21.18 69.92 1.39
N SER E 56 -22.32 70.14 2.05
CA SER E 56 -22.71 71.45 2.48
C SER E 56 -21.74 71.91 3.51
N PHE E 57 -21.13 70.95 4.22
CA PHE E 57 -20.20 71.25 5.27
C PHE E 57 -19.07 72.01 4.67
N ILE E 58 -18.54 71.55 3.52
CA ILE E 58 -17.41 72.27 3.01
C ILE E 58 -17.82 73.67 2.65
N LEU E 59 -18.97 73.84 1.98
CA LEU E 59 -19.33 75.17 1.58
C LEU E 59 -19.63 76.03 2.76
N SER E 60 -20.46 75.51 3.67
CA SER E 60 -20.96 76.27 4.78
C SER E 60 -19.85 76.72 5.67
N LEU E 61 -19.04 75.78 6.18
CA LEU E 61 -18.02 76.18 7.11
C LEU E 61 -17.05 77.08 6.45
N ARG E 62 -16.51 76.69 5.29
CA ARG E 62 -15.48 77.53 4.78
C ARG E 62 -16.00 78.28 3.56
N LYS F 28 -18.18 -53.35 9.82
CA LYS F 28 -17.62 -52.00 10.05
C LYS F 28 -16.33 -51.87 9.30
N ALA F 29 -15.37 -51.11 9.86
CA ALA F 29 -14.09 -50.95 9.26
C ALA F 29 -13.47 -52.30 9.27
N THR F 30 -13.81 -53.07 10.32
CA THR F 30 -13.28 -54.37 10.58
C THR F 30 -13.54 -55.27 9.42
N ILE F 31 -14.71 -55.17 8.76
CA ILE F 31 -14.94 -56.10 7.71
C ILE F 31 -13.89 -55.91 6.65
N SER F 32 -13.60 -54.64 6.29
CA SER F 32 -12.59 -54.42 5.32
C SER F 32 -11.26 -54.76 5.94
N VAL F 33 -11.15 -54.68 7.28
CA VAL F 33 -9.85 -54.98 7.80
C VAL F 33 -9.59 -56.42 7.54
N ILE F 34 -10.63 -57.28 7.65
CA ILE F 34 -10.39 -58.68 7.43
C ILE F 34 -10.01 -58.91 6.01
N ILE F 35 -10.64 -58.23 5.03
CA ILE F 35 -10.30 -58.49 3.67
C ILE F 35 -8.85 -58.16 3.53
N PHE F 36 -8.43 -57.07 4.18
CA PHE F 36 -7.07 -56.62 4.13
C PHE F 36 -6.22 -57.69 4.75
N SER F 37 -6.70 -58.28 5.86
CA SER F 37 -5.89 -59.25 6.56
C SER F 37 -5.56 -60.36 5.62
N LEU F 38 -6.53 -60.79 4.80
CA LEU F 38 -6.23 -61.84 3.87
C LEU F 38 -5.20 -61.34 2.90
N ALA F 39 -5.33 -60.07 2.46
CA ALA F 39 -4.45 -59.51 1.48
C ALA F 39 -3.05 -59.48 2.02
N ILE F 40 -2.91 -59.03 3.27
CA ILE F 40 -1.61 -58.89 3.85
C ILE F 40 -0.98 -60.25 3.90
N GLY F 41 -1.80 -61.26 4.24
CA GLY F 41 -1.34 -62.61 4.35
C GLY F 41 -0.82 -63.06 3.03
N VAL F 42 -1.46 -62.61 1.94
CA VAL F 42 -1.05 -63.07 0.64
C VAL F 42 0.37 -62.67 0.47
N TYR F 43 0.72 -61.47 0.97
CA TYR F 43 2.07 -61.00 0.85
C TYR F 43 2.97 -61.91 1.59
N LEU F 44 2.61 -62.33 2.82
CA LEU F 44 3.55 -63.18 3.52
C LEU F 44 3.79 -64.44 2.75
N TRP F 45 2.72 -65.04 2.19
CA TRP F 45 2.90 -66.27 1.49
C TRP F 45 3.84 -66.00 0.36
N ILE F 46 3.58 -64.91 -0.39
CA ILE F 46 4.35 -64.60 -1.56
C ILE F 46 5.78 -64.29 -1.20
N LEU F 47 6.00 -63.43 -0.19
CA LEU F 47 7.34 -63.04 0.19
C LEU F 47 8.06 -64.25 0.70
N ASP F 48 7.34 -65.12 1.41
CA ASP F 48 7.97 -66.26 2.02
C ASP F 48 8.59 -67.07 0.93
N LEU F 49 7.89 -67.17 -0.22
CA LEU F 49 8.36 -67.96 -1.32
C LEU F 49 9.67 -67.41 -1.76
N THR F 50 9.80 -66.06 -1.79
CA THR F 50 11.03 -65.52 -2.28
C THR F 50 12.15 -65.91 -1.37
N PHE F 51 11.95 -65.84 -0.05
CA PHE F 51 13.02 -66.10 0.88
C PHE F 51 13.57 -67.46 0.66
N THR F 52 12.66 -68.45 0.63
CA THR F 52 13.06 -69.82 0.54
C THR F 52 13.81 -70.00 -0.74
N LYS F 53 13.33 -69.34 -1.81
CA LYS F 53 13.91 -69.44 -3.11
C LYS F 53 15.32 -68.92 -3.14
N ILE F 54 15.52 -67.64 -2.77
CA ILE F 54 16.80 -67.00 -2.87
C ILE F 54 17.75 -67.57 -1.88
N ILE F 55 17.26 -67.76 -0.65
CA ILE F 55 18.11 -68.20 0.42
C ILE F 55 18.67 -69.55 0.07
N SER F 56 17.82 -70.44 -0.46
CA SER F 56 18.25 -71.76 -0.80
C SER F 56 19.23 -71.66 -1.92
N PHE F 57 19.10 -70.58 -2.72
CA PHE F 57 19.94 -70.37 -3.85
C PHE F 57 21.36 -70.28 -3.36
N ILE F 58 21.60 -69.50 -2.30
CA ILE F 58 22.97 -69.38 -1.88
C ILE F 58 23.48 -70.73 -1.46
N LEU F 59 22.71 -71.48 -0.65
CA LEU F 59 23.24 -72.72 -0.19
C LEU F 59 23.41 -73.69 -1.31
N SER F 60 22.36 -73.84 -2.13
CA SER F 60 22.33 -74.84 -3.15
C SER F 60 23.42 -74.64 -4.16
N LEU F 61 23.48 -73.44 -4.78
CA LEU F 61 24.47 -73.25 -5.80
C LEU F 61 25.83 -73.37 -5.22
N ARG F 62 26.12 -72.63 -4.14
CA ARG F 62 27.48 -72.67 -3.72
C ARG F 62 27.60 -73.48 -2.44
N LEU G 8 0.43 83.98 -7.71
CA LEU G 8 -0.37 83.60 -6.54
C LEU G 8 -0.30 82.12 -6.44
N PHE G 9 -0.84 81.54 -5.35
CA PHE G 9 -0.83 80.11 -5.21
C PHE G 9 -1.64 79.51 -6.33
N VAL G 10 -2.83 80.09 -6.59
CA VAL G 10 -3.73 79.50 -7.54
C VAL G 10 -3.15 79.51 -8.92
N ILE G 11 -2.42 80.59 -9.28
CA ILE G 11 -1.98 80.68 -10.64
C ILE G 11 -1.11 79.53 -11.00
N ILE G 12 -0.09 79.22 -10.19
CA ILE G 12 0.73 78.09 -10.50
C ILE G 12 -0.10 76.86 -10.35
N ALA G 13 -1.03 76.88 -9.38
CA ALA G 13 -1.85 75.74 -9.12
C ALA G 13 -2.63 75.39 -10.35
N VAL G 14 -3.11 76.39 -11.10
CA VAL G 14 -3.89 76.12 -12.29
C VAL G 14 -3.02 75.41 -13.28
N VAL G 15 -1.74 75.80 -13.37
CA VAL G 15 -0.85 75.10 -14.24
C VAL G 15 -0.79 73.68 -13.75
N LEU G 16 -0.82 73.50 -12.42
CA LEU G 16 -0.80 72.18 -11.86
C LEU G 16 -2.06 71.43 -12.17
N ILE G 17 -3.20 72.11 -12.16
CA ILE G 17 -4.45 71.42 -12.28
C ILE G 17 -4.52 70.72 -13.61
N ILE G 18 -4.07 71.38 -14.70
CA ILE G 18 -4.07 70.74 -15.98
C ILE G 18 -3.15 69.57 -15.92
N SER G 19 -2.00 69.75 -15.25
CA SER G 19 -0.99 68.75 -15.18
C SER G 19 -1.54 67.51 -14.54
N THR G 20 -2.28 67.67 -13.42
CA THR G 20 -2.79 66.54 -12.72
C THR G 20 -3.72 65.80 -13.62
N LEU G 21 -4.39 66.55 -14.52
CA LEU G 21 -5.32 66.00 -15.46
C LEU G 21 -4.60 65.03 -16.35
N LEU G 22 -3.40 65.41 -16.85
CA LEU G 22 -2.72 64.56 -17.78
C LEU G 22 -2.31 63.27 -17.14
N GLN G 23 -1.71 63.30 -15.93
CA GLN G 23 -1.23 62.10 -15.32
C GLN G 23 -2.38 61.18 -15.11
N LYS G 24 -3.55 61.77 -14.79
CA LYS G 24 -4.74 61.03 -14.53
C LYS G 24 -5.18 60.33 -15.77
N GLY G 25 -5.10 61.01 -16.93
CA GLY G 25 -5.59 60.45 -18.16
C GLY G 25 -4.80 59.22 -18.49
N ARG G 26 -3.47 59.26 -18.28
CA ARG G 26 -2.59 58.16 -18.59
C ARG G 26 -2.83 56.99 -17.69
N GLY G 27 -3.11 57.26 -16.41
CA GLY G 27 -3.22 56.20 -15.45
C GLY G 27 -4.27 55.23 -15.88
N ASP G 28 -5.39 55.71 -16.45
CA ASP G 28 -6.43 54.82 -16.85
C ASP G 28 -6.02 53.98 -18.02
N VAL G 29 -5.24 54.52 -18.98
CA VAL G 29 -4.96 53.72 -20.14
C VAL G 29 -4.14 52.54 -19.70
N GLY G 30 -3.12 52.78 -18.85
CA GLY G 30 -2.28 51.75 -18.34
C GLY G 30 -3.14 50.89 -17.48
N ALA G 31 -4.15 51.53 -16.86
CA ALA G 31 -5.09 50.97 -15.95
C ALA G 31 -5.89 49.91 -16.63
N ALA G 32 -5.93 49.93 -17.98
CA ALA G 32 -6.72 49.17 -18.93
C ALA G 32 -6.51 47.68 -18.92
N PHE G 33 -5.39 47.14 -18.43
CA PHE G 33 -5.16 45.72 -18.53
C PHE G 33 -6.31 44.97 -17.92
N GLY G 34 -6.84 45.39 -16.76
CA GLY G 34 -7.99 44.75 -16.21
C GLY G 34 -9.20 45.03 -17.07
N GLY G 35 -9.40 46.30 -17.48
CA GLY G 35 -10.58 46.51 -18.26
C GLY G 35 -10.97 47.93 -18.20
N GLY G 36 -12.27 48.21 -18.48
CA GLY G 36 -12.65 49.59 -18.51
C GLY G 36 -14.11 49.73 -18.71
N MET G 37 -14.48 50.52 -19.75
CA MET G 37 -15.86 50.81 -20.01
C MET G 37 -16.58 49.53 -20.06
N GLY G 38 -17.77 49.52 -19.46
CA GLY G 38 -18.53 48.31 -19.38
C GLY G 38 -17.80 47.46 -18.41
N GLN G 39 -17.54 46.21 -18.80
CA GLN G 39 -16.82 45.33 -17.94
C GLN G 39 -16.07 44.39 -18.79
N SER G 40 -15.66 43.29 -18.15
CA SER G 40 -14.88 42.30 -18.80
C SER G 40 -14.93 41.15 -17.87
N ILE G 41 -13.73 40.67 -17.49
CA ILE G 41 -13.73 39.59 -16.59
C ILE G 41 -13.03 39.95 -15.33
N PHE G 42 -13.58 39.42 -14.23
CA PHE G 42 -13.01 39.65 -12.94
C PHE G 42 -11.68 38.99 -12.91
N GLY G 43 -10.63 39.76 -13.24
CA GLY G 43 -9.34 39.16 -13.25
C GLY G 43 -9.02 38.88 -11.84
N VAL G 44 -8.39 37.71 -11.61
CA VAL G 44 -8.04 37.36 -10.28
C VAL G 44 -6.58 37.58 -10.16
N GLY G 45 -6.06 37.39 -8.94
CA GLY G 45 -4.70 37.69 -8.66
C GLY G 45 -4.81 39.01 -8.00
N GLY G 46 -5.92 39.70 -8.37
CA GLY G 46 -6.33 40.91 -7.74
C GLY G 46 -5.52 42.07 -8.18
N VAL G 47 -5.71 43.15 -7.42
CA VAL G 47 -5.02 44.38 -7.59
C VAL G 47 -4.60 44.75 -6.21
N GLU G 48 -3.52 45.54 -6.10
CA GLU G 48 -3.14 46.06 -4.83
C GLU G 48 -3.28 47.52 -5.04
N THR G 49 -3.01 48.34 -4.01
CA THR G 49 -3.09 49.74 -4.30
C THR G 49 -1.94 50.04 -5.21
N ILE G 50 -2.27 50.51 -6.43
CA ILE G 50 -1.32 50.77 -7.47
C ILE G 50 -0.39 51.84 -7.00
N LEU G 51 0.85 51.83 -7.51
CA LEU G 51 1.81 52.85 -7.20
C LEU G 51 1.28 54.14 -7.73
N THR G 52 0.46 54.09 -8.81
CA THR G 52 -0.17 55.22 -9.45
C THR G 52 -1.20 55.83 -8.56
N LYS G 53 -1.68 55.08 -7.56
CA LYS G 53 -2.77 55.51 -6.73
C LYS G 53 -2.45 56.83 -6.12
N ALA G 54 -1.16 57.16 -6.01
CA ALA G 54 -0.79 58.43 -5.45
C ALA G 54 -1.44 59.50 -6.27
N THR G 55 -1.49 59.29 -7.60
CA THR G 55 -2.10 60.27 -8.45
C THR G 55 -3.56 60.36 -8.10
N TYR G 56 -4.21 59.22 -7.76
CA TYR G 56 -5.60 59.25 -7.42
C TYR G 56 -5.80 60.07 -6.18
N TRP G 57 -4.95 59.85 -5.16
CA TRP G 57 -5.11 60.52 -3.90
C TRP G 57 -4.93 61.98 -4.14
N LEU G 58 -3.94 62.33 -4.97
CA LEU G 58 -3.64 63.70 -5.23
C LEU G 58 -4.80 64.35 -5.90
N GLY G 59 -5.52 63.61 -6.78
CA GLY G 59 -6.62 64.23 -7.47
C GLY G 59 -7.72 64.62 -6.54
N ALA G 60 -8.21 63.68 -5.71
CA ALA G 60 -9.35 63.95 -4.87
C ALA G 60 -9.00 65.04 -3.91
N LEU G 61 -7.77 65.01 -3.38
CA LEU G 61 -7.38 66.04 -2.46
C LEU G 61 -7.43 67.34 -3.21
N PHE G 62 -6.95 67.32 -4.46
CA PHE G 62 -6.85 68.49 -5.28
C PHE G 62 -8.16 69.16 -5.54
N LEU G 63 -9.21 68.42 -5.92
CA LEU G 63 -10.44 69.08 -6.26
C LEU G 63 -11.01 69.80 -5.08
N VAL G 64 -11.04 69.15 -3.90
CA VAL G 64 -11.63 69.80 -2.77
C VAL G 64 -10.82 71.02 -2.46
N LEU G 65 -9.51 70.96 -2.71
CA LEU G 65 -8.65 72.08 -2.45
C LEU G 65 -9.15 73.23 -3.26
N ALA G 66 -9.50 72.94 -4.53
CA ALA G 66 -9.98 73.93 -5.44
C ALA G 66 -11.23 74.52 -4.88
N LEU G 67 -12.07 73.71 -4.22
CA LEU G 67 -13.33 74.21 -3.74
C LEU G 67 -13.07 75.30 -2.75
N LEU G 68 -12.11 75.09 -1.83
CA LEU G 68 -11.79 76.09 -0.85
C LEU G 68 -11.25 77.30 -1.55
N LEU G 69 -10.32 77.11 -2.50
CA LEU G 69 -9.61 78.14 -3.21
C LEU G 69 -10.50 78.95 -4.11
N SER G 70 -11.46 78.28 -4.77
CA SER G 70 -12.32 78.87 -5.76
C SER G 70 -13.02 79.99 -5.10
N VAL G 71 -13.26 79.85 -3.80
CA VAL G 71 -13.98 80.90 -3.14
C VAL G 71 -13.17 81.33 -1.98
N ILE G 72 -13.73 82.28 -1.22
CA ILE G 72 -13.12 82.76 -0.02
C ILE G 72 -12.85 81.54 0.84
N LEU H 8 47.87 -67.00 9.08
CA LEU H 8 47.04 -67.17 7.87
C LEU H 8 46.17 -65.95 7.78
N PHE H 9 45.42 -65.82 6.68
CA PHE H 9 44.54 -64.70 6.54
C PHE H 9 43.51 -64.77 7.62
N VAL H 10 42.92 -65.96 7.83
CA VAL H 10 41.83 -66.10 8.74
C VAL H 10 42.24 -65.79 10.14
N ILE H 11 43.47 -66.18 10.54
CA ILE H 11 43.83 -66.03 11.91
C ILE H 11 43.77 -64.59 12.32
N ILE H 12 44.39 -63.69 11.55
CA ILE H 12 44.32 -62.31 11.91
C ILE H 12 42.91 -61.86 11.72
N ALA H 13 42.23 -62.43 10.72
CA ALA H 13 40.88 -62.05 10.42
C ALA H 13 40.02 -62.29 11.62
N VAL H 14 40.25 -63.40 12.35
CA VAL H 14 39.44 -63.72 13.50
C VAL H 14 39.64 -62.65 14.54
N VAL H 15 40.88 -62.16 14.68
CA VAL H 15 41.11 -61.08 15.59
C VAL H 15 40.28 -59.92 15.10
N LEU H 16 40.18 -59.75 13.77
CA LEU H 16 39.39 -58.69 13.23
C LEU H 16 37.93 -58.91 13.49
N ILE H 17 37.46 -60.16 13.42
CA ILE H 17 36.05 -60.41 13.50
C ILE H 17 35.53 -59.94 14.83
N ILE H 18 36.26 -60.21 15.92
CA ILE H 18 35.81 -59.74 17.21
C ILE H 18 35.80 -58.26 17.19
N SER H 19 36.83 -57.66 16.57
CA SER H 19 37.00 -56.24 16.55
C SER H 19 35.80 -55.60 15.90
N THR H 20 35.36 -56.17 14.75
CA THR H 20 34.27 -55.57 14.02
C THR H 20 33.07 -55.62 14.90
N LEU H 21 32.98 -56.65 15.76
CA LEU H 21 31.89 -56.82 16.66
C LEU H 21 31.82 -55.65 17.59
N LEU H 22 32.97 -55.21 18.14
CA LEU H 22 32.94 -54.14 19.10
C LEU H 22 32.47 -52.86 18.48
N GLN H 23 32.99 -52.49 17.30
CA GLN H 23 32.63 -51.22 16.72
C GLN H 23 31.17 -51.22 16.47
N LYS H 24 30.64 -52.40 16.08
CA LYS H 24 29.25 -52.56 15.78
C LYS H 24 28.43 -52.32 17.00
N GLY H 25 28.89 -52.85 18.16
CA GLY H 25 28.12 -52.74 19.38
C GLY H 25 27.95 -51.30 19.74
N ARG H 26 29.02 -50.49 19.59
CA ARG H 26 29.01 -49.10 19.94
C ARG H 26 28.11 -48.31 19.04
N GLY H 27 28.10 -48.66 17.75
CA GLY H 27 27.39 -47.87 16.79
C GLY H 27 25.94 -47.78 17.19
N ASP H 28 25.36 -48.88 17.69
CA ASP H 28 23.97 -48.85 18.06
C ASP H 28 23.73 -47.97 19.25
N VAL H 29 24.65 -47.94 20.23
CA VAL H 29 24.33 -47.16 21.40
C VAL H 29 24.25 -45.72 21.02
N GLY H 30 25.21 -45.25 20.21
CA GLY H 30 25.24 -43.90 19.74
C GLY H 30 24.06 -43.74 18.84
N ALA H 31 23.69 -44.85 18.18
CA ALA H 31 22.64 -44.98 17.23
C ALA H 31 21.32 -44.67 17.89
N ALA H 32 21.27 -44.76 19.24
CA ALA H 32 20.16 -44.69 20.15
C ALA H 32 19.38 -43.40 20.16
N PHE H 33 19.93 -42.26 19.72
CA PHE H 33 19.21 -41.01 19.83
C PHE H 33 17.86 -41.13 19.19
N GLY H 34 17.76 -41.74 17.99
CA GLY H 34 16.47 -41.95 17.40
C GLY H 34 15.68 -42.95 18.20
N GLY H 35 16.30 -44.08 18.59
CA GLY H 35 15.50 -45.00 19.33
C GLY H 35 16.08 -46.37 19.24
N GLY H 36 15.25 -47.40 19.46
CA GLY H 36 15.81 -48.71 19.46
C GLY H 36 14.76 -49.75 19.60
N MET H 37 14.93 -50.61 20.63
CA MET H 37 14.03 -51.72 20.83
C MET H 37 12.66 -51.17 20.86
N GLY H 38 11.74 -51.90 20.20
CA GLY H 38 10.40 -51.42 20.10
C GLY H 38 10.46 -50.27 19.16
N GLN H 39 9.87 -49.14 19.56
CA GLN H 39 9.92 -47.98 18.74
C GLN H 39 9.87 -46.81 19.63
N SER H 40 9.53 -45.67 19.02
CA SER H 40 9.49 -44.43 19.70
C SER H 40 8.77 -43.53 18.78
N ILE H 41 9.41 -42.41 18.45
CA ILE H 41 8.75 -41.52 17.55
C ILE H 41 9.57 -41.33 16.34
N PHE H 42 8.85 -41.23 15.20
CA PHE H 42 9.47 -41.02 13.95
C PHE H 42 10.09 -39.67 13.98
N GLY H 43 11.38 -39.63 14.34
CA GLY H 43 12.00 -38.36 14.41
C GLY H 43 12.13 -37.87 13.02
N VAL H 44 11.90 -36.58 12.82
CA VAL H 44 11.99 -36.04 11.50
C VAL H 44 13.26 -35.29 11.46
N GLY H 45 13.59 -34.79 10.26
CA GLY H 45 14.84 -34.15 10.03
C GLY H 45 15.60 -35.23 9.36
N GLY H 46 15.17 -36.47 9.68
CA GLY H 46 15.62 -37.67 9.03
C GLY H 46 16.97 -38.06 9.49
N VAL H 47 17.52 -39.01 8.72
CA VAL H 47 18.82 -39.54 8.91
C VAL H 47 19.42 -39.52 7.55
N GLU H 48 20.75 -39.46 7.49
CA GLU H 48 21.43 -39.58 6.23
C GLU H 48 22.22 -40.82 6.43
N THR H 49 22.97 -41.26 5.41
CA THR H 49 23.78 -42.41 5.69
C THR H 49 24.83 -41.95 6.65
N ILE H 50 24.84 -42.55 7.85
CA ILE H 50 25.71 -42.20 8.92
C ILE H 50 27.12 -42.44 8.50
N LEU H 51 28.06 -41.67 9.06
CA LEU H 51 29.45 -41.86 8.79
C LEU H 51 29.83 -43.22 9.29
N THR H 52 29.13 -43.71 10.33
CA THR H 52 29.33 -45.01 10.93
C THR H 52 28.93 -46.11 9.99
N LYS H 53 28.11 -45.79 8.98
CA LYS H 53 27.57 -46.78 8.10
C LYS H 53 28.67 -47.59 7.50
N ALA H 54 29.89 -47.04 7.43
CA ALA H 54 30.99 -47.78 6.88
C ALA H 54 31.12 -49.03 7.68
N THR H 55 30.91 -48.96 9.00
CA THR H 55 31.00 -50.12 9.82
C THR H 55 29.95 -51.10 9.41
N TYR H 56 28.75 -50.60 9.05
CA TYR H 56 27.69 -51.49 8.64
C TYR H 56 28.08 -52.21 7.40
N TRP H 57 28.63 -51.48 6.41
CA TRP H 57 28.97 -52.06 5.15
C TRP H 57 30.02 -53.10 5.38
N LEU H 58 30.99 -52.78 6.26
CA LEU H 58 32.07 -53.67 6.52
C LEU H 58 31.55 -54.92 7.15
N GLY H 59 30.50 -54.82 7.99
CA GLY H 59 30.01 -56.01 8.63
C GLY H 59 29.42 -56.97 7.65
N ALA H 60 28.48 -56.52 6.81
CA ALA H 60 27.79 -57.42 5.92
C ALA H 60 28.77 -58.01 4.96
N LEU H 61 29.73 -57.22 4.49
CA LEU H 61 30.71 -57.75 3.58
C LEU H 61 31.46 -58.81 4.32
N PHE H 62 31.78 -58.53 5.60
CA PHE H 62 32.57 -59.39 6.42
C PHE H 62 31.96 -60.76 6.62
N LEU H 63 30.66 -60.85 6.95
CA LEU H 63 30.11 -62.15 7.24
C LEU H 63 30.16 -63.02 6.03
N VAL H 64 29.76 -62.50 4.85
CA VAL H 64 29.74 -63.34 3.69
C VAL H 64 31.14 -63.78 3.40
N LEU H 65 32.12 -62.91 3.72
CA LEU H 65 33.49 -63.23 3.48
C LEU H 65 33.81 -64.47 4.27
N ALA H 66 33.31 -64.52 5.51
CA ALA H 66 33.53 -65.61 6.41
C ALA H 66 32.94 -66.84 5.79
N LEU H 67 31.79 -66.71 5.10
CA LEU H 67 31.14 -67.87 4.57
C LEU H 67 32.06 -68.53 3.58
N LEU H 68 32.71 -67.74 2.71
CA LEU H 68 33.62 -68.29 1.73
C LEU H 68 34.77 -68.92 2.45
N LEU H 69 35.34 -68.20 3.44
CA LEU H 69 36.53 -68.60 4.17
C LEU H 69 36.32 -69.80 5.03
N SER H 70 35.13 -69.90 5.65
CA SER H 70 34.79 -70.92 6.60
C SER H 70 34.96 -72.22 5.91
N VAL H 71 34.73 -72.23 4.60
CA VAL H 71 34.85 -73.46 3.90
C VAL H 71 35.79 -73.27 2.77
N ILE H 72 35.96 -74.34 1.99
CA ILE H 72 36.78 -74.30 0.82
C ILE H 72 36.25 -73.14 -0.02
#